data_7BLQ
#
_entry.id   7BLQ
#
loop_
_entity.id
_entity.type
_entity.pdbx_description
1 polymer 'Vacuolar protein sorting-associated protein 35'
2 polymer 'Sorting nexin-3'
3 polymer 'Vacuolar protein sorting-associated protein 26-like protein'
4 polymer 'The C-terminal portion of Kex2 cargo, fitted with Phi-X-(L/M) sorting motif of hDMT1-II cargo.'
5 non-polymer '2-(BUTANOYLOXY)-1-{[(HYDROXY{[2,3,4,6-TETRAHYDROXY-5-(PHOSPHONOOXY)CYCLOHEXYL]OXY}PHOSPHORYL)OXY]METHYL}ETHYL BUTANOATE'
#
loop_
_entity_poly.entity_id
_entity_poly.type
_entity_poly.pdbx_seq_one_letter_code
_entity_poly.pdbx_strand_id
1 'polypeptide(L)'
;RLLEDALIAVRQQTAMMRKFLDTPGKLMDALKCCSTLVSELRTSSLSPKQYYELYMAVFDALRYLSAHLRENHPVNHLAD
LYELVQYAGNIIPRLYLMITVGTAYMSIDGAPVKELMKDMMDMSRGVQHPVRGLFLRYYLSGQARDYLPTGDSDGPEGNL
QDSINFILTNFVEMNKLWVRLQHQGHSRERDLRTQERRELQLLVGSNIVRLSQLVDLPTYRDSILGPLLEQIVQCRDILA
QEYLLEVITQVFPDEYHLHTLDQFLGAVSRLNPHVNVKAIVIGMMNRLSDYAERE
;
C,A
2 'polypeptide(L)'
;PPENFLEIEVRNPQTHGVGRHMYTDYEIVCRTNIPAFKLRQSSVRRRYSDFEYFRDILERESARVTIPPLPGKVFTNRFS
DEVIENRRAGLEKFLKIVVGHPLLQTGSKVLAAFVQ
;
G,L
3 'polypeptide(L)'
;FSTPVDIDIVLADADKRAMVDVKLDKNRREKVPLYMDGESVKGCVTVRPKDGKRLEHTGIKVQFIGTIEMFFDRGNHYEF
LSLVQELAAPGELQHPQTFDFNFKNVEKQYESYNGINVKLRYFVRVTVSRRMADVIREKDIWVYSYRIPPELNSSIKMDV
GIEDCLHIEFEYSKSKYHLKDVIVGRIYFLLVRLKIKHMELSIIRRETTGVAPNQYNESETLVRFEIMDGSPSRGETIPI
RLFLGGFDLTPTFRDVNKKFSTRYYLSLVLIDEDARRYFKQSEIILYRQPPE
;
J,F
4 'polypeptide(L)' QPELYLLNTM V,U
#
loop_
_chem_comp.id
_chem_comp.type
_chem_comp.name
_chem_comp.formula
PIB non-polymer '2-(BUTANOYLOXY)-1-{[(HYDROXY{[2,3,4,6-TETRAHYDROXY-5-(PHOSPHONOOXY)CYCLOHEXYL]OXY}PHOSPHORYL)OXY]METHYL}ETHYL BUTANOATE' 'C17 H32 O16 P2'
#
# COMPACT_ATOMS: atom_id res chain seq x y z
N ARG A 1 47.99 19.15 -49.84
CA ARG A 1 46.69 19.72 -49.53
C ARG A 1 46.21 19.31 -48.14
N LEU A 2 46.11 18.01 -47.98
CA LEU A 2 45.68 17.35 -46.75
C LEU A 2 46.50 17.69 -45.52
N LEU A 3 47.84 17.64 -45.63
CA LEU A 3 48.68 18.06 -44.52
C LEU A 3 48.48 19.51 -44.07
N GLU A 4 48.49 20.48 -44.99
CA GLU A 4 48.27 21.85 -44.52
C GLU A 4 46.84 22.10 -44.02
N ASP A 5 45.83 21.57 -44.71
CA ASP A 5 44.46 21.67 -44.19
C ASP A 5 44.33 21.05 -42.80
N ALA A 6 44.94 19.89 -42.61
CA ALA A 6 45.01 19.27 -41.29
C ALA A 6 45.74 20.15 -40.27
N LEU A 7 46.88 20.72 -40.65
CA LEU A 7 47.58 21.64 -39.76
C LEU A 7 46.77 22.89 -39.41
N ILE A 8 46.00 23.41 -40.36
CA ILE A 8 45.04 24.48 -40.06
C ILE A 8 44.02 24.03 -39.03
N ALA A 9 43.45 22.85 -39.24
CA ALA A 9 42.49 22.30 -38.28
C ALA A 9 43.12 22.06 -36.93
N VAL A 10 44.36 21.55 -36.92
CA VAL A 10 45.14 21.43 -35.68
C VAL A 10 45.32 22.76 -34.98
N ARG A 11 45.69 23.81 -35.71
CA ARG A 11 45.83 25.13 -35.07
C ARG A 11 44.51 25.66 -34.51
N GLN A 12 43.41 25.43 -35.25
CA GLN A 12 42.08 25.76 -34.76
C GLN A 12 41.75 25.02 -33.48
N GLN A 13 42.00 23.72 -33.46
CA GLN A 13 41.74 22.91 -32.28
C GLN A 13 42.66 23.29 -31.13
N THR A 14 43.93 23.61 -31.41
CA THR A 14 44.78 24.09 -30.32
C THR A 14 44.28 25.39 -29.72
N ALA A 15 43.78 26.29 -30.57
CA ALA A 15 43.17 27.51 -30.05
C ALA A 15 41.95 27.24 -29.19
N MET A 16 41.03 26.38 -29.67
CA MET A 16 39.88 26.00 -28.85
C MET A 16 40.22 25.18 -27.61
N MET A 17 41.16 24.24 -27.71
CA MET A 17 41.60 23.53 -26.52
C MET A 17 42.17 24.47 -25.47
N ARG A 18 43.10 25.36 -25.85
CA ARG A 18 43.66 26.29 -24.88
C ARG A 18 42.63 27.27 -24.32
N LYS A 19 41.72 27.79 -25.14
CA LYS A 19 40.64 28.61 -24.58
C LYS A 19 39.83 27.82 -23.55
N PHE A 20 39.60 26.53 -23.79
CA PHE A 20 39.00 25.64 -22.79
C PHE A 20 39.93 25.37 -21.59
N LEU A 21 41.21 25.14 -21.85
CA LEU A 21 42.21 24.92 -20.80
C LEU A 21 42.29 26.10 -19.85
N ASP A 22 42.11 27.31 -20.35
CA ASP A 22 41.99 28.47 -19.48
C ASP A 22 40.85 28.29 -18.48
N THR A 23 39.75 27.71 -18.92
CA THR A 23 38.67 27.55 -17.96
C THR A 23 38.74 26.18 -17.30
N PRO A 24 38.94 26.10 -15.99
CA PRO A 24 38.77 24.81 -15.30
C PRO A 24 37.33 24.32 -15.48
N GLY A 25 37.15 23.02 -15.62
CA GLY A 25 35.84 22.50 -15.96
C GLY A 25 35.52 22.55 -17.44
N LYS A 26 36.41 23.10 -18.26
CA LYS A 26 36.38 22.91 -19.70
C LYS A 26 37.41 21.89 -20.15
N LEU A 27 37.99 21.15 -19.20
CA LEU A 27 39.03 20.18 -19.53
C LEU A 27 38.52 19.10 -20.47
N MET A 28 37.31 18.60 -20.22
CA MET A 28 36.71 17.62 -21.12
C MET A 28 36.45 18.20 -22.52
N ASP A 29 35.98 19.44 -22.60
CA ASP A 29 35.90 20.15 -23.88
C ASP A 29 37.26 20.35 -24.54
N ALA A 30 38.28 20.70 -23.75
CA ALA A 30 39.63 20.75 -24.29
C ALA A 30 40.10 19.41 -24.83
N LEU A 31 39.82 18.33 -24.11
CA LEU A 31 40.12 16.99 -24.63
C LEU A 31 39.33 16.66 -25.89
N LYS A 32 38.07 17.09 -25.98
CA LYS A 32 37.31 16.90 -27.22
C LYS A 32 37.93 17.61 -28.41
N CYS A 33 38.33 18.86 -28.22
CA CYS A 33 39.09 19.54 -29.29
C CYS A 33 40.44 18.88 -29.57
N CYS A 34 41.15 18.41 -28.56
CA CYS A 34 42.39 17.68 -28.79
C CYS A 34 42.19 16.39 -29.57
N SER A 35 41.14 15.63 -29.25
CA SER A 35 40.75 14.47 -30.04
C SER A 35 40.38 14.82 -31.47
N THR A 36 39.61 15.89 -31.66
CA THR A 36 39.31 16.36 -33.00
C THR A 36 40.57 16.73 -33.78
N LEU A 37 41.52 17.38 -33.11
CA LEU A 37 42.82 17.65 -33.72
C LEU A 37 43.57 16.36 -34.09
N VAL A 38 43.64 15.40 -33.18
CA VAL A 38 44.38 14.17 -33.46
C VAL A 38 43.64 13.34 -34.52
N SER A 39 42.35 13.58 -34.70
CA SER A 39 41.59 13.01 -35.81
C SER A 39 42.24 13.33 -37.15
N GLU A 40 42.94 14.47 -37.24
CA GLU A 40 43.70 14.77 -38.44
C GLU A 40 44.72 13.67 -38.74
N LEU A 41 45.20 12.97 -37.70
CA LEU A 41 46.13 11.86 -37.86
C LEU A 41 45.47 10.64 -38.47
N ARG A 42 44.15 10.66 -38.69
CA ARG A 42 43.49 9.53 -39.33
C ARG A 42 43.73 9.47 -40.83
N THR A 43 44.21 10.56 -41.44
CA THR A 43 44.68 10.43 -42.81
C THR A 43 45.94 9.57 -42.84
N SER A 44 46.01 8.69 -43.84
CA SER A 44 47.21 7.92 -44.10
C SER A 44 47.77 8.22 -45.47
N SER A 45 47.21 9.21 -46.16
CA SER A 45 47.67 9.62 -47.48
C SER A 45 48.83 10.60 -47.41
N LEU A 46 49.13 11.11 -46.22
CA LEU A 46 50.29 11.95 -46.03
C LEU A 46 51.55 11.14 -46.22
N SER A 47 52.57 11.78 -46.75
CA SER A 47 53.87 11.14 -46.86
C SER A 47 54.41 10.87 -45.46
N PRO A 48 55.35 9.92 -45.33
CA PRO A 48 56.04 9.77 -44.04
C PRO A 48 56.48 11.10 -43.47
N LYS A 49 57.08 11.96 -44.30
CA LYS A 49 57.43 13.30 -43.84
C LYS A 49 56.20 14.11 -43.47
N GLN A 50 55.15 14.08 -44.31
CA GLN A 50 53.91 14.78 -43.99
C GLN A 50 53.19 14.21 -42.78
N TYR A 51 53.10 12.89 -42.67
CA TYR A 51 52.50 12.30 -41.48
C TYR A 51 53.30 12.64 -40.23
N TYR A 52 54.62 12.59 -40.35
CA TYR A 52 55.50 13.02 -39.26
C TYR A 52 55.26 14.46 -38.84
N GLU A 53 55.17 15.37 -39.81
CA GLU A 53 54.90 16.77 -39.52
C GLU A 53 53.53 16.98 -38.86
N LEU A 54 52.52 16.27 -39.33
CA LEU A 54 51.23 16.30 -38.65
C LEU A 54 51.37 15.78 -37.23
N TYR A 55 52.13 14.69 -37.05
CA TYR A 55 52.41 14.20 -35.72
C TYR A 55 53.08 15.28 -34.89
N MET A 56 54.02 16.01 -35.46
CA MET A 56 54.69 17.08 -34.72
C MET A 56 53.71 18.14 -34.27
N ALA A 57 52.80 18.57 -35.16
CA ALA A 57 51.77 19.52 -34.76
C ALA A 57 50.84 18.99 -33.66
N VAL A 58 50.41 17.74 -33.77
CA VAL A 58 49.58 17.16 -32.73
C VAL A 58 50.38 16.97 -31.44
N PHE A 59 51.65 16.60 -31.58
CA PHE A 59 52.56 16.47 -30.45
C PHE A 59 52.71 17.79 -29.71
N ASP A 60 52.90 18.88 -30.46
CA ASP A 60 52.99 20.21 -29.87
C ASP A 60 51.73 20.60 -29.14
N ALA A 61 50.55 20.28 -29.71
CA ALA A 61 49.31 20.51 -28.98
C ALA A 61 49.23 19.64 -27.72
N LEU A 62 49.65 18.40 -27.85
CA LEU A 62 49.77 17.51 -26.70
C LEU A 62 50.71 18.03 -25.64
N ARG A 63 51.76 18.76 -26.02
CA ARG A 63 52.61 19.37 -25.01
C ARG A 63 51.83 20.36 -24.16
N TYR A 64 50.95 21.14 -24.79
CA TYR A 64 50.03 22.03 -24.09
C TYR A 64 49.06 21.28 -23.20
N LEU A 65 48.49 20.20 -23.72
CA LEU A 65 47.62 19.33 -22.94
C LEU A 65 48.33 18.68 -21.75
N SER A 66 49.53 18.16 -21.98
CA SER A 66 50.26 17.50 -20.90
C SER A 66 50.66 18.46 -19.79
N ALA A 67 51.09 19.67 -20.15
CA ALA A 67 51.29 20.69 -19.12
C ALA A 67 50.00 21.10 -18.41
N HIS A 68 48.91 21.25 -19.15
CA HIS A 68 47.62 21.53 -18.52
C HIS A 68 47.18 20.46 -17.51
N LEU A 69 47.24 19.18 -17.87
CA LEU A 69 46.98 18.11 -16.90
C LEU A 69 47.96 18.11 -15.73
N ARG A 70 49.24 18.31 -16.01
CA ARG A 70 50.24 18.35 -14.95
C ARG A 70 50.10 19.60 -14.11
N GLU A 71 49.23 20.52 -14.51
CA GLU A 71 48.78 21.64 -13.68
C GLU A 71 47.45 21.38 -12.98
N ASN A 72 46.49 20.73 -13.66
CA ASN A 72 45.20 20.41 -13.05
C ASN A 72 45.34 19.52 -11.83
N HIS A 73 46.22 18.53 -11.90
CA HIS A 73 46.39 17.68 -10.73
C HIS A 73 46.99 18.46 -9.56
N PRO A 74 48.01 19.30 -9.80
CA PRO A 74 48.51 20.17 -8.74
C PRO A 74 47.51 21.16 -8.18
N VAL A 75 46.36 21.40 -8.82
CA VAL A 75 45.46 22.39 -8.27
C VAL A 75 44.15 21.81 -7.76
N ASN A 76 43.42 21.01 -8.53
CA ASN A 76 42.45 20.24 -7.76
C ASN A 76 42.63 18.74 -7.95
N HIS A 77 42.09 18.21 -9.06
CA HIS A 77 42.21 16.84 -9.50
C HIS A 77 41.15 16.64 -10.58
N LEU A 78 41.08 15.45 -11.17
CA LEU A 78 39.80 14.86 -11.53
C LEU A 78 39.89 13.38 -11.23
N ALA A 79 39.00 12.89 -10.37
CA ALA A 79 39.04 11.50 -9.93
C ALA A 79 38.84 10.55 -11.10
N ASP A 80 39.60 9.45 -11.10
CA ASP A 80 39.46 8.38 -12.09
C ASP A 80 39.68 8.90 -13.51
N LEU A 81 40.41 10.01 -13.62
CA LEU A 81 40.60 10.67 -14.90
C LEU A 81 41.30 9.79 -15.93
N TYR A 82 42.25 8.97 -15.49
CA TYR A 82 42.88 8.01 -16.40
C TYR A 82 41.86 7.06 -17.01
N GLU A 83 40.92 6.55 -16.21
CA GLU A 83 39.84 5.74 -16.76
C GLU A 83 38.88 6.58 -17.61
N LEU A 84 38.48 7.75 -17.10
CA LEU A 84 37.49 8.59 -17.79
C LEU A 84 37.94 8.99 -19.18
N VAL A 85 39.24 9.27 -19.35
CA VAL A 85 39.80 9.61 -20.65
C VAL A 85 39.82 8.43 -21.62
N GLN A 86 39.52 7.21 -21.15
CA GLN A 86 39.48 6.07 -22.06
C GLN A 86 38.14 5.92 -22.74
N TYR A 87 37.22 6.85 -22.49
CA TYR A 87 35.93 6.87 -23.17
C TYR A 87 35.99 7.58 -24.52
N ALA A 88 37.10 8.23 -24.84
CA ALA A 88 37.25 8.96 -26.09
C ALA A 88 37.01 8.04 -27.29
N GLY A 89 36.22 8.52 -28.26
CA GLY A 89 35.83 7.68 -29.37
C GLY A 89 36.95 7.34 -30.33
N ASN A 90 37.86 8.27 -30.58
CA ASN A 90 38.96 8.05 -31.52
C ASN A 90 40.14 7.41 -30.81
N ILE A 91 40.63 6.30 -31.38
CA ILE A 91 41.58 5.47 -30.64
C ILE A 91 42.95 6.14 -30.52
N ILE A 92 43.46 6.72 -31.61
CA ILE A 92 44.75 7.41 -31.53
C ILE A 92 44.71 8.62 -30.61
N PRO A 93 43.72 9.53 -30.71
CA PRO A 93 43.55 10.52 -29.64
C PRO A 93 43.42 9.93 -28.26
N ARG A 94 42.66 8.85 -28.11
CA ARG A 94 42.48 8.22 -26.81
C ARG A 94 43.79 7.75 -26.20
N LEU A 95 44.62 7.06 -26.98
CA LEU A 95 45.88 6.54 -26.45
C LEU A 95 46.92 7.63 -26.21
N TYR A 96 46.97 8.64 -27.10
CA TYR A 96 47.83 9.78 -26.84
C TYR A 96 47.39 10.48 -25.55
N LEU A 97 46.08 10.60 -25.35
CA LEU A 97 45.52 11.09 -24.10
C LEU A 97 45.90 10.20 -22.94
N MET A 98 45.88 8.88 -23.14
CA MET A 98 46.29 7.97 -22.07
C MET A 98 47.71 8.24 -21.62
N ILE A 99 48.62 8.44 -22.57
CA ILE A 99 50.00 8.81 -22.21
C ILE A 99 50.05 10.17 -21.50
N THR A 100 49.32 11.16 -22.01
CA THR A 100 49.28 12.48 -21.38
C THR A 100 48.76 12.46 -19.96
N VAL A 101 47.64 11.78 -19.72
CA VAL A 101 47.11 11.65 -18.37
C VAL A 101 48.01 10.81 -17.49
N GLY A 102 48.53 9.71 -18.04
CA GLY A 102 49.52 8.93 -17.33
C GLY A 102 50.67 9.74 -16.77
N THR A 103 51.32 10.53 -17.62
CA THR A 103 52.40 11.39 -17.18
C THR A 103 51.95 12.44 -16.18
N ALA A 104 50.74 12.98 -16.35
CA ALA A 104 50.20 13.84 -15.32
C ALA A 104 50.07 13.11 -13.98
N TYR A 105 49.58 11.87 -14.01
CA TYR A 105 49.53 11.06 -12.79
C TYR A 105 50.92 10.80 -12.19
N MET A 106 51.92 10.47 -13.03
CA MET A 106 53.28 10.31 -12.51
C MET A 106 53.80 11.58 -11.86
N SER A 107 53.48 12.73 -12.45
CA SER A 107 53.90 13.99 -11.85
C SER A 107 53.17 14.28 -10.54
N ILE A 108 51.85 14.08 -10.50
CA ILE A 108 51.11 14.39 -9.27
C ILE A 108 51.42 13.37 -8.16
N ASP A 109 51.29 12.07 -8.43
CA ASP A 109 51.50 11.07 -7.38
C ASP A 109 52.60 10.09 -7.80
N GLY A 110 53.73 10.14 -7.08
CA GLY A 110 54.84 9.28 -7.38
C GLY A 110 54.64 7.84 -6.96
N ALA A 111 53.85 7.60 -5.90
CA ALA A 111 53.66 6.24 -5.43
C ALA A 111 53.03 5.30 -6.46
N PRO A 112 52.05 5.70 -7.28
CA PRO A 112 51.54 4.79 -8.31
C PRO A 112 52.37 4.71 -9.58
N VAL A 113 53.48 5.44 -9.66
CA VAL A 113 54.26 5.54 -10.90
C VAL A 113 54.62 4.15 -11.40
N LYS A 114 55.14 3.30 -10.52
CA LYS A 114 55.49 1.93 -10.90
C LYS A 114 54.25 1.17 -11.39
N GLU A 115 53.17 1.27 -10.63
CA GLU A 115 51.92 0.60 -10.96
C GLU A 115 51.33 1.17 -12.25
N LEU A 116 51.37 2.50 -12.38
CA LEU A 116 50.89 3.15 -13.58
C LEU A 116 51.71 2.74 -14.79
N MET A 117 53.03 2.65 -14.67
CA MET A 117 53.81 2.12 -15.79
C MET A 117 53.42 0.70 -16.16
N LYS A 118 53.19 -0.18 -15.18
CA LYS A 118 52.75 -1.50 -15.63
C LYS A 118 51.43 -1.44 -16.38
N ASP A 119 50.45 -0.69 -15.89
CA ASP A 119 49.21 -0.52 -16.66
C ASP A 119 49.43 0.08 -18.05
N MET A 120 50.15 1.21 -18.12
CA MET A 120 50.40 1.93 -19.37
C MET A 120 51.22 1.10 -20.36
N MET A 121 52.22 0.38 -19.87
CA MET A 121 53.01 -0.53 -20.67
C MET A 121 52.17 -1.68 -21.20
N ASP A 122 51.28 -2.22 -20.37
CA ASP A 122 50.43 -3.29 -20.84
C ASP A 122 49.50 -2.79 -21.94
N MET A 123 48.91 -1.61 -21.76
CA MET A 123 47.96 -1.11 -22.75
C MET A 123 48.62 -0.68 -24.05
N SER A 124 49.94 -0.40 -24.04
CA SER A 124 50.66 -0.19 -25.28
C SER A 124 50.72 -1.42 -26.18
N ARG A 125 50.23 -2.56 -25.72
CA ARG A 125 50.05 -3.73 -26.57
C ARG A 125 49.00 -3.55 -27.64
N GLY A 126 48.17 -2.50 -27.56
CA GLY A 126 47.26 -2.27 -28.66
C GLY A 126 47.90 -1.92 -29.98
N VAL A 127 48.40 -0.70 -30.16
CA VAL A 127 48.61 -0.15 -31.49
C VAL A 127 49.78 -0.88 -32.13
N GLN A 128 49.46 -1.78 -33.05
CA GLN A 128 50.49 -2.52 -33.77
C GLN A 128 50.69 -2.01 -35.19
N HIS A 129 49.91 -1.02 -35.63
CA HIS A 129 50.23 -0.37 -36.89
C HIS A 129 51.58 0.31 -36.73
N PRO A 130 52.56 -0.03 -37.56
CA PRO A 130 53.93 0.44 -37.28
C PRO A 130 54.06 1.95 -37.21
N VAL A 131 53.54 2.69 -38.19
CA VAL A 131 53.73 4.14 -38.16
C VAL A 131 52.97 4.76 -36.98
N ARG A 132 51.69 4.45 -36.85
CA ARG A 132 50.89 5.03 -35.76
C ARG A 132 51.34 4.53 -34.40
N GLY A 133 51.66 3.24 -34.27
CA GLY A 133 52.14 2.72 -33.00
C GLY A 133 53.51 3.23 -32.62
N LEU A 134 54.40 3.39 -33.59
CA LEU A 134 55.69 4.01 -33.35
C LEU A 134 55.56 5.45 -32.90
N PHE A 135 54.74 6.25 -33.60
CA PHE A 135 54.56 7.64 -33.17
C PHE A 135 53.92 7.74 -31.78
N LEU A 136 52.94 6.88 -31.50
CA LEU A 136 52.35 6.81 -30.17
C LEU A 136 53.36 6.43 -29.10
N ARG A 137 54.18 5.42 -29.38
CA ARG A 137 55.21 4.97 -28.44
C ARG A 137 56.35 5.97 -28.30
N TYR A 138 56.64 6.75 -29.35
CA TYR A 138 57.51 7.90 -29.20
C TYR A 138 56.93 8.93 -28.25
N TYR A 139 55.63 9.20 -28.38
CA TYR A 139 54.98 10.10 -27.43
C TYR A 139 55.09 9.55 -26.01
N LEU A 140 54.85 8.25 -25.86
CA LEU A 140 55.05 7.55 -24.60
C LEU A 140 56.46 7.70 -24.04
N SER A 141 57.47 7.46 -24.88
CA SER A 141 58.85 7.60 -24.46
C SER A 141 59.18 9.02 -24.03
N GLY A 142 58.64 10.03 -24.71
CA GLY A 142 58.93 11.38 -24.28
C GLY A 142 58.19 11.77 -23.02
N GLN A 143 56.92 11.37 -22.92
CA GLN A 143 56.15 11.58 -21.69
C GLN A 143 56.67 10.77 -20.52
N ALA A 144 56.95 9.49 -20.73
CA ALA A 144 57.38 8.59 -19.65
C ALA A 144 58.89 8.58 -19.48
N ARG A 145 59.58 9.52 -20.13
CA ARG A 145 61.05 9.53 -20.13
C ARG A 145 61.62 9.58 -18.73
N ASP A 146 61.07 10.42 -17.87
CA ASP A 146 61.74 10.86 -16.66
C ASP A 146 61.27 10.18 -15.39
N TYR A 147 60.42 9.16 -15.47
CA TYR A 147 59.75 8.63 -14.28
C TYR A 147 60.14 7.19 -13.94
N LEU A 148 61.31 6.71 -14.41
CA LEU A 148 61.40 5.25 -14.35
C LEU A 148 61.89 4.75 -12.99
N PRO A 149 61.24 3.72 -12.46
CA PRO A 149 61.67 3.12 -11.20
C PRO A 149 62.90 2.23 -11.38
N THR A 150 63.95 2.55 -10.65
CA THR A 150 65.22 1.86 -10.72
C THR A 150 66.15 2.27 -9.58
N GLY A 151 67.42 1.90 -9.66
CA GLY A 151 68.38 2.49 -8.76
C GLY A 151 68.60 3.97 -9.03
N ASP A 152 68.34 4.41 -10.26
CA ASP A 152 68.28 5.81 -10.64
C ASP A 152 66.86 6.35 -10.56
N SER A 153 65.99 5.73 -9.76
CA SER A 153 64.57 6.09 -9.74
C SER A 153 64.36 7.48 -9.19
N ASP A 154 63.11 7.94 -9.26
CA ASP A 154 62.71 9.27 -8.86
C ASP A 154 62.08 9.30 -7.47
N GLY A 155 62.04 8.15 -6.78
CA GLY A 155 61.29 8.02 -5.55
C GLY A 155 59.96 7.28 -5.60
N PRO A 156 59.49 6.84 -6.78
CA PRO A 156 58.49 5.77 -6.78
C PRO A 156 59.07 4.43 -6.37
N GLU A 157 58.21 3.57 -5.84
CA GLU A 157 58.54 2.16 -5.68
C GLU A 157 59.17 1.62 -6.95
N GLY A 158 60.17 0.77 -6.80
CA GLY A 158 60.78 0.18 -7.97
C GLY A 158 62.29 0.08 -7.89
N ASN A 159 62.83 -0.98 -8.47
CA ASN A 159 64.25 -1.24 -8.47
C ASN A 159 64.78 -1.24 -9.90
N LEU A 160 66.07 -1.55 -10.03
CA LEU A 160 66.74 -1.52 -11.33
C LEU A 160 66.04 -2.39 -12.34
N GLN A 161 65.44 -3.48 -11.86
CA GLN A 161 64.65 -4.39 -12.68
C GLN A 161 63.41 -3.74 -13.30
N ASP A 162 62.67 -2.92 -12.56
CA ASP A 162 61.50 -2.30 -13.18
C ASP A 162 61.86 -1.40 -14.36
N SER A 163 62.91 -0.58 -14.25
CA SER A 163 63.37 0.20 -15.40
C SER A 163 63.93 -0.66 -16.51
N ILE A 164 64.71 -1.69 -16.17
CA ILE A 164 65.19 -2.63 -17.16
C ILE A 164 64.05 -3.31 -17.92
N ASN A 165 63.04 -3.78 -17.20
CA ASN A 165 61.86 -4.33 -17.86
C ASN A 165 61.14 -3.30 -18.72
N PHE A 166 60.92 -2.10 -18.20
CA PHE A 166 60.25 -1.07 -19.00
C PHE A 166 60.99 -0.78 -20.29
N ILE A 167 62.31 -0.57 -20.21
CA ILE A 167 63.06 -0.23 -21.40
C ILE A 167 63.26 -1.42 -22.33
N LEU A 168 63.55 -2.62 -21.82
CA LEU A 168 63.66 -3.76 -22.70
C LEU A 168 62.34 -4.11 -23.39
N THR A 169 61.24 -4.15 -22.64
CA THR A 169 59.92 -4.36 -23.23
C THR A 169 59.54 -3.29 -24.24
N ASN A 170 59.83 -2.03 -23.90
CA ASN A 170 59.62 -0.94 -24.83
C ASN A 170 60.49 -1.06 -26.08
N PHE A 171 61.75 -1.44 -25.89
CA PHE A 171 62.64 -1.73 -27.02
C PHE A 171 62.12 -2.84 -27.91
N VAL A 172 61.74 -3.97 -27.32
CA VAL A 172 61.28 -5.10 -28.12
C VAL A 172 60.00 -4.78 -28.88
N GLU A 173 59.03 -4.15 -28.23
CA GLU A 173 57.81 -3.78 -28.96
C GLU A 173 58.04 -2.75 -30.06
N MET A 174 58.79 -1.68 -29.78
CA MET A 174 59.12 -0.73 -30.85
C MET A 174 59.99 -1.33 -31.94
N ASN A 175 60.98 -2.15 -31.59
CA ASN A 175 61.76 -2.81 -32.61
C ASN A 175 60.92 -3.73 -33.47
N LYS A 176 59.99 -4.47 -32.85
CA LYS A 176 59.06 -5.28 -33.64
C LYS A 176 58.25 -4.41 -34.59
N LEU A 177 57.73 -3.28 -34.11
CA LEU A 177 57.06 -2.33 -34.99
C LEU A 177 57.99 -1.71 -36.03
N TRP A 178 59.21 -1.36 -35.64
CA TRP A 178 60.16 -0.75 -36.56
C TRP A 178 60.53 -1.70 -37.69
N VAL A 179 60.75 -2.98 -37.38
CA VAL A 179 60.93 -3.96 -38.43
C VAL A 179 59.64 -4.12 -39.24
N ARG A 180 58.50 -4.13 -38.55
CA ARG A 180 57.22 -4.23 -39.24
C ARG A 180 57.03 -3.06 -40.21
N LEU A 181 57.67 -1.92 -39.95
CA LEU A 181 57.68 -0.87 -40.96
C LEU A 181 58.18 -1.42 -42.27
N GLN A 182 59.13 -2.36 -42.21
CA GLN A 182 59.67 -2.96 -43.41
C GLN A 182 58.55 -3.62 -44.19
N HIS A 183 57.54 -4.08 -43.46
CA HIS A 183 56.45 -4.91 -43.99
C HIS A 183 55.15 -4.15 -44.15
N GLN A 184 54.78 -3.31 -43.20
CA GLN A 184 53.50 -2.64 -43.20
C GLN A 184 53.33 -1.84 -44.49
N GLY A 185 52.09 -1.52 -44.80
CA GLY A 185 51.85 -0.88 -46.08
C GLY A 185 51.94 -1.88 -47.21
N HIS A 186 52.15 -1.36 -48.41
CA HIS A 186 52.04 -2.18 -49.59
C HIS A 186 53.42 -2.52 -50.18
N SER A 187 53.48 -3.65 -50.90
CA SER A 187 54.76 -4.29 -51.18
C SER A 187 55.66 -3.52 -52.15
N ARG A 188 55.12 -2.60 -52.95
CA ARG A 188 55.96 -1.90 -53.92
C ARG A 188 56.63 -0.68 -53.31
N GLU A 189 56.37 -0.40 -52.04
CA GLU A 189 56.92 0.72 -51.29
C GLU A 189 58.05 0.31 -50.36
N ARG A 190 58.82 -0.71 -50.74
CA ARG A 190 59.89 -1.22 -49.89
C ARG A 190 60.95 -0.16 -49.58
N ASP A 191 61.39 0.59 -50.59
CA ASP A 191 62.31 1.69 -50.36
C ASP A 191 61.71 2.81 -49.52
N LEU A 192 60.43 3.14 -49.72
CA LEU A 192 59.75 4.09 -48.85
C LEU A 192 59.70 3.59 -47.41
N ARG A 193 59.40 2.31 -47.24
CA ARG A 193 59.42 1.64 -45.95
C ARG A 193 60.78 1.66 -45.27
N THR A 194 61.84 1.41 -46.03
CA THR A 194 63.19 1.52 -45.49
C THR A 194 63.51 2.94 -45.08
N GLN A 195 63.01 3.91 -45.85
CA GLN A 195 63.05 5.30 -45.45
C GLN A 195 62.30 5.55 -44.15
N GLU A 196 61.11 4.99 -44.03
CA GLU A 196 60.38 5.11 -42.78
C GLU A 196 61.12 4.50 -41.61
N ARG A 197 61.71 3.32 -41.80
CA ARG A 197 62.53 2.73 -40.74
C ARG A 197 63.73 3.60 -40.36
N ARG A 198 64.44 4.15 -41.34
CA ARG A 198 65.55 5.04 -40.99
C ARG A 198 65.03 6.27 -40.26
N GLU A 199 63.87 6.79 -40.66
CA GLU A 199 63.28 7.90 -39.92
C GLU A 199 62.95 7.52 -38.50
N LEU A 200 62.42 6.33 -38.25
CA LEU A 200 61.98 6.02 -36.91
C LEU A 200 63.06 5.35 -36.06
N GLN A 201 64.27 5.20 -36.59
CA GLN A 201 65.31 4.54 -35.80
C GLN A 201 65.62 5.28 -34.51
N LEU A 202 65.56 6.61 -34.52
CA LEU A 202 65.79 7.38 -33.30
C LEU A 202 64.80 7.00 -32.21
N LEU A 203 63.57 6.68 -32.60
CA LEU A 203 62.58 6.23 -31.62
C LEU A 203 63.04 4.98 -30.90
N VAL A 204 63.63 4.03 -31.64
CA VAL A 204 64.17 2.84 -31.02
C VAL A 204 65.41 3.16 -30.19
N GLY A 205 66.32 3.99 -30.72
CA GLY A 205 67.56 4.23 -30.01
C GLY A 205 67.42 5.11 -28.78
N SER A 206 66.32 5.85 -28.67
CA SER A 206 66.08 6.59 -27.45
C SER A 206 65.94 5.66 -26.26
N ASN A 207 65.42 4.46 -26.48
CA ASN A 207 65.38 3.45 -25.45
C ASN A 207 66.76 3.03 -24.99
N ILE A 208 67.69 2.82 -25.91
CA ILE A 208 69.07 2.51 -25.56
C ILE A 208 69.75 3.66 -24.81
N VAL A 209 69.56 4.90 -25.27
CA VAL A 209 70.07 6.02 -24.49
C VAL A 209 69.46 6.05 -23.09
N ARG A 210 68.14 5.82 -22.99
CA ARG A 210 67.49 5.76 -21.68
C ARG A 210 68.03 4.64 -20.82
N LEU A 211 68.33 3.49 -21.41
CA LEU A 211 68.99 2.41 -20.71
C LEU A 211 70.39 2.80 -20.22
N SER A 212 71.12 3.59 -21.00
CA SER A 212 72.45 3.97 -20.53
C SER A 212 72.39 5.01 -19.42
N GLN A 213 71.34 5.84 -19.40
CA GLN A 213 71.05 6.62 -18.20
C GLN A 213 70.20 5.78 -17.27
N LEU A 214 70.64 4.53 -17.08
CA LEU A 214 70.03 3.52 -16.23
C LEU A 214 71.14 2.57 -15.79
N VAL A 215 70.73 1.34 -15.47
CA VAL A 215 71.47 0.36 -14.68
C VAL A 215 72.91 0.15 -15.15
N ASP A 216 73.75 -0.32 -14.24
CA ASP A 216 75.20 -0.30 -14.33
C ASP A 216 75.75 -1.57 -14.97
N LEU A 217 77.07 -1.74 -14.79
CA LEU A 217 77.81 -2.80 -15.47
C LEU A 217 77.40 -4.24 -15.17
N PRO A 218 77.15 -4.67 -13.93
CA PRO A 218 76.68 -6.05 -13.77
C PRO A 218 75.29 -6.23 -14.34
N THR A 219 74.44 -5.23 -14.12
CA THR A 219 73.13 -5.21 -14.73
C THR A 219 73.21 -5.09 -16.25
N TYR A 220 74.19 -4.35 -16.76
CA TYR A 220 74.44 -4.37 -18.20
C TYR A 220 74.75 -5.76 -18.73
N ARG A 221 75.68 -6.44 -18.08
CA ARG A 221 76.07 -7.79 -18.50
C ARG A 221 74.93 -8.77 -18.43
N ASP A 222 74.23 -8.83 -17.30
CA ASP A 222 73.20 -9.84 -17.16
C ASP A 222 71.93 -9.49 -17.91
N SER A 223 71.48 -8.24 -17.87
CA SER A 223 70.11 -7.92 -18.15
C SER A 223 69.97 -6.83 -19.19
N ILE A 224 71.02 -6.50 -19.94
CA ILE A 224 70.91 -5.56 -21.05
C ILE A 224 71.39 -6.20 -22.34
N LEU A 225 72.67 -6.60 -22.38
CA LEU A 225 73.23 -7.13 -23.62
C LEU A 225 72.62 -8.48 -23.98
N GLY A 226 72.42 -9.35 -23.00
CA GLY A 226 71.67 -10.58 -23.20
C GLY A 226 70.41 -10.40 -24.00
N PRO A 227 69.47 -9.60 -23.50
CA PRO A 227 68.29 -9.28 -24.32
C PRO A 227 68.69 -8.68 -25.66
N LEU A 228 69.62 -7.73 -25.64
CA LEU A 228 70.02 -7.09 -26.87
C LEU A 228 70.67 -8.06 -27.85
N LEU A 229 71.56 -8.93 -27.37
CA LEU A 229 72.12 -9.95 -28.24
C LEU A 229 71.09 -10.94 -28.75
N GLU A 230 70.14 -11.33 -27.90
CA GLU A 230 69.06 -12.21 -28.36
C GLU A 230 68.30 -11.60 -29.54
N GLN A 231 67.94 -10.32 -29.43
CA GLN A 231 67.32 -9.64 -30.56
C GLN A 231 68.26 -9.51 -31.76
N ILE A 232 69.51 -9.15 -31.54
CA ILE A 232 70.45 -8.97 -32.64
C ILE A 232 70.65 -10.27 -33.42
N VAL A 233 70.85 -11.37 -32.71
CA VAL A 233 71.08 -12.65 -33.37
C VAL A 233 69.81 -13.22 -33.95
N GLN A 234 68.65 -12.88 -33.40
CA GLN A 234 67.42 -13.48 -33.88
C GLN A 234 66.66 -12.65 -34.91
N CYS A 235 66.99 -11.38 -35.11
CA CYS A 235 66.29 -10.64 -36.14
C CYS A 235 66.61 -11.14 -37.56
N ARG A 236 67.88 -11.41 -37.86
CA ARG A 236 68.32 -11.65 -39.24
C ARG A 236 67.85 -10.55 -40.19
N ASP A 237 67.78 -9.32 -39.70
CA ASP A 237 67.49 -8.14 -40.51
C ASP A 237 68.80 -7.38 -40.61
N ILE A 238 68.91 -6.46 -41.57
CA ILE A 238 70.21 -5.87 -41.79
C ILE A 238 70.26 -4.45 -41.21
N LEU A 239 69.24 -3.66 -41.52
CA LEU A 239 69.14 -2.27 -41.05
C LEU A 239 69.06 -2.17 -39.54
N ALA A 240 68.25 -3.03 -38.93
CA ALA A 240 68.22 -3.14 -37.49
C ALA A 240 69.55 -3.60 -36.93
N GLN A 241 70.19 -4.61 -37.52
CA GLN A 241 71.46 -5.03 -36.92
C GLN A 241 72.50 -3.91 -36.93
N GLU A 242 72.73 -3.23 -38.07
CA GLU A 242 73.74 -2.17 -38.02
C GLU A 242 73.37 -1.05 -37.07
N TYR A 243 72.14 -0.54 -37.17
CA TYR A 243 71.73 0.52 -36.26
C TYR A 243 71.77 0.10 -34.80
N LEU A 244 71.14 -1.01 -34.46
CA LEU A 244 71.05 -1.38 -33.07
C LEU A 244 72.40 -1.68 -32.45
N LEU A 245 73.28 -2.37 -33.19
CA LEU A 245 74.61 -2.61 -32.66
C LEU A 245 75.48 -1.36 -32.53
N GLU A 246 75.47 -0.47 -33.54
CA GLU A 246 76.18 0.78 -33.34
C GLU A 246 75.62 1.63 -32.21
N VAL A 247 74.31 1.70 -32.06
CA VAL A 247 73.72 2.39 -30.92
C VAL A 247 74.14 1.77 -29.59
N ILE A 248 74.14 0.45 -29.50
CA ILE A 248 74.66 -0.20 -28.30
C ILE A 248 76.09 0.17 -28.02
N THR A 249 76.96 0.08 -29.03
CA THR A 249 78.36 0.40 -28.82
C THR A 249 78.56 1.85 -28.38
N GLN A 250 77.96 2.79 -29.10
CA GLN A 250 78.12 4.21 -28.76
C GLN A 250 77.47 4.54 -27.42
N VAL A 251 76.24 4.08 -27.20
CA VAL A 251 75.47 4.58 -26.06
C VAL A 251 75.97 3.95 -24.78
N PHE A 252 76.16 2.67 -24.77
CA PHE A 252 76.72 2.19 -23.53
C PHE A 252 78.23 2.27 -23.58
N PRO A 253 78.87 2.49 -22.44
CA PRO A 253 80.32 2.65 -22.45
C PRO A 253 81.04 1.35 -22.74
N ASP A 254 82.27 1.49 -23.21
CA ASP A 254 83.13 0.37 -23.51
C ASP A 254 83.64 -0.31 -22.25
N GLU A 255 83.78 0.40 -21.12
CA GLU A 255 83.93 -0.33 -19.86
C GLU A 255 82.85 -1.38 -19.72
N TYR A 256 81.63 -1.05 -20.13
CA TYR A 256 80.55 -2.02 -20.11
C TYR A 256 80.74 -3.09 -21.17
N HIS A 257 81.13 -2.69 -22.37
CA HIS A 257 81.40 -3.64 -23.44
C HIS A 257 82.51 -4.61 -23.04
N LEU A 258 83.56 -4.11 -22.37
CA LEU A 258 84.66 -4.94 -21.93
C LEU A 258 84.20 -6.04 -21.00
N HIS A 259 83.17 -5.78 -20.21
CA HIS A 259 82.58 -6.78 -19.36
C HIS A 259 81.65 -7.70 -20.13
N THR A 260 81.39 -7.37 -21.40
CA THR A 260 80.49 -8.13 -22.25
C THR A 260 81.16 -8.55 -23.55
N LEU A 261 82.50 -8.45 -23.60
CA LEU A 261 83.26 -8.77 -24.81
C LEU A 261 82.94 -10.16 -25.32
N ASP A 262 82.97 -11.16 -24.44
CA ASP A 262 82.67 -12.54 -24.83
C ASP A 262 81.23 -12.69 -25.31
N GLN A 263 80.30 -11.97 -24.69
CA GLN A 263 78.93 -11.94 -25.20
C GLN A 263 78.89 -11.32 -26.59
N PHE A 264 79.66 -10.26 -26.79
CA PHE A 264 79.76 -9.63 -28.10
C PHE A 264 80.34 -10.60 -29.13
N LEU A 265 81.44 -11.25 -28.80
CA LEU A 265 82.09 -12.19 -29.71
C LEU A 265 81.24 -13.43 -29.99
N GLY A 266 80.46 -13.89 -29.02
CA GLY A 266 79.50 -14.93 -29.34
C GLY A 266 78.38 -14.45 -30.23
N ALA A 267 78.10 -13.15 -30.24
CA ALA A 267 77.24 -12.61 -31.30
C ALA A 267 77.99 -12.54 -32.63
N VAL A 268 79.25 -12.13 -32.58
CA VAL A 268 80.14 -12.03 -33.75
C VAL A 268 80.28 -13.35 -34.49
N SER A 269 80.20 -14.47 -33.79
CA SER A 269 80.29 -15.75 -34.50
C SER A 269 79.08 -16.19 -35.32
N ARG A 270 77.87 -15.63 -35.17
CA ARG A 270 76.76 -16.24 -35.91
C ARG A 270 76.42 -15.50 -37.20
N LEU A 271 77.19 -14.47 -37.55
CA LEU A 271 76.85 -13.54 -38.62
C LEU A 271 76.53 -14.26 -39.92
N ASN A 272 75.29 -14.04 -40.38
CA ASN A 272 74.77 -14.74 -41.53
C ASN A 272 75.32 -14.14 -42.82
N PRO A 273 76.00 -14.93 -43.66
CA PRO A 273 76.74 -14.35 -44.79
C PRO A 273 75.89 -13.60 -45.81
N HIS A 274 74.62 -13.96 -45.97
CA HIS A 274 73.75 -13.25 -46.91
C HIS A 274 73.04 -12.07 -46.27
N VAL A 275 72.95 -12.05 -44.94
CA VAL A 275 72.70 -10.81 -44.24
C VAL A 275 73.92 -9.93 -44.46
N ASN A 276 73.72 -8.62 -44.65
CA ASN A 276 74.83 -7.75 -45.00
C ASN A 276 75.71 -7.60 -43.77
N VAL A 277 76.21 -8.76 -43.33
CA VAL A 277 77.14 -8.85 -42.20
C VAL A 277 78.46 -8.17 -42.53
N LYS A 278 78.89 -8.21 -43.79
CA LYS A 278 80.13 -7.51 -44.13
C LYS A 278 80.13 -6.03 -43.75
N ALA A 279 79.07 -5.28 -44.05
CA ALA A 279 79.05 -3.88 -43.64
C ALA A 279 79.05 -3.70 -42.12
N ILE A 280 78.24 -4.47 -41.41
CA ILE A 280 78.20 -4.43 -39.95
C ILE A 280 79.55 -4.77 -39.34
N VAL A 281 80.17 -5.83 -39.81
CA VAL A 281 81.46 -6.27 -39.33
C VAL A 281 82.55 -5.28 -39.66
N ILE A 282 82.59 -4.75 -40.89
CA ILE A 282 83.62 -3.76 -41.15
C ILE A 282 83.44 -2.55 -40.25
N GLY A 283 82.22 -2.04 -40.10
CA GLY A 283 82.08 -0.91 -39.19
C GLY A 283 82.39 -1.17 -37.73
N MET A 284 82.03 -2.35 -37.22
CA MET A 284 82.42 -2.73 -35.86
C MET A 284 83.91 -2.97 -35.72
N MET A 285 84.48 -3.75 -36.63
CA MET A 285 85.91 -4.03 -36.60
C MET A 285 86.73 -2.76 -36.78
N ASN A 286 86.31 -1.88 -37.69
CA ASN A 286 86.96 -0.58 -37.83
C ASN A 286 86.87 0.19 -36.53
N ARG A 287 85.71 0.15 -35.86
CA ARG A 287 85.61 0.83 -34.57
C ARG A 287 86.56 0.23 -33.56
N LEU A 288 86.66 -1.09 -33.50
CA LEU A 288 87.65 -1.71 -32.63
C LEU A 288 89.09 -1.37 -33.01
N SER A 289 89.36 -1.26 -34.32
CA SER A 289 90.67 -0.79 -34.76
C SER A 289 90.95 0.62 -34.27
N ASP A 290 89.96 1.50 -34.42
CA ASP A 290 90.04 2.87 -33.91
C ASP A 290 90.15 2.89 -32.41
N TYR A 291 89.48 1.94 -31.77
CA TYR A 291 89.57 1.77 -30.34
C TYR A 291 91.02 1.47 -29.97
N ALA A 292 91.63 0.60 -30.76
CA ALA A 292 93.03 0.21 -30.61
C ALA A 292 93.99 1.38 -30.86
N GLU A 293 93.71 2.20 -31.88
CA GLU A 293 94.58 3.31 -32.25
C GLU A 293 94.39 4.57 -31.42
N ARG A 294 93.39 4.62 -30.55
CA ARG A 294 93.44 5.58 -29.46
C ARG A 294 94.41 4.98 -28.47
N GLU A 295 95.69 5.15 -28.77
CA GLU A 295 96.58 4.03 -28.61
C GLU A 295 97.18 4.03 -27.21
N ARG B 1 -61.91 -14.97 37.39
CA ARG B 1 -61.77 -15.41 36.01
C ARG B 1 -60.41 -15.02 35.44
N LEU B 2 -60.13 -13.72 35.49
CA LEU B 2 -58.82 -13.16 35.16
C LEU B 2 -57.74 -13.94 35.91
N LEU B 3 -57.97 -14.13 37.21
CA LEU B 3 -57.11 -14.97 38.03
C LEU B 3 -57.05 -16.39 37.50
N GLU B 4 -58.20 -16.98 37.19
CA GLU B 4 -58.21 -18.34 36.68
C GLU B 4 -57.56 -18.46 35.30
N ASP B 5 -57.83 -17.53 34.39
CA ASP B 5 -57.11 -17.55 33.11
C ASP B 5 -55.60 -17.48 33.28
N ALA B 6 -55.13 -16.57 34.15
CA ALA B 6 -53.72 -16.50 34.49
C ALA B 6 -53.18 -17.78 35.14
N LEU B 7 -53.92 -18.34 36.09
CA LEU B 7 -53.52 -19.60 36.71
C LEU B 7 -53.49 -20.76 35.72
N ILE B 8 -54.40 -20.81 34.76
CA ILE B 8 -54.31 -21.77 33.67
C ILE B 8 -53.02 -21.59 32.90
N ALA B 9 -52.70 -20.35 32.55
CA ALA B 9 -51.46 -20.08 31.84
C ALA B 9 -50.24 -20.46 32.68
N VAL B 10 -50.26 -20.18 33.98
CA VAL B 10 -49.22 -20.62 34.89
C VAL B 10 -49.05 -22.15 34.89
N ARG B 11 -50.13 -22.91 35.01
CA ARG B 11 -49.99 -24.38 34.95
C ARG B 11 -49.48 -24.87 33.62
N GLN B 12 -49.91 -24.26 32.52
CA GLN B 12 -49.35 -24.59 31.21
C GLN B 12 -47.85 -24.33 31.16
N GLN B 13 -47.44 -23.14 31.62
CA GLN B 13 -46.03 -22.80 31.63
C GLN B 13 -45.23 -23.66 32.59
N THR B 14 -45.79 -24.00 33.74
CA THR B 14 -45.11 -24.91 34.63
C THR B 14 -44.96 -26.29 34.04
N ALA B 15 -45.97 -26.77 33.30
CA ALA B 15 -45.80 -28.05 32.64
C ALA B 15 -44.69 -28.09 31.60
N MET B 16 -44.65 -27.13 30.66
CA MET B 16 -43.48 -27.13 29.76
C MET B 16 -42.17 -26.80 30.46
N MET B 17 -42.17 -25.88 31.43
CA MET B 17 -40.93 -25.66 32.19
C MET B 17 -40.42 -26.93 32.84
N ARG B 18 -41.26 -27.68 33.55
CA ARG B 18 -40.75 -28.91 34.13
C ARG B 18 -40.27 -29.91 33.10
N LYS B 19 -41.01 -30.08 31.99
CA LYS B 19 -40.45 -30.92 30.92
C LYS B 19 -39.10 -30.42 30.40
N PHE B 20 -38.91 -29.11 30.30
CA PHE B 20 -37.61 -28.52 29.96
C PHE B 20 -36.55 -28.73 31.04
N LEU B 21 -36.91 -28.51 32.31
CA LEU B 21 -35.98 -28.76 33.41
C LEU B 21 -35.52 -30.21 33.43
N ASP B 22 -36.41 -31.13 33.08
CA ASP B 22 -36.01 -32.51 32.89
C ASP B 22 -34.91 -32.65 31.84
N THR B 23 -35.04 -31.92 30.73
CA THR B 23 -34.06 -32.14 29.67
C THR B 23 -32.91 -31.14 29.78
N PRO B 24 -31.66 -31.61 29.94
CA PRO B 24 -30.53 -30.69 29.87
C PRO B 24 -30.50 -29.95 28.54
N GLY B 25 -30.11 -28.68 28.56
CA GLY B 25 -30.14 -27.86 27.37
C GLY B 25 -31.49 -27.28 27.03
N LYS B 26 -32.54 -27.68 27.77
CA LYS B 26 -33.84 -27.04 27.70
C LYS B 26 -34.03 -26.06 28.85
N LEU B 27 -32.98 -25.82 29.64
CA LEU B 27 -33.08 -24.90 30.75
C LEU B 27 -33.43 -23.49 30.27
N MET B 28 -32.81 -23.07 29.17
CA MET B 28 -33.13 -21.77 28.58
C MET B 28 -34.58 -21.70 28.10
N ASP B 29 -35.07 -22.78 27.50
CA ASP B 29 -36.49 -22.92 27.20
C ASP B 29 -37.37 -22.90 28.46
N ALA B 30 -36.94 -23.57 29.52
CA ALA B 30 -37.66 -23.44 30.78
C ALA B 30 -37.71 -22.01 31.29
N LEU B 31 -36.59 -21.28 31.22
CA LEU B 31 -36.59 -19.87 31.59
C LEU B 31 -37.45 -18.98 30.68
N LYS B 32 -37.49 -19.25 29.38
CA LYS B 32 -38.38 -18.49 28.50
C LYS B 32 -39.85 -18.71 28.83
N CYS B 33 -40.23 -19.96 29.07
CA CYS B 33 -41.56 -20.27 29.57
C CYS B 33 -41.83 -19.67 30.95
N CYS B 34 -40.82 -19.67 31.82
CA CYS B 34 -40.95 -19.02 33.11
C CYS B 34 -41.19 -17.52 32.99
N SER B 35 -40.49 -16.85 32.08
CA SER B 35 -40.77 -15.45 31.78
C SER B 35 -42.18 -15.24 31.25
N THR B 36 -42.63 -16.09 30.34
CA THR B 36 -44.02 -16.01 29.89
C THR B 36 -45.03 -16.20 31.02
N LEU B 37 -44.77 -17.15 31.92
CA LEU B 37 -45.59 -17.30 33.13
C LEU B 37 -45.56 -16.07 34.04
N VAL B 38 -44.37 -15.54 34.31
CA VAL B 38 -44.26 -14.40 35.22
C VAL B 38 -44.85 -13.14 34.61
N SER B 39 -44.96 -13.08 33.28
CA SER B 39 -45.71 -12.01 32.65
C SER B 39 -47.12 -11.90 33.20
N GLU B 40 -47.72 -13.04 33.61
CA GLU B 40 -49.02 -12.97 34.26
C GLU B 40 -48.98 -12.12 35.53
N LEU B 41 -47.86 -12.10 36.24
CA LEU B 41 -47.78 -11.24 37.42
C LEU B 41 -47.63 -9.77 37.08
N ARG B 42 -47.45 -9.44 35.82
CA ARG B 42 -47.36 -8.04 35.42
C ARG B 42 -48.71 -7.36 35.33
N THR B 43 -49.80 -8.14 35.38
CA THR B 43 -51.13 -7.55 35.42
C THR B 43 -51.33 -6.77 36.72
N SER B 44 -52.18 -5.76 36.65
CA SER B 44 -52.64 -5.03 37.83
C SER B 44 -54.15 -5.14 38.01
N SER B 45 -54.81 -6.03 37.28
CA SER B 45 -56.26 -6.13 37.27
C SER B 45 -56.80 -7.16 38.27
N LEU B 46 -55.93 -7.90 38.95
CA LEU B 46 -56.38 -8.93 39.88
C LEU B 46 -56.77 -8.31 41.21
N SER B 47 -57.77 -8.93 41.85
CA SER B 47 -58.11 -8.55 43.21
C SER B 47 -56.95 -8.93 44.13
N PRO B 48 -56.84 -8.27 45.28
CA PRO B 48 -55.70 -8.55 46.17
C PRO B 48 -55.50 -10.03 46.47
N LYS B 49 -56.58 -10.72 46.81
CA LYS B 49 -56.54 -12.17 47.02
C LYS B 49 -56.16 -12.92 45.75
N GLN B 50 -56.73 -12.54 44.61
CA GLN B 50 -56.37 -13.17 43.36
C GLN B 50 -54.92 -12.94 42.98
N TYR B 51 -54.42 -11.72 43.13
CA TYR B 51 -53.01 -11.51 42.86
C TYR B 51 -52.11 -12.28 43.81
N TYR B 52 -52.48 -12.34 45.09
CA TYR B 52 -51.74 -13.18 46.04
C TYR B 52 -51.70 -14.64 45.61
N GLU B 53 -52.85 -15.18 45.22
CA GLU B 53 -52.91 -16.55 44.76
C GLU B 53 -52.10 -16.79 43.49
N LEU B 54 -52.16 -15.88 42.54
CA LEU B 54 -51.29 -16.00 41.37
C LEU B 54 -49.82 -15.92 41.75
N TYR B 55 -49.45 -14.98 42.62
CA TYR B 55 -48.07 -14.94 43.09
C TYR B 55 -47.64 -16.22 43.78
N MET B 56 -48.47 -16.77 44.66
CA MET B 56 -48.08 -18.01 45.32
C MET B 56 -47.90 -19.17 44.34
N ALA B 57 -48.83 -19.34 43.39
CA ALA B 57 -48.64 -20.39 42.39
C ALA B 57 -47.38 -20.20 41.55
N VAL B 58 -47.13 -18.97 41.11
CA VAL B 58 -45.91 -18.72 40.35
C VAL B 58 -44.68 -18.83 41.24
N PHE B 59 -44.78 -18.40 42.50
CA PHE B 59 -43.69 -18.53 43.45
C PHE B 59 -43.27 -19.98 43.69
N ASP B 60 -44.24 -20.88 43.93
CA ASP B 60 -43.87 -22.29 44.08
C ASP B 60 -43.21 -22.83 42.81
N ALA B 61 -43.73 -22.47 41.63
CA ALA B 61 -43.02 -22.89 40.42
C ALA B 61 -41.62 -22.27 40.32
N LEU B 62 -41.49 -21.01 40.67
CA LEU B 62 -40.19 -20.37 40.75
C LEU B 62 -39.27 -21.06 41.74
N ARG B 63 -39.82 -21.58 42.83
CA ARG B 63 -39.03 -22.37 43.76
C ARG B 63 -38.47 -23.64 43.12
N TYR B 64 -39.27 -24.29 42.27
CA TYR B 64 -38.77 -25.44 41.50
C TYR B 64 -37.64 -25.06 40.57
N LEU B 65 -37.81 -23.94 39.85
CA LEU B 65 -36.74 -23.42 39.00
C LEU B 65 -35.51 -23.03 39.81
N SER B 66 -35.72 -22.32 40.91
CA SER B 66 -34.65 -21.84 41.75
C SER B 66 -33.87 -22.96 42.40
N ALA B 67 -34.55 -24.01 42.87
CA ALA B 67 -33.84 -25.20 43.32
C ALA B 67 -33.08 -25.89 42.21
N HIS B 68 -33.66 -25.97 41.01
CA HIS B 68 -32.92 -26.50 39.87
C HIS B 68 -31.62 -25.74 39.58
N LEU B 69 -31.69 -24.40 39.51
CA LEU B 69 -30.48 -23.59 39.38
C LEU B 69 -29.52 -23.70 40.57
N ARG B 70 -30.04 -23.67 41.79
CA ARG B 70 -29.22 -23.79 42.99
C ARG B 70 -28.65 -25.19 43.16
N GLU B 71 -29.08 -26.12 42.33
CA GLU B 71 -28.40 -27.42 42.24
C GLU B 71 -27.44 -27.47 41.06
N ASN B 72 -27.79 -26.90 39.92
CA ASN B 72 -26.91 -26.87 38.76
C ASN B 72 -25.59 -26.15 39.05
N HIS B 73 -25.63 -25.02 39.75
CA HIS B 73 -24.36 -24.36 40.04
C HIS B 73 -23.48 -25.19 40.99
N PRO B 74 -24.04 -25.76 42.06
CA PRO B 74 -23.24 -26.66 42.92
C PRO B 74 -22.71 -27.91 42.25
N VAL B 75 -23.15 -28.27 41.05
CA VAL B 75 -22.64 -29.51 40.47
C VAL B 75 -21.80 -29.28 39.22
N ASN B 76 -22.21 -28.43 38.29
CA ASN B 76 -21.17 -28.05 37.36
C ASN B 76 -20.94 -26.54 37.35
N HIS B 77 -21.86 -25.82 36.73
CA HIS B 77 -21.91 -24.35 36.68
C HIS B 77 -22.99 -24.01 35.66
N LEU B 78 -23.31 -22.73 35.51
CA LEU B 78 -23.74 -22.22 34.22
C LEU B 78 -23.07 -20.86 34.03
N ALA B 79 -22.20 -20.76 33.03
CA ALA B 79 -21.40 -19.56 32.84
C ALA B 79 -22.26 -18.35 32.55
N ASP B 80 -21.88 -17.22 33.18
CA ASP B 80 -22.45 -15.90 32.88
C ASP B 80 -23.96 -15.86 33.10
N LEU B 81 -24.49 -16.80 33.89
CA LEU B 81 -25.93 -16.89 34.11
C LEU B 81 -26.48 -15.64 34.78
N TYR B 82 -25.71 -15.05 35.70
CA TYR B 82 -26.13 -13.78 36.29
C TYR B 82 -26.32 -12.72 35.21
N GLU B 83 -25.39 -12.68 34.26
CA GLU B 83 -25.55 -11.81 33.09
C GLU B 83 -26.69 -12.30 32.19
N LEU B 84 -26.73 -13.61 31.94
CA LEU B 84 -27.71 -14.20 31.01
C LEU B 84 -29.16 -13.93 31.41
N VAL B 85 -29.46 -13.95 32.71
CA VAL B 85 -30.82 -13.66 33.15
C VAL B 85 -31.19 -12.19 32.98
N GLN B 86 -30.22 -11.33 32.71
CA GLN B 86 -30.49 -9.91 32.48
C GLN B 86 -30.82 -9.66 31.02
N TYR B 87 -30.89 -10.74 30.24
CA TYR B 87 -31.27 -10.74 28.84
C TYR B 87 -32.78 -10.76 28.63
N ALA B 88 -33.55 -11.10 29.66
CA ALA B 88 -34.99 -11.35 29.52
C ALA B 88 -35.75 -10.11 29.06
N GLY B 89 -36.67 -10.31 28.11
CA GLY B 89 -37.43 -9.19 27.59
C GLY B 89 -38.39 -8.58 28.58
N ASN B 90 -39.07 -9.40 29.37
CA ASN B 90 -40.03 -8.91 30.34
C ASN B 90 -39.32 -8.62 31.66
N ILE B 91 -39.55 -7.41 32.18
CA ILE B 91 -38.73 -6.93 33.29
C ILE B 91 -39.03 -7.68 34.58
N ILE B 92 -40.30 -7.92 34.89
CA ILE B 92 -40.63 -8.67 36.11
C ILE B 92 -40.07 -10.09 36.06
N PRO B 93 -40.27 -10.87 35.00
CA PRO B 93 -39.51 -12.13 34.84
C PRO B 93 -38.01 -11.97 34.92
N ARG B 94 -37.48 -10.93 34.28
CA ARG B 94 -36.04 -10.70 34.26
C ARG B 94 -35.49 -10.52 35.67
N LEU B 95 -36.16 -9.71 36.49
CA LEU B 95 -35.69 -9.41 37.85
C LEU B 95 -35.85 -10.63 38.76
N TYR B 96 -36.94 -11.37 38.59
CA TYR B 96 -37.09 -12.63 39.33
C TYR B 96 -35.97 -13.61 38.97
N LEU B 97 -35.62 -13.70 37.69
CA LEU B 97 -34.47 -14.52 37.27
C LEU B 97 -33.15 -14.03 37.85
N MET B 98 -32.90 -12.71 37.87
CA MET B 98 -31.67 -12.25 38.50
C MET B 98 -31.61 -12.61 39.98
N ILE B 99 -32.71 -12.48 40.70
CA ILE B 99 -32.72 -12.95 42.10
C ILE B 99 -32.45 -14.45 42.21
N THR B 100 -33.08 -15.26 41.36
CA THR B 100 -32.84 -16.69 41.39
C THR B 100 -31.39 -17.06 41.14
N VAL B 101 -30.79 -16.46 40.11
CA VAL B 101 -29.38 -16.69 39.82
C VAL B 101 -28.48 -16.10 40.90
N GLY B 102 -28.76 -14.89 41.35
CA GLY B 102 -28.02 -14.32 42.47
C GLY B 102 -27.90 -15.27 43.65
N THR B 103 -29.03 -15.81 44.11
CA THR B 103 -29.00 -16.79 45.19
C THR B 103 -28.28 -18.09 44.83
N ALA B 104 -28.44 -18.57 43.59
CA ALA B 104 -27.63 -19.71 43.16
C ALA B 104 -26.13 -19.41 43.20
N TYR B 105 -25.74 -18.23 42.72
CA TYR B 105 -24.36 -17.77 42.82
C TYR B 105 -23.90 -17.65 44.26
N MET B 106 -24.76 -17.12 45.14
CA MET B 106 -24.43 -17.04 46.54
C MET B 106 -24.16 -18.41 47.13
N SER B 107 -24.94 -19.41 46.72
CA SER B 107 -24.63 -20.75 47.21
C SER B 107 -23.31 -21.26 46.61
N ILE B 108 -23.13 -21.11 45.30
CA ILE B 108 -21.90 -21.59 44.66
C ILE B 108 -20.72 -20.69 45.00
N ASP B 109 -20.89 -19.37 44.94
CA ASP B 109 -19.78 -18.41 44.96
C ASP B 109 -19.83 -17.61 46.25
N GLY B 110 -18.89 -17.89 47.16
CA GLY B 110 -18.81 -17.12 48.39
C GLY B 110 -18.10 -15.78 48.23
N ALA B 111 -17.11 -15.73 47.34
CA ALA B 111 -16.36 -14.49 47.17
C ALA B 111 -17.18 -13.31 46.65
N PRO B 112 -18.07 -13.44 45.67
CA PRO B 112 -18.83 -12.28 45.19
C PRO B 112 -20.01 -11.85 46.04
N VAL B 113 -20.11 -12.32 47.29
CA VAL B 113 -21.37 -12.19 48.03
C VAL B 113 -21.78 -10.73 48.19
N LYS B 114 -20.87 -9.87 48.65
CA LYS B 114 -21.22 -8.47 48.82
C LYS B 114 -21.58 -7.78 47.51
N GLU B 115 -20.76 -7.96 46.47
CA GLU B 115 -21.09 -7.27 45.23
C GLU B 115 -22.36 -7.78 44.56
N LEU B 116 -22.55 -9.10 44.46
CA LEU B 116 -23.79 -9.59 43.87
C LEU B 116 -25.04 -9.25 44.68
N MET B 117 -25.00 -9.42 46.00
CA MET B 117 -26.14 -9.01 46.81
C MET B 117 -26.42 -7.51 46.72
N LYS B 118 -25.39 -6.69 46.80
CA LYS B 118 -25.57 -5.25 46.67
C LYS B 118 -26.14 -4.90 45.31
N ASP B 119 -25.61 -5.52 44.26
CA ASP B 119 -26.15 -5.34 42.91
C ASP B 119 -27.61 -5.73 42.81
N MET B 120 -27.99 -6.93 43.29
CA MET B 120 -29.39 -7.34 43.16
C MET B 120 -30.33 -6.42 43.92
N MET B 121 -29.94 -6.00 45.13
CA MET B 121 -30.75 -5.03 45.86
C MET B 121 -30.82 -3.68 45.18
N ASP B 122 -29.71 -3.16 44.68
CA ASP B 122 -29.78 -1.87 44.00
C ASP B 122 -30.61 -1.95 42.73
N MET B 123 -30.38 -2.98 41.90
CA MET B 123 -31.11 -2.99 40.66
C MET B 123 -32.58 -3.33 40.84
N SER B 124 -32.94 -4.01 41.95
CA SER B 124 -34.35 -4.17 42.26
C SER B 124 -35.03 -2.85 42.62
N ARG B 125 -34.27 -1.76 42.77
CA ARG B 125 -34.84 -0.43 42.92
C ARG B 125 -35.55 0.06 41.67
N GLY B 126 -35.35 -0.60 40.53
CA GLY B 126 -36.08 -0.30 39.30
C GLY B 126 -37.57 -0.55 39.33
N VAL B 127 -38.06 -1.40 40.22
CA VAL B 127 -39.48 -1.76 40.22
C VAL B 127 -40.30 -0.52 40.54
N GLN B 128 -41.15 -0.13 39.60
CA GLN B 128 -41.98 1.05 39.72
C GLN B 128 -43.40 0.71 40.15
N HIS B 129 -43.67 -0.53 40.53
CA HIS B 129 -45.00 -0.89 41.03
C HIS B 129 -44.89 -1.40 42.47
N PRO B 130 -45.62 -0.81 43.41
CA PRO B 130 -45.45 -1.21 44.82
C PRO B 130 -45.73 -2.68 45.10
N VAL B 131 -46.86 -3.19 44.61
CA VAL B 131 -47.28 -4.56 44.88
C VAL B 131 -46.35 -5.56 44.23
N ARG B 132 -46.05 -5.38 42.94
CA ARG B 132 -45.19 -6.31 42.24
C ARG B 132 -43.78 -6.29 42.81
N GLY B 133 -43.28 -5.12 43.18
CA GLY B 133 -41.96 -5.05 43.79
C GLY B 133 -41.90 -5.68 45.17
N LEU B 134 -42.98 -5.53 45.95
CA LEU B 134 -43.08 -6.22 47.24
C LEU B 134 -43.08 -7.74 47.10
N PHE B 135 -43.88 -8.24 46.17
CA PHE B 135 -43.91 -9.68 45.91
C PHE B 135 -42.57 -10.16 45.38
N LEU B 136 -41.93 -9.34 44.55
CA LEU B 136 -40.57 -9.59 44.09
C LEU B 136 -39.62 -9.69 45.27
N ARG B 137 -39.78 -8.80 46.25
CA ARG B 137 -38.92 -8.85 47.42
C ARG B 137 -39.19 -10.07 48.27
N TYR B 138 -40.42 -10.60 48.30
CA TYR B 138 -40.55 -11.97 48.82
C TYR B 138 -39.84 -13.01 48.02
N TYR B 139 -39.88 -12.94 46.72
CA TYR B 139 -39.08 -13.92 46.01
C TYR B 139 -37.62 -13.79 46.41
N LEU B 140 -37.13 -12.56 46.50
CA LEU B 140 -35.79 -12.29 47.02
C LEU B 140 -35.57 -12.85 48.43
N SER B 141 -36.50 -12.57 49.35
CA SER B 141 -36.42 -13.07 50.72
C SER B 141 -36.42 -14.59 50.80
N GLY B 142 -37.19 -15.25 49.96
CA GLY B 142 -37.19 -16.70 50.00
C GLY B 142 -35.90 -17.20 49.40
N GLN B 143 -35.46 -16.54 48.34
CA GLN B 143 -34.17 -16.85 47.74
C GLN B 143 -33.02 -16.50 48.68
N ALA B 144 -32.87 -15.24 49.05
CA ALA B 144 -31.60 -14.77 49.60
C ALA B 144 -31.69 -14.10 50.97
N ARG B 145 -32.87 -14.04 51.59
CA ARG B 145 -32.94 -13.41 52.91
C ARG B 145 -32.08 -14.16 53.91
N ASP B 146 -31.74 -15.39 53.59
CA ASP B 146 -31.01 -16.26 54.48
C ASP B 146 -29.52 -16.28 54.19
N TYR B 147 -29.08 -15.54 53.18
CA TYR B 147 -27.71 -15.60 52.69
C TYR B 147 -26.93 -14.31 52.90
N LEU B 148 -27.58 -13.22 53.48
CA LEU B 148 -27.13 -11.83 53.50
C LEU B 148 -25.66 -11.70 53.87
N PRO B 149 -24.99 -10.63 53.43
CA PRO B 149 -23.60 -10.43 53.83
C PRO B 149 -23.57 -10.15 55.31
N THR B 150 -23.10 -11.14 56.08
CA THR B 150 -23.37 -11.11 57.51
C THR B 150 -22.21 -11.62 58.34
N GLY B 151 -22.48 -12.02 59.58
CA GLY B 151 -21.48 -12.66 60.39
C GLY B 151 -21.02 -13.98 59.84
N ASP B 152 -21.82 -14.60 58.96
CA ASP B 152 -21.40 -15.81 58.27
C ASP B 152 -20.17 -15.58 57.42
N SER B 153 -19.97 -14.35 56.95
CA SER B 153 -18.69 -13.97 56.38
C SER B 153 -17.63 -13.93 57.47
N ASP B 154 -16.46 -14.49 57.17
CA ASP B 154 -15.39 -14.65 58.14
C ASP B 154 -14.16 -13.81 57.84
N GLY B 155 -14.32 -12.70 57.12
CA GLY B 155 -13.18 -12.01 56.55
C GLY B 155 -13.30 -11.57 55.10
N PRO B 156 -13.99 -12.32 54.23
CA PRO B 156 -14.28 -11.78 52.92
C PRO B 156 -15.53 -10.92 52.93
N GLU B 157 -16.00 -10.58 51.73
CA GLU B 157 -17.16 -9.71 51.54
C GLU B 157 -18.28 -10.02 52.52
N GLY B 158 -18.79 -8.97 53.17
CA GLY B 158 -19.93 -9.09 54.06
C GLY B 158 -19.62 -9.07 55.53
N ASN B 159 -20.51 -8.51 56.34
CA ASN B 159 -20.45 -8.57 57.79
C ASN B 159 -21.86 -8.34 58.34
N LEU B 160 -22.02 -8.57 59.65
CA LEU B 160 -23.33 -8.36 60.25
C LEU B 160 -23.85 -6.95 59.99
N GLN B 161 -22.95 -5.98 59.91
CA GLN B 161 -23.31 -4.62 59.54
C GLN B 161 -23.86 -4.53 58.12
N ASP B 162 -23.24 -5.23 57.17
CA ASP B 162 -23.76 -5.23 55.80
C ASP B 162 -25.17 -5.79 55.74
N SER B 163 -25.46 -6.87 56.46
CA SER B 163 -26.81 -7.37 56.54
C SER B 163 -27.76 -6.39 57.20
N ILE B 164 -27.31 -5.73 58.27
CA ILE B 164 -28.10 -4.68 58.91
C ILE B 164 -28.39 -3.55 57.93
N ASN B 165 -27.39 -3.10 57.18
CA ASN B 165 -27.59 -2.11 56.13
C ASN B 165 -28.55 -2.59 55.05
N PHE B 166 -28.36 -3.82 54.58
CA PHE B 166 -29.23 -4.39 53.56
C PHE B 166 -30.68 -4.39 54.02
N ILE B 167 -30.93 -4.84 55.24
CA ILE B 167 -32.28 -4.92 55.76
C ILE B 167 -32.85 -3.54 56.08
N LEU B 168 -32.04 -2.63 56.64
CA LEU B 168 -32.55 -1.28 56.88
C LEU B 168 -32.91 -0.58 55.57
N THR B 169 -32.04 -0.68 54.57
CA THR B 169 -32.35 -0.16 53.25
C THR B 169 -33.58 -0.81 52.65
N ASN B 170 -33.73 -2.12 52.87
CA ASN B 170 -34.93 -2.80 52.45
C ASN B 170 -36.14 -2.29 53.21
N PHE B 171 -36.00 -2.04 54.50
CA PHE B 171 -37.08 -1.42 55.25
C PHE B 171 -37.48 -0.06 54.69
N VAL B 172 -36.51 0.80 54.42
CA VAL B 172 -36.86 2.13 53.92
C VAL B 172 -37.55 2.05 52.58
N GLU B 173 -37.05 1.21 51.67
CA GLU B 173 -37.74 1.04 50.38
C GLU B 173 -39.11 0.40 50.54
N MET B 174 -39.23 -0.63 51.36
CA MET B 174 -40.55 -1.21 51.60
C MET B 174 -41.48 -0.22 52.28
N ASN B 175 -41.01 0.55 53.23
CA ASN B 175 -41.84 1.58 53.85
C ASN B 175 -42.28 2.67 52.86
N LYS B 176 -41.38 3.14 51.99
CA LYS B 176 -41.81 4.08 50.95
C LYS B 176 -42.88 3.46 50.06
N LEU B 177 -42.67 2.21 49.66
CA LEU B 177 -43.68 1.46 48.92
C LEU B 177 -44.96 1.28 49.73
N TRP B 178 -44.82 0.99 51.01
CA TRP B 178 -45.98 0.79 51.89
C TRP B 178 -46.84 2.04 52.00
N VAL B 179 -46.22 3.20 52.15
CA VAL B 179 -47.00 4.43 52.08
C VAL B 179 -47.55 4.63 50.68
N ARG B 180 -46.73 4.35 49.67
CA ARG B 180 -47.17 4.46 48.29
C ARG B 180 -48.34 3.56 47.95
N LEU B 181 -48.48 2.43 48.66
CA LEU B 181 -49.69 1.64 48.50
C LEU B 181 -50.89 2.49 48.83
N GLN B 182 -50.74 3.37 49.82
CA GLN B 182 -51.83 4.24 50.24
C GLN B 182 -52.28 5.12 49.10
N HIS B 183 -51.34 5.47 48.22
CA HIS B 183 -51.53 6.44 47.18
C HIS B 183 -51.67 5.84 45.78
N GLN B 184 -51.63 4.53 45.63
CA GLN B 184 -51.89 3.97 44.32
C GLN B 184 -53.37 3.69 44.16
N GLY B 185 -53.84 3.81 42.93
CA GLY B 185 -55.27 3.69 42.67
C GLY B 185 -56.01 4.96 43.04
N HIS B 186 -57.33 4.84 43.13
CA HIS B 186 -58.17 6.00 43.39
C HIS B 186 -58.32 6.26 44.88
N SER B 187 -58.58 7.52 45.22
CA SER B 187 -58.62 7.95 46.60
C SER B 187 -59.82 7.43 47.38
N ARG B 188 -60.88 7.00 46.68
CA ARG B 188 -62.09 6.54 47.36
C ARG B 188 -62.01 5.08 47.75
N GLU B 189 -60.93 4.39 47.38
CA GLU B 189 -60.70 3.00 47.72
C GLU B 189 -59.69 2.91 48.86
N ARG B 190 -59.69 3.94 49.71
CA ARG B 190 -58.76 4.06 50.82
C ARG B 190 -58.86 2.92 51.82
N ASP B 191 -60.09 2.56 52.20
CA ASP B 191 -60.28 1.41 53.08
C ASP B 191 -59.86 0.10 52.43
N LEU B 192 -60.13 -0.08 51.13
CA LEU B 192 -59.62 -1.25 50.42
C LEU B 192 -58.08 -1.28 50.39
N ARG B 193 -57.46 -0.14 50.13
CA ARG B 193 -56.02 -0.02 50.17
C ARG B 193 -55.43 -0.34 51.54
N THR B 194 -56.06 0.16 52.60
CA THR B 194 -55.64 -0.17 53.95
C THR B 194 -55.82 -1.64 54.26
N GLN B 195 -56.88 -2.25 53.76
CA GLN B 195 -57.05 -3.70 53.83
C GLN B 195 -55.92 -4.43 53.11
N GLU B 196 -55.58 -3.99 51.91
CA GLU B 196 -54.47 -4.58 51.18
C GLU B 196 -53.17 -4.42 51.94
N ARG B 197 -52.94 -3.24 52.50
CA ARG B 197 -51.78 -3.01 53.35
C ARG B 197 -51.79 -3.92 54.57
N ARG B 198 -52.95 -4.11 55.20
CA ARG B 198 -53.02 -5.04 56.34
C ARG B 198 -52.65 -6.44 55.88
N GLU B 199 -53.09 -6.79 54.68
CA GLU B 199 -52.71 -8.06 54.07
C GLU B 199 -51.20 -8.14 53.88
N LEU B 200 -50.55 -7.05 53.47
CA LEU B 200 -49.13 -7.10 53.14
C LEU B 200 -48.22 -6.78 54.33
N GLN B 201 -48.78 -6.59 55.54
CA GLN B 201 -47.93 -6.24 56.68
C GLN B 201 -46.88 -7.30 56.99
N LEU B 202 -47.20 -8.57 56.77
CA LEU B 202 -46.23 -9.63 56.97
C LEU B 202 -45.02 -9.41 56.10
N LEU B 203 -45.22 -8.83 54.92
CA LEU B 203 -44.11 -8.54 54.04
C LEU B 203 -43.09 -7.62 54.70
N VAL B 204 -43.55 -6.59 55.40
CA VAL B 204 -42.64 -5.75 56.13
C VAL B 204 -42.06 -6.48 57.34
N GLY B 205 -42.89 -7.21 58.08
CA GLY B 205 -42.41 -7.83 59.32
C GLY B 205 -41.49 -9.02 59.17
N SER B 206 -41.44 -9.65 57.99
CA SER B 206 -40.47 -10.72 57.79
C SER B 206 -39.04 -10.20 57.91
N ASN B 207 -38.81 -8.96 57.50
CA ASN B 207 -37.52 -8.30 57.69
C ASN B 207 -37.16 -8.14 59.16
N ILE B 208 -38.14 -7.76 59.99
CA ILE B 208 -37.92 -7.70 61.43
C ILE B 208 -37.59 -9.06 62.00
N VAL B 209 -38.29 -10.09 61.53
CA VAL B 209 -37.94 -11.45 61.94
C VAL B 209 -36.51 -11.78 61.56
N ARG B 210 -36.09 -11.43 60.35
CA ARG B 210 -34.72 -11.66 59.92
C ARG B 210 -33.70 -10.90 60.74
N LEU B 211 -34.05 -9.66 61.10
CA LEU B 211 -33.24 -8.86 62.02
C LEU B 211 -33.10 -9.47 63.41
N SER B 212 -34.14 -10.12 63.92
CA SER B 212 -33.98 -10.69 65.26
C SER B 212 -33.11 -11.93 65.30
N GLN B 213 -32.64 -12.44 64.17
CA GLN B 213 -31.62 -13.48 64.22
C GLN B 213 -30.23 -12.86 64.14
N LEU B 214 -30.04 -11.69 64.73
CA LEU B 214 -28.86 -10.89 64.41
C LEU B 214 -28.38 -10.15 65.67
N VAL B 215 -27.60 -9.10 65.45
CA VAL B 215 -26.67 -8.48 66.40
C VAL B 215 -27.28 -8.06 67.72
N ASP B 216 -26.42 -7.83 68.70
CA ASP B 216 -26.76 -7.63 70.11
C ASP B 216 -27.20 -6.21 70.44
N LEU B 217 -27.29 -5.98 71.75
CA LEU B 217 -27.85 -4.74 72.28
C LEU B 217 -27.13 -3.44 71.93
N PRO B 218 -25.80 -3.31 71.98
CA PRO B 218 -25.21 -2.04 71.53
C PRO B 218 -25.41 -1.82 70.05
N THR B 219 -25.24 -2.89 69.28
CA THR B 219 -25.55 -2.86 67.86
C THR B 219 -27.03 -2.62 67.60
N TYR B 220 -27.90 -3.16 68.46
CA TYR B 220 -29.31 -2.82 68.40
C TYR B 220 -29.55 -1.33 68.58
N ARG B 221 -28.95 -0.75 69.62
CA ARG B 221 -29.10 0.67 69.92
C ARG B 221 -28.59 1.56 68.80
N ASP B 222 -27.38 1.33 68.34
CA ASP B 222 -26.82 2.24 67.35
C ASP B 222 -27.42 2.01 65.97
N SER B 223 -27.62 0.76 65.55
CA SER B 223 -27.74 0.49 64.13
C SER B 223 -28.98 -0.31 63.78
N ILE B 224 -29.90 -0.53 64.71
CA ILE B 224 -31.22 -1.08 64.38
C ILE B 224 -32.33 -0.17 64.87
N LEU B 225 -32.48 -0.05 66.19
CA LEU B 225 -33.62 0.67 66.73
C LEU B 225 -33.54 2.16 66.47
N GLY B 226 -32.37 2.75 66.65
CA GLY B 226 -32.14 4.12 66.26
C GLY B 226 -32.68 4.42 64.88
N PRO B 227 -32.15 3.71 63.87
CA PRO B 227 -32.69 3.84 62.50
C PRO B 227 -34.17 3.58 62.43
N LEU B 228 -34.58 2.50 63.09
CA LEU B 228 -35.97 2.11 63.07
C LEU B 228 -36.84 3.19 63.69
N LEU B 229 -36.44 3.75 64.82
CA LEU B 229 -37.24 4.84 65.38
C LEU B 229 -37.34 6.10 64.50
N GLU B 230 -36.25 6.55 63.86
CA GLU B 230 -36.48 7.71 62.97
C GLU B 230 -37.50 7.40 61.89
N GLN B 231 -37.36 6.24 61.25
CA GLN B 231 -38.36 5.83 60.26
C GLN B 231 -39.76 5.65 60.83
N ILE B 232 -39.87 5.01 61.98
CA ILE B 232 -41.19 4.77 62.56
C ILE B 232 -41.90 6.08 62.84
N VAL B 233 -41.20 7.05 63.42
CA VAL B 233 -41.86 8.31 63.72
C VAL B 233 -42.08 9.18 62.49
N GLN B 234 -41.27 9.05 61.45
CA GLN B 234 -41.43 9.93 60.29
C GLN B 234 -42.27 9.34 59.17
N CYS B 235 -42.58 8.04 59.22
CA CYS B 235 -43.45 7.47 58.18
C CYS B 235 -44.86 8.01 58.27
N ARG B 236 -45.32 8.38 59.47
CA ARG B 236 -46.56 9.15 59.64
C ARG B 236 -47.80 8.42 59.14
N ASP B 237 -47.83 7.10 59.25
CA ASP B 237 -48.99 6.29 58.86
C ASP B 237 -49.42 5.51 60.09
N ILE B 238 -50.54 4.78 60.00
CA ILE B 238 -51.11 4.20 61.21
C ILE B 238 -50.93 2.68 61.24
N LEU B 239 -51.25 2.04 60.13
CA LEU B 239 -51.14 0.59 60.02
C LEU B 239 -49.70 0.11 60.18
N ALA B 240 -48.77 0.78 59.50
CA ALA B 240 -47.35 0.51 59.70
C ALA B 240 -46.86 0.83 61.10
N GLN B 241 -47.22 1.97 61.68
CA GLN B 241 -46.70 2.22 63.02
C GLN B 241 -47.17 1.17 64.03
N GLU B 242 -48.48 0.87 64.07
CA GLU B 242 -48.94 -0.15 65.02
C GLU B 242 -48.35 -1.53 64.77
N TYR B 243 -48.43 -2.00 63.51
CA TYR B 243 -47.86 -3.29 63.19
C TYR B 243 -46.37 -3.35 63.44
N LEU B 244 -45.62 -2.41 62.89
CA LEU B 244 -44.18 -2.47 62.97
C LEU B 244 -43.66 -2.33 64.39
N LEU B 245 -44.26 -1.45 65.19
CA LEU B 245 -43.83 -1.37 66.57
C LEU B 245 -44.15 -2.61 67.39
N GLU B 246 -45.35 -3.17 67.26
CA GLU B 246 -45.57 -4.44 67.94
C GLU B 246 -44.67 -5.57 67.43
N VAL B 247 -44.48 -5.69 66.12
CA VAL B 247 -43.57 -6.70 65.60
C VAL B 247 -42.14 -6.50 66.09
N ILE B 248 -41.66 -5.27 66.10
CA ILE B 248 -40.35 -5.01 66.69
C ILE B 248 -40.30 -5.44 68.15
N THR B 249 -41.30 -5.04 68.94
CA THR B 249 -41.25 -5.40 70.36
C THR B 249 -41.25 -6.91 70.59
N GLN B 250 -42.17 -7.66 69.98
CA GLN B 250 -42.14 -9.11 70.21
C GLN B 250 -40.88 -9.73 69.62
N VAL B 251 -40.55 -9.36 68.39
CA VAL B 251 -39.55 -10.09 67.64
C VAL B 251 -38.17 -9.74 68.15
N PHE B 252 -37.94 -8.49 68.46
CA PHE B 252 -36.65 -8.24 69.09
C PHE B 252 -36.74 -8.49 70.58
N PRO B 253 -35.63 -8.83 71.23
CA PRO B 253 -35.67 -9.13 72.65
C PRO B 253 -35.93 -7.90 73.50
N ASP B 254 -36.74 -8.12 74.54
CA ASP B 254 -37.09 -7.09 75.49
C ASP B 254 -35.93 -6.73 76.42
N GLU B 255 -35.00 -7.63 76.69
CA GLU B 255 -33.74 -7.17 77.29
C GLU B 255 -33.18 -6.01 76.50
N TYR B 256 -33.27 -6.08 75.17
CA TYR B 256 -32.82 -4.98 74.33
C TYR B 256 -33.75 -3.79 74.47
N HIS B 257 -35.05 -4.07 74.47
CA HIS B 257 -36.05 -3.03 74.63
C HIS B 257 -35.88 -2.29 75.94
N LEU B 258 -35.56 -3.00 77.03
CA LEU B 258 -35.37 -2.37 78.33
C LEU B 258 -34.26 -1.34 78.28
N HIS B 259 -33.18 -1.67 77.59
CA HIS B 259 -32.08 -0.75 77.44
C HIS B 259 -32.46 0.42 76.54
N THR B 260 -33.63 0.35 75.92
CA THR B 260 -34.08 1.32 74.93
C THR B 260 -35.47 1.85 75.21
N LEU B 261 -36.03 1.58 76.39
CA LEU B 261 -37.39 1.98 76.75
C LEU B 261 -37.64 3.46 76.50
N ASP B 262 -36.72 4.29 76.98
CA ASP B 262 -36.81 5.73 76.82
C ASP B 262 -36.77 6.13 75.34
N GLN B 263 -36.00 5.40 74.53
CA GLN B 263 -36.04 5.62 73.09
C GLN B 263 -37.43 5.32 72.55
N PHE B 264 -38.07 4.27 73.03
CA PHE B 264 -39.43 3.98 72.61
C PHE B 264 -40.38 5.10 73.01
N LEU B 265 -40.34 5.54 74.27
CA LEU B 265 -41.27 6.59 74.67
C LEU B 265 -41.01 7.91 73.95
N GLY B 266 -39.76 8.22 73.66
CA GLY B 266 -39.48 9.35 72.82
C GLY B 266 -39.88 9.18 71.37
N ALA B 267 -39.99 7.94 70.89
CA ALA B 267 -40.63 7.74 69.60
C ALA B 267 -42.15 7.92 69.68
N VAL B 268 -42.76 7.40 70.75
CA VAL B 268 -44.20 7.57 70.95
C VAL B 268 -44.56 9.03 70.98
N SER B 269 -43.67 9.87 71.49
CA SER B 269 -43.91 11.29 71.48
C SER B 269 -43.72 11.93 70.11
N ARG B 270 -43.10 11.21 69.16
CA ARG B 270 -42.76 11.76 67.86
C ARG B 270 -43.74 11.36 66.77
N LEU B 271 -45.03 11.30 67.08
CA LEU B 271 -46.02 10.82 66.14
C LEU B 271 -47.03 11.93 65.82
N ASN B 272 -47.73 11.75 64.70
CA ASN B 272 -48.75 12.72 64.33
C ASN B 272 -49.83 12.76 65.41
N PRO B 273 -50.43 13.91 65.67
CA PRO B 273 -51.71 13.90 66.40
C PRO B 273 -52.82 13.24 65.61
N HIS B 274 -52.69 13.17 64.29
CA HIS B 274 -53.75 12.68 63.41
C HIS B 274 -53.61 11.21 63.06
N VAL B 275 -52.45 10.59 63.31
CA VAL B 275 -52.39 9.14 63.23
C VAL B 275 -53.11 8.57 64.45
N ASN B 276 -53.52 7.30 64.36
CA ASN B 276 -54.31 6.69 65.43
C ASN B 276 -53.40 6.44 66.62
N VAL B 277 -52.99 7.54 67.25
CA VAL B 277 -52.10 7.48 68.42
C VAL B 277 -52.77 6.74 69.55
N LYS B 278 -54.08 6.90 69.71
CA LYS B 278 -54.79 6.16 70.73
C LYS B 278 -54.59 4.65 70.62
N ALA B 279 -54.74 4.09 69.42
CA ALA B 279 -54.51 2.65 69.27
C ALA B 279 -53.07 2.23 69.57
N ILE B 280 -52.08 2.95 69.04
CA ILE B 280 -50.68 2.64 69.33
C ILE B 280 -50.35 2.75 70.81
N VAL B 281 -50.78 3.82 71.47
CA VAL B 281 -50.52 3.99 72.89
C VAL B 281 -51.24 2.95 73.71
N ILE B 282 -52.51 2.67 73.40
CA ILE B 282 -53.20 1.64 74.14
C ILE B 282 -52.50 0.30 73.96
N GLY B 283 -52.10 -0.03 72.72
CA GLY B 283 -51.37 -1.26 72.48
C GLY B 283 -50.01 -1.35 73.13
N MET B 284 -49.28 -0.24 73.21
CA MET B 284 -48.02 -0.20 73.94
C MET B 284 -48.25 -0.39 75.43
N MET B 285 -49.21 0.33 75.99
CA MET B 285 -49.51 0.16 77.41
C MET B 285 -49.98 -1.25 77.69
N ASN B 286 -50.81 -1.81 76.82
CA ASN B 286 -51.22 -3.20 76.97
C ASN B 286 -50.02 -4.13 76.93
N ARG B 287 -49.08 -3.87 76.03
CA ARG B 287 -47.88 -4.69 76.02
C ARG B 287 -47.11 -4.57 77.31
N LEU B 288 -46.98 -3.35 77.84
CA LEU B 288 -46.36 -3.18 79.15
C LEU B 288 -47.19 -3.87 80.23
N SER B 289 -48.51 -3.87 80.06
CA SER B 289 -49.36 -4.64 80.94
C SER B 289 -48.98 -6.10 80.87
N ASP B 290 -48.73 -6.62 79.66
CA ASP B 290 -48.25 -7.99 79.55
C ASP B 290 -46.89 -8.11 80.22
N TYR B 291 -46.09 -7.05 80.09
CA TYR B 291 -44.83 -6.92 80.81
C TYR B 291 -45.09 -6.88 82.30
N ALA B 292 -46.36 -6.93 82.68
CA ALA B 292 -46.73 -6.91 84.10
C ALA B 292 -47.45 -8.18 84.56
N GLU B 293 -48.37 -8.72 83.75
CA GLU B 293 -49.20 -9.88 84.09
C GLU B 293 -48.57 -11.25 83.92
N ARG B 294 -47.55 -11.43 83.11
CA ARG B 294 -47.05 -12.79 82.92
C ARG B 294 -46.38 -13.19 84.24
N GLU B 295 -47.09 -13.91 85.07
CA GLU B 295 -46.72 -13.87 86.48
C GLU B 295 -45.43 -14.65 86.72
N PRO C 1 56.13 -14.71 -51.19
CA PRO C 1 54.88 -13.92 -51.42
C PRO C 1 54.04 -14.13 -50.17
N PRO C 2 54.07 -13.27 -49.16
CA PRO C 2 53.20 -13.43 -47.98
C PRO C 2 51.76 -13.09 -48.30
N GLU C 3 51.57 -12.06 -49.13
CA GLU C 3 50.28 -11.57 -49.54
C GLU C 3 49.54 -12.48 -50.50
N ASN C 4 48.19 -12.51 -50.45
CA ASN C 4 47.39 -13.24 -51.41
C ASN C 4 47.01 -12.26 -52.51
N PHE C 5 47.16 -12.66 -53.78
CA PHE C 5 46.89 -11.76 -54.90
C PHE C 5 46.16 -12.49 -56.01
N LEU C 6 45.44 -11.73 -56.85
CA LEU C 6 44.92 -12.23 -58.10
C LEU C 6 44.93 -11.07 -59.08
N GLU C 7 45.47 -11.32 -60.29
CA GLU C 7 45.46 -10.37 -61.39
C GLU C 7 44.73 -11.06 -62.52
N ILE C 8 43.85 -10.34 -63.23
CA ILE C 8 43.14 -10.94 -64.35
C ILE C 8 42.94 -9.90 -65.44
N GLU C 9 42.83 -10.35 -66.70
CA GLU C 9 42.52 -9.46 -67.81
C GLU C 9 41.79 -10.23 -68.90
N VAL C 10 40.94 -9.53 -69.69
CA VAL C 10 40.29 -10.10 -70.85
C VAL C 10 40.79 -9.33 -72.05
N ARG C 11 41.52 -10.01 -72.94
CA ARG C 11 42.18 -9.35 -74.05
C ARG C 11 42.34 -10.27 -75.23
N ASN C 12 43.07 -9.81 -76.29
CA ASN C 12 43.34 -10.59 -77.49
C ASN C 12 42.11 -11.20 -78.18
N PRO C 13 41.12 -10.43 -78.64
CA PRO C 13 39.96 -10.98 -79.32
C PRO C 13 40.33 -11.63 -80.64
N GLN C 14 39.67 -12.73 -81.01
CA GLN C 14 39.94 -13.41 -82.26
C GLN C 14 38.63 -13.88 -82.84
N THR C 15 38.45 -13.77 -84.17
CA THR C 15 37.23 -14.18 -84.86
C THR C 15 37.56 -15.33 -85.77
N HIS C 16 36.80 -16.43 -85.65
CA HIS C 16 37.13 -17.71 -86.27
C HIS C 16 36.07 -18.16 -87.27
N GLY C 17 36.45 -18.90 -88.35
CA GLY C 17 35.43 -19.56 -89.15
C GLY C 17 35.77 -19.92 -90.57
N VAL C 18 34.81 -20.56 -91.24
CA VAL C 18 34.82 -20.79 -92.67
C VAL C 18 33.56 -20.22 -93.32
N GLY C 19 32.51 -19.97 -92.52
CA GLY C 19 31.24 -19.45 -93.01
C GLY C 19 30.22 -19.50 -91.91
N ARG C 20 29.33 -20.52 -91.95
CA ARG C 20 28.42 -20.93 -90.90
C ARG C 20 29.12 -21.22 -89.57
N HIS C 21 28.52 -20.77 -88.44
CA HIS C 21 29.06 -20.86 -87.09
C HIS C 21 30.23 -19.92 -86.82
N MET C 22 30.30 -18.78 -87.50
CA MET C 22 31.28 -17.73 -87.23
C MET C 22 31.15 -17.14 -85.82
N TYR C 23 32.28 -16.97 -85.11
CA TYR C 23 32.23 -16.47 -83.74
C TYR C 23 33.53 -15.81 -83.36
N THR C 24 33.49 -15.06 -82.24
CA THR C 24 34.69 -14.47 -81.67
C THR C 24 34.86 -14.95 -80.25
N ASP C 25 36.13 -15.13 -79.83
CA ASP C 25 36.47 -15.46 -78.47
C ASP C 25 37.55 -14.52 -77.96
N TYR C 26 37.70 -14.48 -76.63
CA TYR C 26 38.55 -13.55 -75.95
C TYR C 26 39.47 -14.38 -75.07
N GLU C 27 40.75 -13.95 -74.88
CA GLU C 27 41.66 -14.62 -73.99
C GLU C 27 41.49 -14.08 -72.59
N ILE C 28 41.42 -14.98 -71.60
CA ILE C 28 41.39 -14.61 -70.21
C ILE C 28 42.73 -15.03 -69.68
N VAL C 29 43.55 -14.06 -69.23
CA VAL C 29 44.85 -14.33 -68.65
C VAL C 29 44.74 -14.00 -67.18
N CYS C 30 45.15 -14.93 -66.30
CA CYS C 30 45.04 -14.75 -64.87
C CYS C 30 46.31 -15.20 -64.20
N ARG C 31 46.75 -14.44 -63.18
CA ARG C 31 47.86 -14.83 -62.33
C ARG C 31 47.41 -14.78 -60.89
N THR C 32 47.72 -15.82 -60.10
CA THR C 32 47.22 -15.86 -58.73
C THR C 32 48.10 -16.72 -57.85
N ASN C 33 47.94 -16.59 -56.52
CA ASN C 33 48.48 -17.53 -55.55
C ASN C 33 47.41 -17.98 -54.56
N ILE C 34 46.12 -17.68 -54.85
CA ILE C 34 44.98 -18.00 -53.99
C ILE C 34 44.81 -19.50 -53.75
N PRO C 35 44.51 -19.98 -52.54
CA PRO C 35 44.49 -21.42 -52.21
C PRO C 35 43.42 -22.23 -52.90
N ALA C 36 42.45 -21.60 -53.58
CA ALA C 36 41.41 -22.31 -54.30
C ALA C 36 41.74 -22.53 -55.77
N PHE C 37 42.87 -21.99 -56.25
CA PHE C 37 43.32 -22.17 -57.62
C PHE C 37 44.43 -23.21 -57.62
N LYS C 38 44.66 -23.92 -58.75
CA LYS C 38 45.59 -25.04 -58.76
C LYS C 38 46.89 -24.76 -59.45
N LEU C 39 47.01 -23.61 -60.12
CA LEU C 39 48.22 -23.21 -60.83
C LEU C 39 48.35 -21.71 -60.77
N ARG C 40 49.60 -21.21 -60.88
CA ARG C 40 49.92 -19.79 -60.80
C ARG C 40 49.41 -18.97 -61.96
N GLN C 41 49.55 -19.47 -63.21
CA GLN C 41 49.15 -18.74 -64.39
C GLN C 41 48.17 -19.56 -65.20
N SER C 42 47.03 -18.94 -65.54
CA SER C 42 46.02 -19.58 -66.36
C SER C 42 45.84 -18.73 -67.59
N SER C 43 45.71 -19.37 -68.77
CA SER C 43 45.39 -18.67 -70.01
C SER C 43 44.36 -19.50 -70.73
N VAL C 44 43.14 -18.95 -70.94
CA VAL C 44 42.06 -19.70 -71.55
C VAL C 44 41.32 -18.82 -72.53
N ARG C 45 40.51 -19.44 -73.42
CA ARG C 45 39.68 -18.70 -74.35
C ARG C 45 38.22 -18.89 -74.02
N ARG C 46 37.44 -17.80 -74.12
CA ARG C 46 36.02 -17.81 -73.84
C ARG C 46 35.32 -16.84 -74.79
N ARG C 47 34.17 -17.25 -75.34
CA ARG C 47 33.30 -16.40 -76.15
C ARG C 47 32.22 -15.79 -75.26
N TYR C 48 31.44 -14.82 -75.80
CA TYR C 48 30.42 -14.12 -75.02
C TYR C 48 29.38 -15.03 -74.38
N SER C 49 28.90 -16.06 -75.10
CA SER C 49 27.91 -16.98 -74.53
C SER C 49 28.48 -17.90 -73.47
N ASP C 50 29.81 -18.11 -73.42
CA ASP C 50 30.47 -18.74 -72.29
C ASP C 50 30.38 -17.87 -71.03
N PHE C 51 30.59 -16.54 -71.16
CA PHE C 51 30.38 -15.58 -70.08
C PHE C 51 28.92 -15.56 -69.61
N GLU C 52 27.93 -15.59 -70.54
CA GLU C 52 26.52 -15.68 -70.16
C GLU C 52 26.19 -16.93 -69.36
N TYR C 53 26.64 -18.10 -69.83
CA TYR C 53 26.45 -19.37 -69.13
C TYR C 53 27.13 -19.39 -67.77
N PHE C 54 28.37 -18.89 -67.68
CA PHE C 54 29.12 -18.74 -66.45
C PHE C 54 28.37 -17.91 -65.41
N ARG C 55 27.73 -16.81 -65.84
CA ARG C 55 26.96 -15.96 -64.95
C ARG C 55 25.77 -16.65 -64.30
N ASP C 56 24.97 -17.42 -65.07
CA ASP C 56 23.87 -18.21 -64.54
C ASP C 56 24.37 -19.25 -63.53
N ILE C 57 25.46 -19.96 -63.88
CA ILE C 57 26.09 -20.92 -62.99
C ILE C 57 26.60 -20.27 -61.70
N LEU C 58 27.28 -19.11 -61.81
CA LEU C 58 27.78 -18.34 -60.68
C LEU C 58 26.68 -17.81 -59.76
N GLU C 59 25.60 -17.26 -60.32
CA GLU C 59 24.45 -16.80 -59.57
C GLU C 59 23.74 -17.94 -58.84
N ARG C 60 23.55 -19.10 -59.51
CA ARG C 60 23.05 -20.29 -58.86
C ARG C 60 23.96 -20.90 -57.81
N GLU C 61 25.29 -21.00 -58.03
CA GLU C 61 26.25 -21.45 -57.04
C GLU C 61 26.27 -20.57 -55.80
N SER C 62 26.24 -19.23 -56.00
CA SER C 62 26.21 -18.25 -54.92
C SER C 62 25.06 -18.44 -53.99
N ALA C 63 23.84 -18.66 -54.56
CA ALA C 63 22.62 -18.80 -53.79
C ALA C 63 22.40 -17.62 -52.84
N ARG C 64 22.77 -16.34 -53.23
CA ARG C 64 23.23 -15.32 -52.29
C ARG C 64 23.57 -13.93 -52.84
N VAL C 65 24.81 -13.70 -53.33
CA VAL C 65 25.31 -12.32 -53.50
C VAL C 65 25.00 -11.64 -54.83
N THR C 66 25.29 -10.31 -54.91
CA THR C 66 25.04 -9.52 -56.12
C THR C 66 26.12 -9.71 -57.16
N ILE C 67 25.76 -10.23 -58.34
CA ILE C 67 26.67 -10.37 -59.46
C ILE C 67 26.30 -9.30 -60.48
N PRO C 68 27.15 -8.35 -60.88
CA PRO C 68 26.83 -7.38 -61.93
C PRO C 68 26.35 -8.02 -63.24
N PRO C 69 25.49 -7.40 -64.04
CA PRO C 69 25.15 -7.95 -65.34
C PRO C 69 26.28 -7.74 -66.33
N LEU C 70 26.32 -8.58 -67.37
CA LEU C 70 27.26 -8.49 -68.46
C LEU C 70 26.94 -7.33 -69.42
N PRO C 71 27.87 -6.84 -70.26
CA PRO C 71 27.68 -5.65 -71.11
C PRO C 71 26.51 -5.71 -72.06
N GLY C 72 26.07 -6.90 -72.47
CA GLY C 72 24.85 -7.05 -73.26
C GLY C 72 25.02 -7.78 -74.58
N LYS C 73 23.90 -8.36 -75.04
CA LYS C 73 23.74 -8.91 -76.37
C LYS C 73 23.76 -7.82 -77.44
N VAL C 74 24.21 -8.18 -78.65
CA VAL C 74 24.37 -7.23 -79.73
C VAL C 74 23.73 -7.83 -80.95
N PHE C 75 22.80 -7.10 -81.57
CA PHE C 75 22.12 -7.57 -82.76
C PHE C 75 22.58 -6.83 -84.01
N THR C 76 23.30 -5.71 -83.86
CA THR C 76 23.61 -4.84 -85.01
C THR C 76 24.84 -5.25 -85.79
N ASN C 77 26.04 -5.29 -85.16
CA ASN C 77 27.26 -5.60 -85.91
C ASN C 77 28.26 -6.31 -84.99
N ARG C 78 28.01 -7.56 -84.60
CA ARG C 78 28.86 -8.27 -83.64
C ARG C 78 30.30 -8.49 -84.06
N PHE C 79 30.62 -8.39 -85.35
CA PHE C 79 31.96 -8.66 -85.85
C PHE C 79 32.69 -7.40 -86.28
N SER C 80 32.12 -6.22 -85.98
CA SER C 80 32.79 -4.93 -86.17
C SER C 80 33.86 -4.65 -85.12
N ASP C 81 35.00 -4.06 -85.53
CA ASP C 81 36.14 -3.76 -84.68
C ASP C 81 35.82 -2.99 -83.42
N GLU C 82 35.04 -1.89 -83.55
CA GLU C 82 34.58 -1.09 -82.42
C GLU C 82 33.70 -1.88 -81.47
N VAL C 83 32.78 -2.70 -82.01
CA VAL C 83 31.88 -3.54 -81.23
C VAL C 83 32.63 -4.60 -80.43
N ILE C 84 33.64 -5.26 -81.05
CA ILE C 84 34.50 -6.21 -80.37
C ILE C 84 35.27 -5.57 -79.23
N GLU C 85 35.85 -4.36 -79.45
CA GLU C 85 36.53 -3.62 -78.41
C GLU C 85 35.63 -3.15 -77.27
N ASN C 86 34.42 -2.62 -77.59
CA ASN C 86 33.43 -2.23 -76.61
C ASN C 86 33.07 -3.38 -75.67
N ARG C 87 32.82 -4.55 -76.26
CA ARG C 87 32.56 -5.76 -75.52
C ARG C 87 33.75 -6.24 -74.73
N ARG C 88 34.97 -6.23 -75.31
CA ARG C 88 36.19 -6.67 -74.63
C ARG C 88 36.47 -5.86 -73.37
N ALA C 89 36.37 -4.53 -73.46
CA ALA C 89 36.50 -3.64 -72.33
C ALA C 89 35.46 -3.87 -71.25
N GLY C 90 34.20 -4.14 -71.64
CA GLY C 90 33.13 -4.48 -70.70
C GLY C 90 33.30 -5.83 -70.04
N LEU C 91 33.75 -6.85 -70.78
CA LEU C 91 34.11 -8.15 -70.23
C LEU C 91 35.31 -8.07 -69.30
N GLU C 92 36.34 -7.26 -69.68
CA GLU C 92 37.52 -7.02 -68.88
C GLU C 92 37.18 -6.41 -67.53
N LYS C 93 36.33 -5.36 -67.51
CA LYS C 93 35.84 -4.76 -66.28
C LYS C 93 34.97 -5.70 -65.45
N PHE C 94 34.02 -6.41 -66.08
CA PHE C 94 33.15 -7.37 -65.41
C PHE C 94 33.94 -8.47 -64.71
N LEU C 95 34.90 -9.07 -65.43
CA LEU C 95 35.70 -10.16 -64.92
C LEU C 95 36.56 -9.73 -63.76
N LYS C 96 37.22 -8.56 -63.83
CA LYS C 96 37.97 -8.02 -62.71
C LYS C 96 37.16 -7.81 -61.44
N ILE C 97 35.91 -7.32 -61.53
CA ILE C 97 35.02 -7.23 -60.37
C ILE C 97 34.64 -8.59 -59.78
N VAL C 98 34.24 -9.56 -60.63
CA VAL C 98 33.83 -10.88 -60.19
C VAL C 98 34.94 -11.65 -59.50
N VAL C 99 36.14 -11.65 -60.09
CA VAL C 99 37.26 -12.39 -59.54
C VAL C 99 37.91 -11.66 -58.38
N GLY C 100 37.63 -10.35 -58.24
CA GLY C 100 38.17 -9.53 -57.17
C GLY C 100 37.39 -9.58 -55.90
N HIS C 101 36.17 -10.15 -55.93
CA HIS C 101 35.30 -10.23 -54.77
C HIS C 101 35.77 -11.25 -53.74
N PRO C 102 36.14 -10.90 -52.51
CA PRO C 102 36.80 -11.81 -51.56
C PRO C 102 36.11 -13.12 -51.32
N LEU C 103 34.78 -13.13 -51.16
CA LEU C 103 34.00 -14.33 -50.97
C LEU C 103 33.95 -15.26 -52.18
N LEU C 104 33.96 -14.70 -53.42
CA LEU C 104 34.03 -15.51 -54.61
C LEU C 104 35.40 -16.17 -54.73
N GLN C 105 36.48 -15.44 -54.39
CA GLN C 105 37.84 -15.95 -54.39
C GLN C 105 38.06 -17.17 -53.51
N THR C 106 37.47 -17.17 -52.30
CA THR C 106 37.66 -18.25 -51.35
C THR C 106 36.59 -19.33 -51.43
N GLY C 107 35.39 -19.02 -51.95
CA GLY C 107 34.26 -19.95 -51.93
C GLY C 107 33.77 -20.45 -53.25
N SER C 108 34.05 -19.76 -54.38
CA SER C 108 33.45 -20.11 -55.68
C SER C 108 34.28 -21.13 -56.43
N LYS C 109 33.70 -22.34 -56.64
CA LYS C 109 34.32 -23.40 -57.40
C LYS C 109 34.14 -23.16 -58.89
N VAL C 110 32.96 -22.62 -59.25
CA VAL C 110 32.59 -22.25 -60.60
C VAL C 110 33.53 -21.21 -61.19
N LEU C 111 33.91 -20.21 -60.38
CA LEU C 111 34.89 -19.20 -60.74
C LEU C 111 36.23 -19.76 -61.11
N ALA C 112 36.75 -20.69 -60.29
CA ALA C 112 38.02 -21.34 -60.52
C ALA C 112 38.04 -22.13 -61.82
N ALA C 113 36.97 -22.88 -62.11
CA ALA C 113 36.78 -23.59 -63.34
C ALA C 113 36.65 -22.72 -64.59
N PHE C 114 36.00 -21.55 -64.49
CA PHE C 114 35.94 -20.62 -65.60
C PHE C 114 37.30 -20.05 -65.98
N VAL C 115 38.14 -19.74 -64.99
CA VAL C 115 39.49 -19.22 -65.17
C VAL C 115 40.51 -20.25 -65.66
N GLN C 116 40.44 -21.49 -65.15
CA GLN C 116 41.42 -22.53 -65.43
C GLN C 116 41.02 -23.47 -66.61
N PHE D 1 -22.18 -31.50 -18.65
CA PHE D 1 -20.78 -31.00 -18.47
C PHE D 1 -20.63 -30.61 -17.02
N SER D 2 -20.51 -29.31 -16.68
CA SER D 2 -20.31 -28.72 -15.36
C SER D 2 -19.55 -27.46 -15.69
N THR D 3 -18.68 -26.98 -14.79
CA THR D 3 -17.69 -25.96 -15.02
C THR D 3 -16.39 -26.61 -15.48
N PRO D 4 -15.61 -26.04 -16.41
CA PRO D 4 -14.38 -26.68 -16.88
C PRO D 4 -13.29 -26.51 -15.85
N VAL D 5 -13.46 -25.50 -14.98
CA VAL D 5 -12.48 -25.07 -14.03
C VAL D 5 -13.16 -24.50 -12.82
N ASP D 6 -12.60 -24.77 -11.63
CA ASP D 6 -13.06 -24.30 -10.35
C ASP D 6 -11.89 -23.56 -9.70
N ILE D 7 -12.13 -22.42 -9.03
CA ILE D 7 -11.09 -21.58 -8.47
C ILE D 7 -11.23 -21.60 -6.96
N ASP D 8 -10.20 -22.05 -6.22
CA ASP D 8 -10.23 -22.01 -4.78
C ASP D 8 -9.06 -21.17 -4.26
N ILE D 9 -9.25 -20.51 -3.10
CA ILE D 9 -8.26 -19.63 -2.50
C ILE D 9 -7.96 -20.14 -1.12
N VAL D 10 -6.69 -20.52 -0.90
CA VAL D 10 -6.22 -21.05 0.36
C VAL D 10 -5.13 -20.12 0.87
N LEU D 11 -5.38 -19.47 2.02
CA LEU D 11 -4.44 -18.59 2.68
C LEU D 11 -3.27 -19.34 3.30
N ALA D 12 -2.09 -18.71 3.37
CA ALA D 12 -0.91 -19.34 3.94
C ALA D 12 -1.02 -19.62 5.44
N ASP D 13 -1.79 -18.80 6.16
CA ASP D 13 -2.01 -18.90 7.59
C ASP D 13 -3.38 -19.45 7.92
N ALA D 14 -4.01 -20.17 6.97
CA ALA D 14 -5.37 -20.65 7.06
C ALA D 14 -5.71 -21.47 8.30
N ASP D 15 -4.80 -22.35 8.79
CA ASP D 15 -5.00 -23.07 10.02
C ASP D 15 -5.03 -22.23 11.30
N LYS D 16 -4.10 -21.25 11.43
CA LYS D 16 -3.89 -20.55 12.70
C LYS D 16 -4.62 -19.22 12.77
N ARG D 17 -5.04 -18.65 11.62
CA ARG D 17 -5.72 -17.36 11.59
C ARG D 17 -7.13 -17.40 12.14
N ALA D 18 -7.43 -16.49 13.09
CA ALA D 18 -8.76 -16.32 13.64
C ALA D 18 -9.84 -15.94 12.62
N MET D 19 -11.07 -16.40 12.85
CA MET D 19 -12.22 -16.06 12.01
C MET D 19 -13.22 -15.31 12.85
N VAL D 20 -14.15 -14.60 12.20
CA VAL D 20 -15.19 -13.83 12.87
C VAL D 20 -16.49 -14.00 12.11
N ASP D 21 -17.61 -13.63 12.79
CA ASP D 21 -18.95 -13.72 12.24
C ASP D 21 -19.43 -12.36 11.73
N VAL D 22 -20.43 -12.38 10.83
CA VAL D 22 -21.15 -11.22 10.37
C VAL D 22 -22.62 -11.54 10.29
N LYS D 23 -23.51 -10.68 10.84
CA LYS D 23 -24.93 -10.83 10.64
C LYS D 23 -25.39 -10.24 9.30
N LEU D 24 -26.16 -11.03 8.52
CA LEU D 24 -26.70 -10.64 7.24
C LEU D 24 -28.20 -10.85 7.23
N ASP D 25 -28.88 -10.29 6.21
CA ASP D 25 -30.30 -10.32 5.99
C ASP D 25 -30.98 -11.66 6.25
N LYS D 26 -32.11 -11.59 6.99
CA LYS D 26 -32.90 -12.73 7.44
C LYS D 26 -32.19 -13.57 8.50
N ASN D 27 -31.38 -12.91 9.36
CA ASN D 27 -30.72 -13.48 10.54
C ASN D 27 -29.59 -14.44 10.25
N ARG D 28 -29.11 -14.47 8.99
CA ARG D 28 -28.01 -15.30 8.58
C ARG D 28 -26.69 -14.85 9.17
N ARG D 29 -25.81 -15.81 9.49
CA ARG D 29 -24.49 -15.50 10.00
C ARG D 29 -23.47 -16.18 9.11
N GLU D 30 -22.65 -15.38 8.41
CA GLU D 30 -21.50 -15.88 7.66
C GLU D 30 -20.28 -15.76 8.52
N LYS D 31 -19.24 -16.55 8.21
CA LYS D 31 -18.01 -16.57 8.97
C LYS D 31 -16.84 -16.53 8.01
N VAL D 32 -15.96 -15.52 8.17
CA VAL D 32 -14.87 -15.26 7.24
C VAL D 32 -13.59 -15.03 8.04
N PRO D 33 -12.37 -15.20 7.48
CA PRO D 33 -11.13 -14.86 8.15
C PRO D 33 -11.05 -13.43 8.66
N LEU D 34 -10.47 -13.23 9.85
CA LEU D 34 -10.28 -11.91 10.42
C LEU D 34 -8.96 -11.32 9.99
N TYR D 35 -8.96 -10.03 9.61
CA TYR D 35 -7.78 -9.27 9.30
C TYR D 35 -7.81 -7.91 9.99
N MET D 36 -6.64 -7.26 10.07
CA MET D 36 -6.44 -5.94 10.62
C MET D 36 -5.72 -5.08 9.60
N ASP D 37 -5.83 -3.75 9.74
CA ASP D 37 -5.05 -2.77 9.01
C ASP D 37 -3.55 -3.04 9.13
N GLY D 38 -2.80 -2.86 8.04
CA GLY D 38 -1.38 -3.14 7.98
C GLY D 38 -0.96 -4.57 7.74
N GLU D 39 -1.80 -5.60 8.01
CA GLU D 39 -1.45 -6.99 7.73
C GLU D 39 -1.26 -7.32 6.25
N SER D 40 -0.23 -8.10 5.91
CA SER D 40 -0.08 -8.73 4.60
C SER D 40 -1.08 -9.85 4.37
N VAL D 41 -1.60 -9.97 3.13
CA VAL D 41 -2.50 -11.03 2.74
C VAL D 41 -1.77 -11.92 1.76
N LYS D 42 -1.66 -13.22 2.04
CA LYS D 42 -0.89 -14.10 1.21
C LYS D 42 -1.41 -15.51 1.21
N GLY D 43 -1.23 -16.23 0.10
CA GLY D 43 -1.72 -17.57 -0.03
C GLY D 43 -1.53 -18.10 -1.42
N CYS D 44 -2.36 -19.09 -1.76
CA CYS D 44 -2.31 -19.79 -3.02
C CYS D 44 -3.66 -19.72 -3.70
N VAL D 45 -3.68 -19.40 -5.00
CA VAL D 45 -4.83 -19.60 -5.85
C VAL D 45 -4.72 -20.99 -6.44
N THR D 46 -5.67 -21.88 -6.12
CA THR D 46 -5.63 -23.27 -6.56
C THR D 46 -6.67 -23.48 -7.62
N VAL D 47 -6.25 -23.79 -8.85
CA VAL D 47 -7.15 -24.02 -9.96
C VAL D 47 -7.38 -25.51 -10.10
N ARG D 48 -8.64 -25.95 -9.99
CA ARG D 48 -9.00 -27.35 -10.16
C ARG D 48 -9.65 -27.47 -11.52
N PRO D 49 -9.04 -28.00 -12.57
CA PRO D 49 -9.75 -28.36 -13.79
C PRO D 49 -10.65 -29.53 -13.52
N LYS D 50 -11.74 -29.67 -14.27
CA LYS D 50 -12.72 -30.72 -14.06
C LYS D 50 -12.92 -31.58 -15.29
N ASP D 51 -12.65 -31.03 -16.48
CA ASP D 51 -12.82 -31.77 -17.71
C ASP D 51 -11.49 -32.06 -18.36
N GLY D 52 -11.41 -33.16 -19.14
CA GLY D 52 -10.27 -33.44 -20.01
C GLY D 52 -10.37 -32.71 -21.33
N LYS D 53 -10.21 -31.39 -21.29
CA LYS D 53 -10.38 -30.48 -22.40
C LYS D 53 -9.25 -29.49 -22.28
N ARG D 54 -9.38 -28.29 -22.85
CA ARG D 54 -8.38 -27.26 -22.68
C ARG D 54 -9.06 -25.92 -22.50
N LEU D 55 -8.49 -25.10 -21.62
CA LEU D 55 -9.02 -23.80 -21.27
C LEU D 55 -8.09 -22.74 -21.82
N GLU D 56 -8.55 -22.03 -22.85
CA GLU D 56 -7.85 -20.91 -23.46
C GLU D 56 -8.21 -19.64 -22.72
N HIS D 57 -7.22 -18.80 -22.37
CA HIS D 57 -7.47 -17.63 -21.57
C HIS D 57 -6.56 -16.48 -21.97
N THR D 58 -6.98 -15.25 -21.66
CA THR D 58 -6.25 -14.03 -21.97
C THR D 58 -5.68 -13.41 -20.72
N GLY D 59 -5.39 -14.22 -19.70
CA GLY D 59 -4.67 -13.83 -18.51
C GLY D 59 -5.41 -14.20 -17.25
N ILE D 60 -4.65 -14.48 -16.18
CA ILE D 60 -5.20 -14.80 -14.88
C ILE D 60 -4.63 -13.81 -13.89
N LYS D 61 -5.48 -13.20 -13.06
CA LYS D 61 -5.04 -12.27 -12.05
C LYS D 61 -5.78 -12.48 -10.75
N VAL D 62 -5.19 -11.99 -9.65
CA VAL D 62 -5.85 -11.92 -8.36
C VAL D 62 -5.82 -10.50 -7.85
N GLN D 63 -6.96 -10.02 -7.33
CA GLN D 63 -7.11 -8.69 -6.80
C GLN D 63 -7.46 -8.75 -5.34
N PHE D 64 -6.88 -7.85 -4.52
CA PHE D 64 -7.37 -7.55 -3.19
C PHE D 64 -8.25 -6.32 -3.33
N ILE D 65 -9.53 -6.41 -2.90
CA ILE D 65 -10.50 -5.35 -3.08
C ILE D 65 -11.06 -4.96 -1.73
N GLY D 66 -11.22 -3.65 -1.49
CA GLY D 66 -12.04 -3.12 -0.41
C GLY D 66 -13.00 -2.12 -0.98
N THR D 67 -14.31 -2.28 -0.73
CA THR D 67 -15.33 -1.51 -1.43
C THR D 67 -16.52 -1.19 -0.56
N ILE D 68 -17.24 -0.11 -0.91
CA ILE D 68 -18.46 0.33 -0.26
C ILE D 68 -19.58 0.26 -1.30
N GLU D 69 -20.65 -0.48 -0.96
CA GLU D 69 -21.76 -0.76 -1.85
C GLU D 69 -23.00 -0.08 -1.29
N MET D 70 -23.70 0.76 -2.08
CA MET D 70 -24.83 1.52 -1.57
C MET D 70 -26.14 1.15 -2.25
N PHE D 71 -27.19 0.91 -1.43
CA PHE D 71 -28.57 0.62 -1.84
C PHE D 71 -28.75 -0.66 -2.66
N PHE D 72 -27.75 -1.57 -2.61
CA PHE D 72 -27.64 -2.78 -3.42
C PHE D 72 -27.42 -2.49 -4.91
N ASP D 73 -27.12 -1.24 -5.26
CA ASP D 73 -26.95 -0.77 -6.62
C ASP D 73 -25.52 -1.03 -7.06
N ARG D 74 -25.36 -1.80 -8.15
CA ARG D 74 -24.08 -2.10 -8.75
C ARG D 74 -23.41 -0.88 -9.38
N GLY D 75 -24.18 0.15 -9.79
CA GLY D 75 -23.61 1.37 -10.34
C GLY D 75 -23.12 2.33 -9.30
N ASN D 76 -23.39 2.02 -8.01
CA ASN D 76 -23.11 2.87 -6.88
C ASN D 76 -22.11 2.20 -5.93
N HIS D 77 -21.34 1.22 -6.46
CA HIS D 77 -20.20 0.62 -5.76
C HIS D 77 -18.96 1.48 -5.88
N TYR D 78 -18.23 1.69 -4.78
CA TYR D 78 -17.03 2.49 -4.75
C TYR D 78 -15.88 1.72 -4.11
N GLU D 79 -14.86 1.33 -4.92
CA GLU D 79 -13.65 0.70 -4.41
C GLU D 79 -12.73 1.73 -3.79
N PHE D 80 -12.38 1.58 -2.48
CA PHE D 80 -11.46 2.48 -1.80
C PHE D 80 -10.09 1.84 -1.67
N LEU D 81 -9.97 0.55 -2.01
CA LEU D 81 -8.69 -0.11 -2.12
C LEU D 81 -8.79 -1.14 -3.21
N SER D 82 -7.79 -1.18 -4.11
CA SER D 82 -7.67 -2.18 -5.15
C SER D 82 -6.18 -2.45 -5.32
N LEU D 83 -5.74 -3.71 -5.17
CA LEU D 83 -4.37 -4.12 -5.40
C LEU D 83 -4.41 -5.31 -6.34
N VAL D 84 -3.51 -5.39 -7.35
CA VAL D 84 -3.55 -6.44 -8.35
C VAL D 84 -2.26 -7.24 -8.34
N GLN D 85 -2.34 -8.57 -8.47
CA GLN D 85 -1.22 -9.40 -8.85
C GLN D 85 -1.59 -10.23 -10.05
N GLU D 86 -0.85 -10.07 -11.15
CA GLU D 86 -0.99 -10.86 -12.35
C GLU D 86 -0.33 -12.21 -12.14
N LEU D 87 -1.09 -13.31 -12.33
CA LEU D 87 -0.64 -14.65 -11.97
C LEU D 87 -0.26 -15.47 -13.18
N ALA D 88 -0.90 -15.20 -14.33
CA ALA D 88 -0.53 -15.84 -15.56
C ALA D 88 -0.80 -14.93 -16.73
N ALA D 89 0.08 -14.97 -17.74
CA ALA D 89 -0.10 -14.32 -19.02
C ALA D 89 -1.13 -15.07 -19.88
N PRO D 90 -1.69 -14.50 -20.95
CA PRO D 90 -2.45 -15.23 -21.97
C PRO D 90 -1.90 -16.59 -22.37
N GLY D 91 -2.76 -17.62 -22.46
CA GLY D 91 -2.27 -18.95 -22.76
C GLY D 91 -3.33 -20.01 -22.60
N GLU D 92 -2.92 -21.24 -22.24
CA GLU D 92 -3.82 -22.37 -22.04
C GLU D 92 -3.64 -22.98 -20.66
N LEU D 93 -4.66 -23.73 -20.20
CA LEU D 93 -4.58 -24.66 -19.08
C LEU D 93 -5.13 -26.00 -19.50
N GLN D 94 -4.34 -27.09 -19.30
CA GLN D 94 -4.78 -28.45 -19.55
C GLN D 94 -4.85 -29.30 -18.29
N HIS D 95 -4.22 -28.88 -17.18
CA HIS D 95 -4.03 -29.70 -16.00
C HIS D 95 -3.98 -28.78 -14.79
N PRO D 96 -4.17 -29.25 -13.55
CA PRO D 96 -4.24 -28.38 -12.38
C PRO D 96 -2.98 -27.59 -12.11
N GLN D 97 -3.13 -26.34 -11.63
CA GLN D 97 -2.01 -25.47 -11.35
C GLN D 97 -2.34 -24.58 -10.17
N THR D 98 -1.37 -24.36 -9.28
CA THR D 98 -1.48 -23.44 -8.16
C THR D 98 -0.62 -22.22 -8.44
N PHE D 99 -1.06 -21.04 -7.95
CA PHE D 99 -0.33 -19.79 -8.11
C PHE D 99 -0.21 -19.09 -6.77
N ASP D 100 1.01 -18.88 -6.28
CA ASP D 100 1.31 -18.09 -5.11
C ASP D 100 0.92 -16.62 -5.26
N PHE D 101 0.53 -15.96 -4.15
CA PHE D 101 0.29 -14.53 -4.14
C PHE D 101 0.65 -13.90 -2.80
N ASN D 102 1.18 -12.65 -2.81
CA ASN D 102 1.45 -11.89 -1.60
C ASN D 102 1.10 -10.42 -1.85
N PHE D 103 0.19 -9.86 -1.03
CA PHE D 103 -0.06 -8.45 -0.99
C PHE D 103 0.60 -7.91 0.27
N LYS D 104 1.70 -7.15 0.11
CA LYS D 104 2.53 -6.65 1.19
C LYS D 104 1.90 -5.54 2.01
N ASN D 105 1.75 -5.76 3.33
CA ASN D 105 1.35 -4.79 4.34
C ASN D 105 0.12 -3.98 3.99
N VAL D 106 -0.98 -4.68 3.69
CA VAL D 106 -2.17 -4.12 3.09
C VAL D 106 -2.90 -3.16 4.01
N GLU D 107 -2.99 -1.86 3.64
CA GLU D 107 -3.83 -0.88 4.29
C GLU D 107 -5.29 -1.30 4.30
N LYS D 108 -6.02 -1.12 5.41
CA LYS D 108 -7.41 -1.52 5.52
C LYS D 108 -8.11 -0.54 6.45
N GLN D 109 -8.27 0.70 5.97
CA GLN D 109 -8.66 1.89 6.73
C GLN D 109 -9.99 1.86 7.47
N TYR D 110 -10.92 0.94 7.13
CA TYR D 110 -12.27 0.93 7.65
C TYR D 110 -12.60 -0.48 8.17
N GLU D 111 -13.60 -0.60 9.06
CA GLU D 111 -14.07 -1.90 9.53
C GLU D 111 -15.19 -2.37 8.64
N SER D 112 -15.26 -3.69 8.38
CA SER D 112 -16.35 -4.30 7.62
C SER D 112 -17.72 -4.06 8.25
N TYR D 113 -18.74 -3.81 7.43
CA TYR D 113 -20.07 -3.50 7.93
C TYR D 113 -21.10 -4.01 6.94
N ASN D 114 -22.20 -4.57 7.45
CA ASN D 114 -23.35 -4.94 6.66
C ASN D 114 -24.52 -4.28 7.36
N GLY D 115 -25.24 -3.42 6.62
CA GLY D 115 -26.37 -2.65 7.12
C GLY D 115 -27.55 -2.73 6.19
N ILE D 116 -28.40 -1.70 6.21
CA ILE D 116 -29.63 -1.69 5.41
C ILE D 116 -29.38 -1.13 4.03
N ASN D 117 -28.79 0.08 3.95
CA ASN D 117 -28.54 0.74 2.68
C ASN D 117 -27.07 0.72 2.34
N VAL D 118 -26.23 0.08 3.18
CA VAL D 118 -24.79 0.11 3.03
C VAL D 118 -24.18 -1.26 3.26
N LYS D 119 -23.24 -1.66 2.39
CA LYS D 119 -22.27 -2.68 2.71
C LYS D 119 -20.88 -2.13 2.60
N LEU D 120 -19.99 -2.52 3.52
CA LEU D 120 -18.57 -2.33 3.38
C LEU D 120 -17.93 -3.69 3.56
N ARG D 121 -17.25 -4.18 2.52
CA ARG D 121 -16.65 -5.48 2.56
C ARG D 121 -15.33 -5.50 1.82
N TYR D 122 -14.48 -6.46 2.20
CA TYR D 122 -13.16 -6.66 1.66
C TYR D 122 -13.13 -8.08 1.17
N PHE D 123 -12.46 -8.32 0.04
CA PHE D 123 -12.43 -9.66 -0.53
C PHE D 123 -11.24 -9.83 -1.44
N VAL D 124 -10.89 -11.09 -1.71
CA VAL D 124 -9.93 -11.45 -2.74
C VAL D 124 -10.74 -11.87 -3.96
N ARG D 125 -10.43 -11.31 -5.14
CA ARG D 125 -11.14 -11.62 -6.36
C ARG D 125 -10.17 -12.18 -7.39
N VAL D 126 -10.32 -13.46 -7.76
CA VAL D 126 -9.52 -14.10 -8.79
C VAL D 126 -10.31 -14.07 -10.08
N THR D 127 -9.66 -13.64 -11.17
CA THR D 127 -10.28 -13.48 -12.47
C THR D 127 -9.47 -14.23 -13.50
N VAL D 128 -10.06 -15.25 -14.15
CA VAL D 128 -9.48 -15.89 -15.33
C VAL D 128 -10.20 -15.30 -16.53
N SER D 129 -9.48 -14.42 -17.26
CA SER D 129 -10.03 -13.71 -18.41
C SER D 129 -10.29 -14.63 -19.60
N ARG D 130 -11.47 -14.50 -20.23
CA ARG D 130 -11.81 -15.28 -21.39
C ARG D 130 -12.47 -14.41 -22.43
N ARG D 131 -12.61 -14.94 -23.65
CA ARG D 131 -13.02 -14.18 -24.82
C ARG D 131 -14.39 -13.51 -24.74
N MET D 132 -15.39 -14.16 -24.10
CA MET D 132 -16.70 -13.55 -23.91
C MET D 132 -17.22 -13.58 -22.49
N ALA D 133 -16.55 -14.27 -21.54
CA ALA D 133 -17.10 -14.42 -20.20
C ALA D 133 -16.07 -14.99 -19.25
N ASP D 134 -15.48 -14.10 -18.43
CA ASP D 134 -14.52 -14.39 -17.40
C ASP D 134 -14.98 -15.39 -16.36
N VAL D 135 -14.04 -16.15 -15.78
CA VAL D 135 -14.31 -17.01 -14.64
C VAL D 135 -13.85 -16.24 -13.41
N ILE D 136 -14.79 -15.85 -12.55
CA ILE D 136 -14.53 -14.96 -11.44
C ILE D 136 -14.86 -15.68 -10.14
N ARG D 137 -13.95 -15.58 -9.15
CA ARG D 137 -14.17 -16.11 -7.83
C ARG D 137 -13.88 -15.04 -6.80
N GLU D 138 -14.89 -14.65 -6.00
CA GLU D 138 -14.70 -13.79 -4.84
C GLU D 138 -14.50 -14.62 -3.57
N LYS D 139 -13.81 -14.04 -2.57
CA LYS D 139 -13.39 -14.71 -1.35
C LYS D 139 -13.30 -13.68 -0.24
N ASP D 140 -14.44 -13.44 0.43
CA ASP D 140 -14.63 -12.49 1.49
C ASP D 140 -13.79 -12.68 2.75
N ILE D 141 -13.44 -11.54 3.35
CA ILE D 141 -12.66 -11.45 4.58
C ILE D 141 -13.30 -10.38 5.45
N TRP D 142 -13.01 -10.37 6.76
CA TRP D 142 -13.48 -9.33 7.65
C TRP D 142 -12.31 -8.51 8.09
N VAL D 143 -12.48 -7.18 8.15
CA VAL D 143 -11.46 -6.32 8.71
C VAL D 143 -12.05 -5.66 9.92
N TYR D 144 -11.33 -5.69 11.05
CA TYR D 144 -11.69 -4.93 12.23
C TYR D 144 -10.85 -3.69 12.38
N SER D 145 -11.39 -2.66 13.06
CA SER D 145 -10.67 -1.41 13.32
C SER D 145 -10.60 -1.24 14.82
N TYR D 146 -9.37 -1.13 15.34
CA TYR D 146 -9.13 -1.16 16.77
C TYR D 146 -8.83 0.22 17.30
N ARG D 147 -9.24 0.52 18.55
CA ARG D 147 -8.85 1.80 19.15
C ARG D 147 -8.56 1.66 20.62
N ILE D 148 -7.42 2.24 21.07
CA ILE D 148 -7.04 2.33 22.47
C ILE D 148 -8.03 3.11 23.34
N PRO D 149 -8.02 2.98 24.69
CA PRO D 149 -8.73 3.86 25.61
C PRO D 149 -8.64 5.35 25.27
N PRO D 150 -9.71 6.14 25.20
CA PRO D 150 -9.63 7.50 24.70
C PRO D 150 -9.06 8.47 25.71
N GLU D 151 -8.24 9.44 25.24
CA GLU D 151 -7.63 10.49 26.05
C GLU D 151 -8.65 11.30 26.83
N LEU D 152 -9.69 11.80 26.14
CA LEU D 152 -10.76 12.50 26.79
C LEU D 152 -11.99 11.62 26.81
N ASN D 153 -12.41 11.15 27.99
CA ASN D 153 -13.71 10.57 28.18
C ASN D 153 -14.34 11.27 29.37
N SER D 154 -15.37 12.08 29.14
CA SER D 154 -16.05 12.83 30.20
C SER D 154 -17.36 12.14 30.46
N SER D 155 -17.95 12.30 31.65
CA SER D 155 -19.30 11.83 31.90
C SER D 155 -20.33 12.70 31.21
N ILE D 156 -21.48 12.11 30.83
CA ILE D 156 -22.60 12.86 30.28
C ILE D 156 -23.51 13.19 31.42
N LYS D 157 -23.73 14.48 31.70
CA LYS D 157 -24.59 14.91 32.78
C LYS D 157 -25.46 16.06 32.33
N MET D 158 -26.79 15.92 32.47
CA MET D 158 -27.72 16.91 31.97
C MET D 158 -28.98 17.02 32.80
N ASP D 159 -29.38 18.27 33.07
CA ASP D 159 -30.68 18.64 33.60
C ASP D 159 -31.61 18.92 32.42
N VAL D 160 -32.79 18.28 32.39
CA VAL D 160 -33.75 18.38 31.31
C VAL D 160 -35.16 18.23 31.84
N GLY D 161 -36.17 18.70 31.09
CA GLY D 161 -37.53 18.50 31.54
C GLY D 161 -38.60 19.13 30.72
N ILE D 162 -39.80 19.22 31.30
CA ILE D 162 -40.95 19.95 30.80
C ILE D 162 -41.28 20.96 31.88
N GLU D 163 -41.35 22.27 31.55
CA GLU D 163 -41.49 23.31 32.55
C GLU D 163 -42.68 23.22 33.46
N ASP D 164 -42.43 23.49 34.77
CA ASP D 164 -43.30 23.28 35.91
C ASP D 164 -44.01 21.91 35.96
N CYS D 165 -43.49 20.86 35.28
CA CYS D 165 -44.15 19.56 35.23
C CYS D 165 -43.22 18.43 35.57
N LEU D 166 -42.04 18.40 34.95
CA LEU D 166 -41.09 17.34 35.17
C LEU D 166 -39.72 17.96 35.04
N HIS D 167 -38.83 17.79 36.03
CA HIS D 167 -37.44 18.20 35.89
C HIS D 167 -36.59 17.05 36.39
N ILE D 168 -35.61 16.59 35.59
CA ILE D 168 -34.76 15.47 35.95
C ILE D 168 -33.31 15.77 35.60
N GLU D 169 -32.38 15.25 36.42
CA GLU D 169 -30.96 15.25 36.09
C GLU D 169 -30.58 13.82 35.76
N PHE D 170 -30.03 13.56 34.56
CA PHE D 170 -29.52 12.26 34.20
C PHE D 170 -28.02 12.30 34.07
N GLU D 171 -27.37 11.20 34.48
CA GLU D 171 -25.94 11.08 34.42
C GLU D 171 -25.58 9.72 33.87
N TYR D 172 -24.70 9.67 32.85
CA TYR D 172 -24.12 8.46 32.31
C TYR D 172 -22.62 8.58 32.48
N SER D 173 -21.93 7.52 32.94
CA SER D 173 -20.54 7.60 33.38
C SER D 173 -19.50 7.94 32.33
N LYS D 174 -19.76 7.62 31.05
CA LYS D 174 -18.87 7.94 29.95
C LYS D 174 -19.64 8.50 28.76
N SER D 175 -18.92 9.13 27.81
CA SER D 175 -19.43 9.49 26.50
C SER D 175 -19.03 8.46 25.47
N LYS D 176 -18.01 7.65 25.78
CA LYS D 176 -17.42 6.69 24.88
C LYS D 176 -17.33 5.37 25.60
N TYR D 177 -17.95 4.33 25.02
CA TYR D 177 -18.06 3.02 25.62
C TYR D 177 -17.51 2.00 24.65
N HIS D 178 -16.79 0.97 25.13
CA HIS D 178 -16.43 -0.12 24.25
C HIS D 178 -17.57 -1.12 24.06
N LEU D 179 -17.44 -2.04 23.09
CA LEU D 179 -18.51 -2.95 22.69
C LEU D 179 -18.98 -3.92 23.76
N LYS D 180 -18.17 -4.18 24.81
CA LYS D 180 -18.54 -5.02 25.92
C LYS D 180 -18.53 -4.25 27.24
N ASP D 181 -18.63 -2.92 27.17
CA ASP D 181 -18.63 -2.01 28.30
C ASP D 181 -20.00 -1.91 28.94
N VAL D 182 -20.09 -1.14 30.03
CA VAL D 182 -21.28 -1.07 30.85
C VAL D 182 -21.70 0.38 30.97
N ILE D 183 -22.97 0.69 30.62
CA ILE D 183 -23.55 1.99 30.93
C ILE D 183 -23.87 2.01 32.41
N VAL D 184 -23.05 2.71 33.20
CA VAL D 184 -23.33 2.97 34.61
C VAL D 184 -23.87 4.37 34.67
N GLY D 185 -25.03 4.57 35.30
CA GLY D 185 -25.60 5.89 35.36
C GLY D 185 -26.61 6.02 36.43
N ARG D 186 -27.30 7.16 36.44
CA ARG D 186 -28.38 7.40 37.37
C ARG D 186 -29.33 8.45 36.83
N ILE D 187 -30.58 8.41 37.31
CA ILE D 187 -31.61 9.39 37.02
C ILE D 187 -32.04 9.97 38.35
N TYR D 188 -31.97 11.31 38.50
CA TYR D 188 -32.31 12.00 39.73
C TYR D 188 -33.51 12.89 39.45
N PHE D 189 -34.54 12.81 40.29
CA PHE D 189 -35.79 13.52 40.06
C PHE D 189 -35.85 14.79 40.89
N LEU D 190 -35.96 15.95 40.23
CA LEU D 190 -35.95 17.24 40.90
C LEU D 190 -37.36 17.78 41.08
N LEU D 191 -38.23 17.57 40.08
CA LEU D 191 -39.62 17.97 40.14
C LEU D 191 -40.44 16.92 39.43
N VAL D 192 -41.50 16.40 40.08
CA VAL D 192 -42.42 15.44 39.49
C VAL D 192 -43.83 15.92 39.80
N ARG D 193 -44.56 16.40 38.78
CA ARG D 193 -45.96 16.79 38.91
C ARG D 193 -46.79 16.03 37.88
N LEU D 194 -46.19 15.03 37.20
CA LEU D 194 -46.87 14.14 36.29
C LEU D 194 -46.85 12.75 36.89
N LYS D 195 -47.77 11.87 36.47
CA LYS D 195 -47.90 10.55 37.04
C LYS D 195 -47.15 9.55 36.17
N ILE D 196 -45.97 9.08 36.61
CA ILE D 196 -45.09 8.28 35.76
C ILE D 196 -45.29 6.80 36.06
N LYS D 197 -45.71 6.04 35.03
CA LYS D 197 -45.92 4.62 35.14
C LYS D 197 -44.63 3.83 35.14
N HIS D 198 -43.70 4.15 34.21
CA HIS D 198 -42.42 3.46 34.12
C HIS D 198 -41.41 4.27 33.33
N MET D 199 -40.13 3.87 33.40
CA MET D 199 -39.05 4.52 32.66
C MET D 199 -38.08 3.47 32.13
N GLU D 200 -37.64 3.61 30.86
CA GLU D 200 -36.74 2.69 30.21
C GLU D 200 -35.63 3.45 29.50
N LEU D 201 -34.47 2.80 29.27
CA LEU D 201 -33.32 3.33 28.59
C LEU D 201 -33.11 2.52 27.34
N SER D 202 -33.06 3.17 26.19
CA SER D 202 -33.03 2.49 24.91
C SER D 202 -31.77 2.83 24.18
N ILE D 203 -31.17 1.84 23.51
CA ILE D 203 -30.05 2.08 22.61
C ILE D 203 -30.57 2.06 21.19
N ILE D 204 -30.33 3.17 20.47
CA ILE D 204 -30.80 3.36 19.12
C ILE D 204 -29.61 3.44 18.20
N ARG D 205 -29.65 2.71 17.07
CA ARG D 205 -28.63 2.76 16.04
C ARG D 205 -29.19 3.47 14.84
N ARG D 206 -28.50 4.53 14.40
CA ARG D 206 -28.84 5.23 13.19
C ARG D 206 -27.77 4.98 12.15
N GLU D 207 -28.16 4.51 10.96
CA GLU D 207 -27.33 4.38 9.79
C GLU D 207 -27.68 5.53 8.87
N THR D 208 -26.72 6.40 8.53
CA THR D 208 -26.94 7.59 7.70
C THR D 208 -26.20 7.40 6.42
N THR D 209 -26.90 7.41 5.27
CA THR D 209 -26.32 7.12 3.96
C THR D 209 -26.56 8.25 3.00
N GLY D 210 -25.52 8.70 2.27
CA GLY D 210 -25.66 9.68 1.20
C GLY D 210 -24.67 10.81 1.28
N VAL D 211 -24.89 11.88 0.50
CA VAL D 211 -24.04 13.07 0.49
C VAL D 211 -24.91 14.34 0.40
N ALA D 212 -24.74 15.26 1.37
CA ALA D 212 -25.38 16.58 1.38
C ALA D 212 -26.91 16.51 1.41
N PRO D 213 -27.80 17.12 0.57
CA PRO D 213 -29.23 16.92 0.72
C PRO D 213 -29.71 15.51 0.44
N ASN D 214 -28.90 14.68 -0.23
CA ASN D 214 -29.19 13.28 -0.40
C ASN D 214 -28.81 12.57 0.89
N GLN D 215 -29.79 12.40 1.79
CA GLN D 215 -29.56 11.81 3.09
C GLN D 215 -30.68 10.85 3.41
N TYR D 216 -30.35 9.58 3.67
CA TYR D 216 -31.30 8.59 4.13
C TYR D 216 -30.84 8.14 5.50
N ASN D 217 -31.70 8.24 6.52
CA ASN D 217 -31.37 7.82 7.87
C ASN D 217 -32.25 6.62 8.23
N GLU D 218 -31.65 5.44 8.40
CA GLU D 218 -32.34 4.25 8.87
C GLU D 218 -32.15 4.17 10.38
N SER D 219 -33.20 3.84 11.16
CA SER D 219 -33.14 3.87 12.63
C SER D 219 -33.65 2.58 13.23
N GLU D 220 -32.82 1.88 14.02
CA GLU D 220 -33.17 0.61 14.62
C GLU D 220 -33.01 0.64 16.13
N THR D 221 -34.08 0.28 16.87
CA THR D 221 -34.08 0.32 18.33
C THR D 221 -33.61 -1.01 18.88
N LEU D 222 -32.30 -1.11 19.20
CA LEU D 222 -31.60 -2.33 19.56
C LEU D 222 -31.98 -2.92 20.91
N VAL D 223 -32.24 -2.06 21.91
CA VAL D 223 -32.63 -2.51 23.23
C VAL D 223 -33.68 -1.57 23.77
N ARG D 224 -34.64 -2.12 24.55
CA ARG D 224 -35.49 -1.35 25.45
C ARG D 224 -35.23 -1.92 26.83
N PHE D 225 -34.62 -1.14 27.74
CA PHE D 225 -34.17 -1.65 29.03
C PHE D 225 -34.86 -0.88 30.13
N GLU D 226 -35.81 -1.50 30.82
CA GLU D 226 -36.52 -0.90 31.94
C GLU D 226 -35.60 -0.58 33.11
N ILE D 227 -35.71 0.65 33.66
CA ILE D 227 -34.88 1.05 34.79
C ILE D 227 -35.71 1.55 35.95
N MET D 228 -37.02 1.81 35.75
CA MET D 228 -37.89 2.15 36.86
C MET D 228 -39.28 1.65 36.58
N ASP D 229 -39.90 1.01 37.59
CA ASP D 229 -41.29 0.61 37.64
C ASP D 229 -41.93 1.50 38.72
N GLY D 230 -43.05 2.17 38.41
CA GLY D 230 -43.76 3.03 39.34
C GLY D 230 -43.33 4.49 39.41
N SER D 231 -44.15 5.27 40.14
CA SER D 231 -44.05 6.73 40.25
C SER D 231 -43.00 7.19 41.25
N PRO D 232 -41.97 7.95 40.89
CA PRO D 232 -41.03 8.51 41.84
C PRO D 232 -41.54 9.82 42.41
N SER D 233 -40.91 10.31 43.48
CA SER D 233 -41.13 11.66 43.97
C SER D 233 -39.84 12.45 43.83
N ARG D 234 -39.85 13.76 44.13
CA ARG D 234 -38.63 14.54 44.08
C ARG D 234 -37.60 14.10 45.12
N GLY D 235 -36.30 14.10 44.73
CA GLY D 235 -35.21 13.62 45.56
C GLY D 235 -34.89 12.17 45.40
N GLU D 236 -35.66 11.45 44.56
CA GLU D 236 -35.42 10.05 44.29
C GLU D 236 -34.31 9.83 43.27
N THR D 237 -33.48 8.78 43.46
CA THR D 237 -32.37 8.45 42.56
C THR D 237 -32.53 7.03 42.06
N ILE D 238 -32.64 6.87 40.74
CA ILE D 238 -32.78 5.55 40.12
C ILE D 238 -31.45 5.12 39.52
N PRO D 239 -30.87 3.97 39.86
CA PRO D 239 -29.61 3.51 39.29
C PRO D 239 -29.77 2.88 37.90
N ILE D 240 -28.77 3.05 37.03
CA ILE D 240 -28.72 2.42 35.72
C ILE D 240 -27.47 1.55 35.69
N ARG D 241 -27.63 0.25 35.35
CA ARG D 241 -26.50 -0.58 34.95
C ARG D 241 -26.90 -1.42 33.74
N LEU D 242 -26.46 -1.00 32.53
CA LEU D 242 -26.85 -1.63 31.28
C LEU D 242 -25.61 -2.17 30.57
N PHE D 243 -25.53 -3.51 30.46
CA PHE D 243 -24.39 -4.19 29.88
C PHE D 243 -24.51 -4.25 28.36
N LEU D 244 -23.55 -3.65 27.62
CA LEU D 244 -23.64 -3.56 26.16
C LEU D 244 -23.35 -4.87 25.46
N GLY D 245 -22.66 -5.80 26.15
CA GLY D 245 -22.29 -7.10 25.62
C GLY D 245 -23.45 -8.02 25.35
N GLY D 246 -24.66 -7.71 25.86
CA GLY D 246 -25.84 -8.51 25.56
C GLY D 246 -26.51 -8.25 24.23
N PHE D 247 -26.09 -7.22 23.48
CA PHE D 247 -26.84 -6.80 22.30
C PHE D 247 -26.04 -6.83 20.99
N ASP D 248 -24.73 -7.18 21.04
CA ASP D 248 -23.85 -7.35 19.87
C ASP D 248 -23.84 -6.20 18.84
N LEU D 249 -23.31 -5.03 19.26
CA LEU D 249 -23.36 -3.78 18.50
C LEU D 249 -22.11 -3.62 17.65
N THR D 250 -22.18 -2.76 16.60
CA THR D 250 -21.04 -2.38 15.78
C THR D 250 -20.38 -1.16 16.40
N PRO D 251 -19.12 -0.82 16.15
CA PRO D 251 -18.57 0.47 16.54
C PRO D 251 -19.28 1.66 15.91
N THR D 252 -19.08 2.86 16.49
CA THR D 252 -19.51 4.10 15.87
C THR D 252 -18.61 4.42 14.71
N PHE D 253 -19.20 4.53 13.51
CA PHE D 253 -18.48 4.81 12.30
C PHE D 253 -18.93 6.16 11.81
N ARG D 254 -17.98 7.08 11.59
CA ARG D 254 -18.31 8.46 11.32
C ARG D 254 -17.73 8.84 9.99
N ASP D 255 -18.63 9.17 9.05
CA ASP D 255 -18.36 9.71 7.73
C ASP D 255 -17.38 8.88 6.90
N VAL D 256 -17.59 7.55 6.90
CA VAL D 256 -16.74 6.56 6.27
C VAL D 256 -16.64 6.80 4.78
N ASN D 257 -15.44 7.22 4.33
CA ASN D 257 -15.13 7.53 2.94
C ASN D 257 -15.99 8.66 2.36
N LYS D 258 -16.56 9.49 3.27
CA LYS D 258 -17.60 10.49 2.99
C LYS D 258 -18.85 9.90 2.33
N LYS D 259 -19.33 8.73 2.82
CA LYS D 259 -20.47 8.04 2.21
C LYS D 259 -21.50 7.56 3.20
N PHE D 260 -21.10 7.23 4.44
CA PHE D 260 -22.06 6.81 5.44
C PHE D 260 -21.57 7.02 6.87
N SER D 261 -22.50 7.14 7.81
CA SER D 261 -22.22 7.18 9.23
C SER D 261 -23.08 6.13 9.92
N THR D 262 -22.56 5.45 10.95
CA THR D 262 -23.31 4.52 11.78
C THR D 262 -23.15 5.00 13.20
N ARG D 263 -24.21 5.51 13.84
CA ARG D 263 -24.12 6.21 15.11
C ARG D 263 -25.06 5.64 16.14
N TYR D 264 -24.68 5.76 17.43
CA TYR D 264 -25.39 5.15 18.53
C TYR D 264 -25.87 6.17 19.53
N TYR D 265 -27.12 6.01 20.00
CA TYR D 265 -27.75 6.99 20.86
C TYR D 265 -28.37 6.31 22.05
N LEU D 266 -28.14 6.84 23.26
CA LEU D 266 -28.94 6.50 24.41
C LEU D 266 -30.16 7.40 24.42
N SER D 267 -31.35 6.77 24.38
CA SER D 267 -32.62 7.45 24.41
C SER D 267 -33.32 7.07 25.68
N LEU D 268 -33.43 8.01 26.63
CA LEU D 268 -34.08 7.82 27.90
C LEU D 268 -35.55 8.12 27.73
N VAL D 269 -36.46 7.22 28.14
CA VAL D 269 -37.88 7.40 27.89
C VAL D 269 -38.66 7.18 29.18
N LEU D 270 -39.52 8.15 29.55
CA LEU D 270 -40.45 8.07 30.66
C LEU D 270 -41.86 8.06 30.11
N ILE D 271 -42.75 7.22 30.68
CA ILE D 271 -44.11 7.02 30.18
C ILE D 271 -45.10 7.36 31.28
N ASP D 272 -46.11 8.23 31.02
CA ASP D 272 -47.16 8.52 31.98
C ASP D 272 -48.28 7.47 31.97
N GLU D 273 -49.23 7.60 32.91
CA GLU D 273 -50.39 6.73 33.06
C GLU D 273 -51.31 6.69 31.84
N ASP D 274 -51.44 7.81 31.11
CA ASP D 274 -52.28 7.90 29.92
C ASP D 274 -51.47 7.53 28.66
N ALA D 275 -50.22 7.07 28.85
CA ALA D 275 -49.34 6.53 27.82
C ALA D 275 -48.61 7.58 27.02
N ARG D 276 -48.47 8.81 27.57
CA ARG D 276 -47.68 9.86 26.97
C ARG D 276 -46.22 9.66 27.29
N ARG D 277 -45.34 9.99 26.32
CA ARG D 277 -43.99 9.48 26.32
C ARG D 277 -43.02 10.63 26.20
N TYR D 278 -42.17 10.80 27.23
CA TYR D 278 -41.27 11.92 27.38
C TYR D 278 -39.88 11.37 27.25
N PHE D 279 -39.01 12.01 26.45
CA PHE D 279 -37.75 11.38 26.09
C PHE D 279 -36.59 12.35 25.97
N LYS D 280 -35.36 11.84 26.12
CA LYS D 280 -34.18 12.60 25.76
C LYS D 280 -33.13 11.70 25.14
N GLN D 281 -32.71 12.06 23.91
CA GLN D 281 -31.71 11.35 23.15
C GLN D 281 -30.33 11.98 23.35
N SER D 282 -29.29 11.13 23.51
CA SER D 282 -27.91 11.54 23.72
C SER D 282 -27.00 10.63 22.93
N GLU D 283 -26.11 11.14 22.04
CA GLU D 283 -25.18 10.27 21.33
C GLU D 283 -24.14 9.64 22.26
N ILE D 284 -23.79 8.37 22.03
CA ILE D 284 -22.64 7.73 22.64
C ILE D 284 -21.77 7.13 21.55
N ILE D 285 -20.44 7.25 21.70
CA ILE D 285 -19.52 6.69 20.73
C ILE D 285 -19.17 5.28 21.17
N LEU D 286 -19.44 4.28 20.31
CA LEU D 286 -19.00 2.92 20.55
C LEU D 286 -17.68 2.66 19.85
N TYR D 287 -16.79 1.88 20.48
CA TYR D 287 -15.51 1.57 19.87
C TYR D 287 -15.10 0.15 20.14
N ARG D 288 -14.40 -0.48 19.18
CA ARG D 288 -13.88 -1.81 19.37
C ARG D 288 -12.58 -1.72 20.16
N GLN D 289 -12.60 -2.17 21.43
CA GLN D 289 -11.42 -2.27 22.26
C GLN D 289 -10.41 -3.26 21.68
N PRO D 290 -9.11 -3.05 21.79
CA PRO D 290 -8.13 -4.04 21.43
C PRO D 290 -7.88 -4.87 22.68
N PRO D 291 -8.01 -6.18 22.66
CA PRO D 291 -7.39 -7.00 23.70
C PRO D 291 -5.87 -6.85 23.69
N GLU D 292 -5.23 -7.14 24.83
CA GLU D 292 -3.80 -7.02 25.01
C GLU D 292 -2.99 -7.89 23.99
N PHE E 1 -12.19 35.18 -20.96
CA PHE E 1 -12.27 34.54 -19.61
C PHE E 1 -10.90 33.99 -19.29
N SER E 2 -10.71 32.65 -19.27
CA SER E 2 -9.50 31.92 -18.93
C SER E 2 -10.06 30.63 -18.36
N THR E 3 -9.34 29.98 -17.44
CA THR E 3 -9.81 28.91 -16.60
C THR E 3 -10.42 29.48 -15.33
N PRO E 4 -11.51 28.93 -14.75
CA PRO E 4 -12.11 29.51 -13.54
C PRO E 4 -11.27 29.12 -12.35
N VAL E 5 -10.49 28.05 -12.50
CA VAL E 5 -9.76 27.43 -11.43
C VAL E 5 -8.50 26.80 -11.99
N ASP E 6 -7.39 26.88 -11.22
CA ASP E 6 -6.10 26.33 -11.55
C ASP E 6 -5.71 25.43 -10.38
N ILE E 7 -5.12 24.24 -10.65
CA ILE E 7 -4.80 23.25 -9.62
C ILE E 7 -3.30 23.14 -9.55
N ASP E 8 -2.69 23.41 -8.38
CA ASP E 8 -1.27 23.22 -8.19
C ASP E 8 -1.02 22.22 -7.06
N ILE E 9 0.09 21.47 -7.14
CA ILE E 9 0.44 20.44 -6.17
C ILE E 9 1.80 20.77 -5.62
N VAL E 10 1.85 21.01 -4.31
CA VAL E 10 3.07 21.35 -3.59
C VAL E 10 3.31 20.27 -2.55
N LEU E 11 4.43 19.53 -2.70
CA LEU E 11 4.85 18.50 -1.77
C LEU E 11 5.33 19.08 -0.45
N ALA E 12 5.17 18.34 0.66
CA ALA E 12 5.60 18.79 1.97
C ALA E 12 7.12 18.92 2.11
N ASP E 13 7.89 18.10 1.37
CA ASP E 13 9.32 18.06 1.37
C ASP E 13 9.91 18.71 0.14
N ALA E 14 9.13 19.58 -0.55
CA ALA E 14 9.48 20.17 -1.82
C ALA E 14 10.83 20.89 -1.89
N ASP E 15 11.24 21.62 -0.82
CA ASP E 15 12.56 22.22 -0.76
C ASP E 15 13.74 21.25 -0.68
N LYS E 16 13.64 20.18 0.14
CA LYS E 16 14.79 19.34 0.45
C LYS E 16 14.84 18.08 -0.39
N ARG E 17 13.74 17.68 -1.04
CA ARG E 17 13.71 16.47 -1.84
C ARG E 17 14.47 16.59 -3.16
N ALA E 18 15.36 15.61 -3.42
CA ALA E 18 16.10 15.51 -4.66
C ALA E 18 15.23 15.34 -5.90
N MET E 19 15.69 15.88 -7.04
CA MET E 19 15.03 15.74 -8.32
C MET E 19 15.93 15.00 -9.27
N VAL E 20 15.36 14.45 -10.35
CA VAL E 20 16.12 13.72 -11.35
C VAL E 20 15.61 14.09 -12.73
N ASP E 21 16.40 13.76 -13.77
CA ASP E 21 16.09 14.02 -15.16
C ASP E 21 15.54 12.78 -15.86
N VAL E 22 14.81 12.99 -16.97
CA VAL E 22 14.35 11.95 -17.87
C VAL E 22 14.55 12.42 -19.29
N LYS E 23 15.16 11.59 -20.17
CA LYS E 23 15.19 11.89 -21.59
C LYS E 23 13.90 11.49 -22.30
N LEU E 24 13.32 12.42 -23.09
CA LEU E 24 12.11 12.22 -23.85
C LEU E 24 12.35 12.57 -25.30
N ASP E 25 11.40 12.19 -26.17
CA ASP E 25 11.42 12.37 -27.60
C ASP E 25 11.90 13.73 -28.09
N LYS E 26 12.80 13.70 -29.10
CA LYS E 26 13.47 14.85 -29.69
C LYS E 26 14.48 15.51 -28.75
N ASN E 27 15.13 14.68 -27.89
CA ASN E 27 16.24 15.06 -27.01
C ASN E 27 15.86 15.94 -25.83
N ARG E 28 14.55 16.05 -25.54
CA ARG E 28 14.05 16.83 -24.43
C ARG E 28 14.39 16.20 -23.09
N ARG E 29 14.66 17.02 -22.07
CA ARG E 29 14.91 16.54 -20.74
C ARG E 29 13.94 17.22 -19.80
N GLU E 30 13.05 16.42 -19.18
CA GLU E 30 12.18 16.89 -18.11
C GLU E 30 12.82 16.56 -16.79
N LYS E 31 12.42 17.28 -15.74
CA LYS E 31 12.98 17.11 -14.41
C LYS E 31 11.85 17.06 -13.41
N VAL E 32 11.77 15.96 -12.63
CA VAL E 32 10.67 15.70 -11.72
C VAL E 32 11.23 15.27 -10.36
N PRO E 33 10.51 15.38 -9.24
CA PRO E 33 10.95 14.86 -7.94
C PRO E 33 11.30 13.38 -7.95
N LEU E 34 12.36 13.00 -7.22
CA LEU E 34 12.77 11.62 -7.11
C LEU E 34 12.08 10.95 -5.92
N TYR E 35 11.60 9.73 -6.12
CA TYR E 35 11.04 8.88 -5.09
C TYR E 35 11.61 7.48 -5.16
N MET E 36 11.44 6.72 -4.07
CA MET E 36 11.83 5.34 -3.94
C MET E 36 10.63 4.52 -3.47
N ASP E 37 10.67 3.19 -3.70
CA ASP E 37 9.74 2.23 -3.15
C ASP E 37 9.66 2.35 -1.63
N GLY E 38 8.44 2.22 -1.08
CA GLY E 38 8.19 2.36 0.35
C GLY E 38 8.01 3.78 0.87
N GLU E 39 8.50 4.84 0.20
CA GLU E 39 8.30 6.22 0.66
C GLU E 39 6.85 6.69 0.66
N SER E 40 6.41 7.39 1.72
CA SER E 40 5.17 8.14 1.73
C SER E 40 5.19 9.37 0.83
N VAL E 41 4.07 9.65 0.15
CA VAL E 41 3.91 10.84 -0.68
C VAL E 41 2.92 11.75 -0.01
N LYS E 42 3.30 12.99 0.28
CA LYS E 42 2.44 13.89 1.02
C LYS E 42 2.66 15.33 0.66
N GLY E 43 1.59 16.14 0.75
CA GLY E 43 1.66 17.53 0.40
C GLY E 43 0.32 18.18 0.43
N CYS E 44 0.19 19.28 -0.33
CA CYS E 44 -1.00 20.10 -0.39
C CYS E 44 -1.46 20.23 -1.82
N VAL E 45 -2.76 20.04 -2.07
CA VAL E 45 -3.40 20.44 -3.31
C VAL E 45 -3.86 21.87 -3.13
N THR E 46 -3.33 22.81 -3.93
CA THR E 46 -3.63 24.23 -3.79
C THR E 46 -4.49 24.65 -4.96
N VAL E 47 -5.75 25.04 -4.68
CA VAL E 47 -6.67 25.47 -5.70
C VAL E 47 -6.64 26.98 -5.79
N ARG E 48 -6.30 27.52 -6.97
CA ARG E 48 -6.28 28.95 -7.20
C ARG E 48 -7.51 29.28 -8.03
N PRO E 49 -8.59 29.87 -7.52
CA PRO E 49 -9.64 30.41 -8.35
C PRO E 49 -9.13 31.63 -9.08
N LYS E 50 -9.69 31.95 -10.25
CA LYS E 50 -9.23 33.06 -11.06
C LYS E 50 -10.33 34.05 -11.34
N ASP E 51 -11.59 33.62 -11.32
CA ASP E 51 -12.70 34.47 -11.59
C ASP E 51 -13.53 34.72 -10.34
N GLY E 52 -14.22 35.88 -10.26
CA GLY E 52 -15.22 36.14 -9.24
C GLY E 52 -16.56 35.57 -9.60
N LYS E 53 -16.66 34.24 -9.59
CA LYS E 53 -17.82 33.48 -10.02
C LYS E 53 -17.96 32.38 -8.99
N ARG E 54 -18.62 31.25 -9.34
CA ARG E 54 -18.70 30.12 -8.44
C ARG E 54 -18.54 28.85 -9.22
N LEU E 55 -17.83 27.88 -8.62
CA LEU E 55 -17.52 26.61 -9.23
C LEU E 55 -18.31 25.54 -8.52
N GLU E 56 -19.32 24.98 -9.19
CA GLU E 56 -20.13 23.88 -8.71
C GLU E 56 -19.44 22.57 -9.10
N HIS E 57 -19.35 21.62 -8.17
CA HIS E 57 -18.62 20.39 -8.42
C HIS E 57 -19.25 19.21 -7.71
N THR E 58 -18.99 18.00 -8.21
CA THR E 58 -19.52 16.76 -7.67
C THR E 58 -18.45 15.95 -6.99
N GLY E 59 -17.40 16.63 -6.48
CA GLY E 59 -16.38 16.05 -5.63
C GLY E 59 -15.00 16.35 -6.13
N ILE E 60 -14.04 16.45 -5.20
CA ILE E 60 -12.64 16.67 -5.52
C ILE E 60 -11.85 15.55 -4.91
N LYS E 61 -10.96 14.91 -5.70
CA LYS E 61 -10.12 13.85 -5.21
C LYS E 61 -8.71 13.99 -5.72
N VAL E 62 -7.75 13.34 -5.04
CA VAL E 62 -6.39 13.20 -5.50
C VAL E 62 -6.01 11.74 -5.55
N GLN E 63 -5.38 11.31 -6.65
CA GLN E 63 -4.96 9.95 -6.86
C GLN E 63 -3.45 9.88 -6.99
N PHE E 64 -2.82 8.86 -6.40
CA PHE E 64 -1.46 8.47 -6.71
C PHE E 64 -1.57 7.35 -7.74
N ILE E 65 -0.94 7.51 -8.91
CA ILE E 65 -1.07 6.57 -10.01
C ILE E 65 0.33 6.10 -10.41
N GLY E 66 0.47 4.78 -10.66
CA GLY E 66 1.61 4.23 -11.37
C GLY E 66 1.10 3.39 -12.51
N THR E 67 1.57 3.64 -13.74
CA THR E 67 0.97 3.04 -14.92
C THR E 67 1.99 2.75 -16.01
N ILE E 68 1.66 1.78 -16.89
CA ILE E 68 2.45 1.39 -18.04
C ILE E 68 1.62 1.66 -19.28
N GLU E 69 2.18 2.46 -20.21
CA GLU E 69 1.51 2.95 -21.39
C GLU E 69 2.18 2.32 -22.60
N MET E 70 1.45 1.65 -23.50
CA MET E 70 2.06 0.93 -24.61
C MET E 70 1.63 1.50 -25.96
N PHE E 71 2.62 1.76 -26.85
CA PHE E 71 2.46 2.21 -28.23
C PHE E 71 1.79 3.58 -28.40
N PHE E 72 1.77 4.38 -27.31
CA PHE E 72 1.07 5.66 -27.19
C PHE E 72 -0.47 5.51 -27.22
N ASP E 73 -0.97 4.26 -27.11
CA ASP E 73 -2.38 3.94 -27.20
C ASP E 73 -3.00 4.11 -25.83
N ARG E 74 -4.04 4.97 -25.75
CA ARG E 74 -4.80 5.21 -24.54
C ARG E 74 -5.63 4.01 -24.11
N GLY E 75 -6.01 3.10 -25.04
CA GLY E 75 -6.76 1.89 -24.69
C GLY E 75 -5.88 0.79 -24.15
N ASN E 76 -4.56 0.99 -24.21
CA ASN E 76 -3.56 0.00 -23.85
C ASN E 76 -2.73 0.48 -22.66
N HIS E 77 -3.28 1.43 -21.87
CA HIS E 77 -2.72 1.84 -20.59
C HIS E 77 -3.11 0.88 -19.49
N TYR E 78 -2.15 0.50 -18.62
CA TYR E 78 -2.39 -0.41 -17.53
C TYR E 78 -1.87 0.17 -16.21
N GLU E 79 -2.78 0.55 -15.29
CA GLU E 79 -2.42 1.02 -13.96
C GLU E 79 -2.04 -0.16 -13.06
N PHE E 80 -0.80 -0.18 -12.52
CA PHE E 80 -0.36 -1.22 -11.61
C PHE E 80 -0.39 -0.75 -10.18
N LEU E 81 -0.63 0.56 -9.96
CA LEU E 81 -0.87 1.10 -8.65
C LEU E 81 -1.83 2.26 -8.79
N SER E 82 -2.87 2.30 -7.95
CA SER E 82 -3.82 3.39 -7.87
C SER E 82 -4.21 3.53 -6.40
N LEU E 83 -4.01 4.72 -5.81
CA LEU E 83 -4.41 5.03 -4.45
C LEU E 83 -5.23 6.30 -4.50
N VAL E 84 -6.35 6.41 -3.76
CA VAL E 84 -7.24 7.56 -3.83
C VAL E 84 -7.35 8.23 -2.47
N GLN E 85 -7.36 9.57 -2.44
CA GLN E 85 -7.82 10.32 -1.29
C GLN E 85 -8.87 11.32 -1.74
N GLU E 86 -10.10 11.19 -1.20
CA GLU E 86 -11.17 12.12 -1.43
C GLU E 86 -10.95 13.37 -0.60
N LEU E 87 -10.92 14.56 -1.26
CA LEU E 87 -10.51 15.79 -0.61
C LEU E 87 -11.69 16.69 -0.33
N ALA E 88 -12.75 16.61 -1.15
CA ALA E 88 -13.96 17.35 -0.91
C ALA E 88 -15.15 16.59 -1.45
N ALA E 89 -16.28 16.65 -0.72
CA ALA E 89 -17.57 16.16 -1.16
C ALA E 89 -18.18 17.09 -2.22
N PRO E 90 -19.19 16.69 -2.99
CA PRO E 90 -20.01 17.59 -3.80
C PRO E 90 -20.36 18.94 -3.18
N GLY E 91 -20.23 20.04 -3.92
CA GLY E 91 -20.48 21.36 -3.34
C GLY E 91 -20.07 22.48 -4.25
N GLU E 92 -19.66 23.62 -3.65
CA GLU E 92 -19.23 24.80 -4.39
C GLU E 92 -17.84 25.24 -3.95
N LEU E 93 -17.16 26.03 -4.80
CA LEU E 93 -15.99 26.81 -4.45
C LEU E 93 -16.19 28.25 -4.91
N GLN E 94 -16.03 29.23 -3.99
CA GLN E 94 -16.08 30.64 -4.32
C GLN E 94 -14.75 31.36 -4.11
N HIS E 95 -13.79 30.76 -3.37
CA HIS E 95 -12.59 31.45 -2.91
C HIS E 95 -11.49 30.39 -2.80
N PRO E 96 -10.20 30.74 -2.74
CA PRO E 96 -9.12 29.76 -2.72
C PRO E 96 -9.12 28.83 -1.54
N GLN E 97 -8.73 27.56 -1.75
CA GLN E 97 -8.71 26.58 -0.70
C GLN E 97 -7.58 25.60 -0.95
N THR E 98 -6.87 25.19 0.11
CA THR E 98 -5.85 24.17 0.07
C THR E 98 -6.37 22.92 0.74
N PHE E 99 -5.92 21.74 0.26
CA PHE E 99 -6.31 20.46 0.82
C PHE E 99 -5.06 19.61 1.04
N ASP E 100 -4.81 19.23 2.30
CA ASP E 100 -3.76 18.29 2.69
C ASP E 100 -3.99 16.89 2.11
N PHE E 101 -2.89 16.16 1.82
CA PHE E 101 -2.97 14.77 1.43
C PHE E 101 -1.76 13.96 1.92
N ASN E 102 -1.97 12.69 2.30
CA ASN E 102 -0.89 11.77 2.66
C ASN E 102 -1.21 10.38 2.12
N PHE E 103 -0.32 9.83 1.29
CA PHE E 103 -0.37 8.44 0.90
C PHE E 103 0.72 7.72 1.68
N LYS E 104 0.33 6.87 2.65
CA LYS E 104 1.22 6.20 3.57
C LYS E 104 2.02 5.06 2.95
N ASN E 105 3.37 5.16 3.03
CA ASN E 105 4.32 4.12 2.67
C ASN E 105 4.10 3.48 1.32
N VAL E 106 4.04 4.31 0.28
CA VAL E 106 3.59 3.92 -1.04
C VAL E 106 4.53 2.94 -1.73
N GLU E 107 4.06 1.71 -2.01
CA GLU E 107 4.74 0.76 -2.85
C GLU E 107 5.03 1.29 -4.24
N LYS E 108 6.20 1.07 -4.81
CA LYS E 108 6.57 1.59 -6.11
C LYS E 108 7.51 0.58 -6.77
N GLN E 109 6.95 -0.59 -7.14
CA GLN E 109 7.64 -1.80 -7.54
C GLN E 109 8.59 -1.72 -8.74
N TYR E 110 8.48 -0.70 -9.59
CA TYR E 110 9.20 -0.61 -10.84
C TYR E 110 9.89 0.75 -10.95
N GLU E 111 10.95 0.88 -11.78
CA GLU E 111 11.60 2.16 -12.03
C GLU E 111 10.94 2.82 -13.23
N SER E 112 10.80 4.16 -13.18
CA SER E 112 10.28 4.95 -14.29
C SER E 112 11.10 4.76 -15.58
N TYR E 113 10.43 4.71 -16.74
CA TYR E 113 11.10 4.47 -18.00
C TYR E 113 10.35 5.18 -19.10
N ASN E 114 11.07 5.78 -20.05
CA ASN E 114 10.50 6.33 -21.25
C ASN E 114 11.31 5.70 -22.38
N GLY E 115 10.63 5.01 -23.29
CA GLY E 115 11.22 4.30 -24.40
C GLY E 115 10.50 4.57 -25.68
N ILE E 116 10.57 3.64 -26.64
CA ILE E 116 9.96 3.84 -27.96
C ILE E 116 8.52 3.39 -27.99
N ASN E 117 8.23 2.15 -27.56
CA ASN E 117 6.89 1.60 -27.56
C ASN E 117 6.33 1.53 -26.16
N VAL E 118 7.08 2.00 -25.14
CA VAL E 118 6.70 1.85 -23.75
C VAL E 118 6.96 3.12 -22.96
N LYS E 119 5.99 3.52 -22.12
CA LYS E 119 6.24 4.42 -21.02
C LYS E 119 5.86 3.74 -19.73
N LEU E 120 6.66 3.96 -18.68
CA LEU E 120 6.29 3.65 -17.32
C LEU E 120 6.49 4.92 -16.53
N ARG E 121 5.39 5.44 -15.95
CA ARG E 121 5.46 6.68 -15.21
C ARG E 121 4.54 6.64 -14.02
N TYR E 122 4.87 7.48 -13.02
CA TYR E 122 4.15 7.62 -11.79
C TYR E 122 3.77 9.07 -11.68
N PHE E 123 2.58 9.37 -11.16
CA PHE E 123 2.14 10.74 -11.06
C PHE E 123 1.07 10.90 -10.02
N VAL E 124 0.86 12.15 -9.57
CA VAL E 124 -0.27 12.51 -8.74
C VAL E 124 -1.30 13.15 -9.66
N ARG E 125 -2.56 12.68 -9.60
CA ARG E 125 -3.63 13.18 -10.44
C ARG E 125 -4.73 13.75 -9.57
N VAL E 126 -4.96 15.08 -9.65
CA VAL E 126 -6.04 15.74 -8.94
C VAL E 126 -7.19 15.93 -9.90
N THR E 127 -8.40 15.55 -9.47
CA THR E 127 -9.60 15.59 -10.30
C THR E 127 -10.67 16.36 -9.57
N VAL E 128 -11.13 17.50 -10.14
CA VAL E 128 -12.33 18.21 -9.68
C VAL E 128 -13.44 17.81 -10.61
N SER E 129 -14.35 16.95 -10.12
CA SER E 129 -15.47 16.42 -10.88
C SER E 129 -16.50 17.47 -11.22
N ARG E 130 -16.95 17.52 -12.48
CA ARG E 130 -17.97 18.46 -12.91
C ARG E 130 -18.96 17.76 -13.82
N ARG E 131 -20.10 18.43 -14.07
CA ARG E 131 -21.25 17.85 -14.73
C ARG E 131 -21.01 17.30 -16.13
N MET E 132 -20.17 17.97 -16.96
CA MET E 132 -19.84 17.47 -18.28
C MET E 132 -18.35 17.39 -18.58
N ALA E 133 -17.46 17.92 -17.71
CA ALA E 133 -16.05 17.96 -18.03
C ALA E 133 -15.22 18.33 -16.82
N ASP E 134 -14.59 17.31 -16.22
CA ASP E 134 -13.70 17.40 -15.08
C ASP E 134 -12.51 18.33 -15.28
N VAL E 135 -12.03 18.93 -14.19
CA VAL E 135 -10.78 19.68 -14.19
C VAL E 135 -9.72 18.76 -13.64
N ILE E 136 -8.76 18.35 -14.48
CA ILE E 136 -7.78 17.34 -14.17
C ILE E 136 -6.40 17.94 -14.22
N ARG E 137 -5.56 17.66 -13.19
CA ARG E 137 -4.18 18.06 -13.16
C ARG E 137 -3.31 16.86 -12.83
N GLU E 138 -2.41 16.49 -13.75
CA GLU E 138 -1.37 15.50 -13.48
C GLU E 138 -0.08 16.18 -13.01
N LYS E 139 0.74 15.42 -12.25
CA LYS E 139 1.94 15.91 -11.59
C LYS E 139 2.93 14.78 -11.45
N ASP E 140 3.73 14.58 -12.48
CA ASP E 140 4.73 13.53 -12.63
C ASP E 140 5.84 13.52 -11.60
N ILE E 141 6.28 12.29 -11.28
CA ILE E 141 7.35 12.00 -10.35
C ILE E 141 8.22 10.91 -10.97
N TRP E 142 9.46 10.75 -10.49
CA TRP E 142 10.32 9.66 -10.93
C TRP E 142 10.49 8.68 -9.80
N VAL E 143 10.46 7.38 -10.10
CA VAL E 143 10.77 6.37 -9.12
C VAL E 143 11.99 5.66 -9.59
N TYR E 144 12.99 5.50 -8.70
CA TYR E 144 14.14 4.65 -8.98
C TYR E 144 14.05 3.32 -8.26
N SER E 145 14.70 2.29 -8.80
CA SER E 145 14.75 0.97 -8.19
C SER E 145 16.19 0.62 -7.91
N TYR E 146 16.51 0.35 -6.64
CA TYR E 146 17.87 0.20 -6.19
C TYR E 146 18.22 -1.25 -5.97
N ARG E 147 19.48 -1.64 -6.21
CA ARG E 147 19.90 -3.00 -5.89
C ARG E 147 21.32 -3.05 -5.37
N ILE E 148 21.53 -3.78 -4.25
CA ILE E 148 22.83 -4.06 -3.68
C ILE E 148 23.78 -4.82 -4.61
N PRO E 149 25.11 -4.83 -4.39
CA PRO E 149 26.05 -5.74 -5.04
C PRO E 149 25.57 -7.18 -5.17
N PRO E 150 25.60 -7.85 -6.32
CA PRO E 150 24.96 -9.16 -6.46
C PRO E 150 25.79 -10.28 -5.85
N GLU E 151 25.11 -11.27 -5.22
CA GLU E 151 25.71 -12.45 -4.61
C GLU E 151 26.57 -13.24 -5.58
N LEU E 152 26.01 -13.56 -6.77
CA LEU E 152 26.76 -14.23 -7.80
C LEU E 152 27.04 -13.24 -8.91
N ASN E 153 28.31 -12.87 -9.10
CA ASN E 153 28.76 -12.18 -10.30
C ASN E 153 29.97 -12.95 -10.80
N SER E 154 29.83 -13.64 -11.95
CA SER E 154 30.91 -14.42 -12.54
C SER E 154 31.43 -13.64 -13.71
N SER E 155 32.69 -13.87 -14.14
CA SER E 155 33.18 -13.31 -15.38
C SER E 155 32.57 -14.00 -16.59
N ILE E 156 32.45 -13.27 -17.70
CA ILE E 156 32.00 -13.85 -18.96
C ILE E 156 33.25 -14.21 -19.73
N LYS E 157 33.44 -15.51 -20.04
CA LYS E 157 34.60 -15.96 -20.77
C LYS E 157 34.19 -16.97 -21.82
N MET E 158 34.55 -16.72 -23.10
CA MET E 158 34.10 -17.57 -24.19
C MET E 158 35.11 -17.64 -25.31
N ASP E 159 35.34 -18.88 -25.81
CA ASP E 159 36.03 -19.18 -27.04
C ASP E 159 34.98 -19.23 -28.16
N VAL E 160 35.20 -18.49 -29.26
CA VAL E 160 34.28 -18.38 -30.38
C VAL E 160 35.04 -18.17 -31.66
N GLY E 161 34.41 -18.46 -32.83
CA GLY E 161 35.10 -18.17 -34.07
C GLY E 161 34.38 -18.62 -35.31
N ILE E 162 35.15 -18.65 -36.42
CA ILE E 162 34.77 -19.21 -37.70
C ILE E 162 35.79 -20.30 -37.98
N GLU E 163 35.36 -21.55 -38.23
CA GLU E 163 36.26 -22.67 -38.33
C GLU E 163 37.37 -22.58 -39.37
N ASP E 164 38.58 -23.00 -38.94
CA ASP E 164 39.86 -22.83 -39.63
C ASP E 164 40.14 -21.42 -40.16
N CYS E 165 39.49 -20.36 -39.64
CA CYS E 165 39.66 -19.00 -40.14
C CYS E 165 39.95 -18.01 -39.06
N LEU E 166 39.15 -18.02 -37.99
CA LEU E 166 39.33 -17.08 -36.91
C LEU E 166 38.91 -17.81 -35.65
N HIS E 167 39.76 -17.83 -34.62
CA HIS E 167 39.38 -18.35 -33.31
C HIS E 167 39.85 -17.33 -32.28
N ILE E 168 38.96 -16.89 -31.38
CA ILE E 168 39.26 -15.90 -30.37
C ILE E 168 38.67 -16.29 -29.04
N GLU E 169 39.37 -15.95 -27.93
CA GLU E 169 38.82 -16.05 -26.59
C GLU E 169 38.57 -14.63 -26.12
N PHE E 170 37.32 -14.31 -25.72
CA PHE E 170 37.01 -13.02 -25.14
C PHE E 170 36.64 -13.19 -23.68
N GLU E 171 37.04 -12.21 -22.86
CA GLU E 171 36.77 -12.21 -21.44
C GLU E 171 36.29 -10.85 -21.03
N TYR E 172 35.15 -10.77 -20.32
CA TYR E 172 34.65 -9.56 -19.69
C TYR E 172 34.56 -9.84 -18.21
N SER E 173 35.01 -8.91 -17.34
CA SER E 173 35.21 -9.17 -15.91
C SER E 173 33.98 -9.48 -15.09
N LYS E 174 32.80 -9.01 -15.50
CA LYS E 174 31.55 -9.29 -14.82
C LYS E 174 30.45 -9.65 -15.81
N SER E 175 29.35 -10.25 -15.31
CA SER E 175 28.10 -10.40 -16.06
C SER E 175 27.11 -9.32 -15.69
N LYS E 176 27.34 -8.65 -14.56
CA LYS E 176 26.44 -7.65 -14.01
C LYS E 176 27.25 -6.42 -13.66
N TYR E 177 26.88 -5.28 -14.25
CA TYR E 177 27.61 -4.04 -14.13
C TYR E 177 26.65 -2.98 -13.62
N HIS E 178 27.10 -2.07 -12.73
CA HIS E 178 26.28 -0.93 -12.39
C HIS E 178 26.36 0.18 -13.43
N LEU E 179 25.46 1.18 -13.35
CA LEU E 179 25.32 2.22 -14.36
C LEU E 179 26.55 3.11 -14.56
N LYS E 180 27.46 3.18 -13.57
CA LYS E 180 28.69 3.94 -13.69
C LYS E 180 29.92 3.04 -13.57
N ASP E 181 29.75 1.73 -13.82
CA ASP E 181 30.78 0.72 -13.75
C ASP E 181 31.62 0.67 -15.02
N VAL E 182 32.63 -0.19 -15.02
CA VAL E 182 33.61 -0.24 -16.08
C VAL E 182 33.67 -1.65 -16.63
N ILE E 183 33.50 -1.80 -17.97
CA ILE E 183 33.78 -3.07 -18.64
C ILE E 183 35.29 -3.21 -18.72
N VAL E 184 35.87 -4.07 -17.89
CA VAL E 184 37.27 -4.44 -17.99
C VAL E 184 37.29 -5.79 -18.66
N GLY E 185 38.08 -5.94 -19.73
CA GLY E 185 38.10 -7.21 -20.41
C GLY E 185 39.31 -7.35 -21.27
N ARG E 186 39.32 -8.43 -22.07
CA ARG E 186 40.37 -8.65 -23.03
C ARG E 186 39.91 -9.55 -24.14
N ILE E 187 40.58 -9.43 -25.30
CA ILE E 187 40.36 -10.29 -26.46
C ILE E 187 41.68 -10.97 -26.76
N TYR E 188 41.71 -12.30 -26.81
CA TYR E 188 42.90 -13.09 -27.03
C TYR E 188 42.74 -13.84 -28.34
N PHE E 189 43.74 -13.75 -29.23
CA PHE E 189 43.65 -14.30 -30.57
C PHE E 189 44.35 -15.65 -30.65
N LEU E 190 43.61 -16.72 -30.98
CA LEU E 190 44.17 -18.06 -31.01
C LEU E 190 44.51 -18.48 -32.43
N LEU E 191 43.68 -18.09 -33.40
CA LEU E 191 43.93 -18.36 -34.80
C LEU E 191 43.44 -17.17 -35.60
N VAL E 192 44.30 -16.63 -36.49
CA VAL E 192 43.94 -15.53 -37.38
C VAL E 192 44.43 -15.91 -38.77
N ARG E 193 43.50 -16.21 -39.70
CA ARG E 193 43.82 -16.47 -41.09
C ARG E 193 42.99 -15.54 -41.98
N LEU E 194 42.33 -14.54 -41.38
CA LEU E 194 41.62 -13.50 -42.09
C LEU E 194 42.34 -12.18 -41.83
N LYS E 195 42.15 -11.18 -42.70
CA LYS E 195 42.85 -9.92 -42.60
C LYS E 195 41.96 -8.91 -41.88
N ILE E 196 42.24 -8.60 -40.61
CA ILE E 196 41.35 -7.79 -39.78
C ILE E 196 41.80 -6.36 -39.77
N LYS E 197 40.93 -5.45 -40.26
CA LYS E 197 41.19 -4.04 -40.29
C LYS E 197 41.06 -3.38 -38.93
N HIS E 198 39.97 -3.67 -38.18
CA HIS E 198 39.74 -3.10 -36.87
C HIS E 198 38.75 -3.92 -36.09
N MET E 199 38.63 -3.65 -34.77
CA MET E 199 37.69 -4.32 -33.89
C MET E 199 37.11 -3.31 -32.91
N GLU E 200 35.77 -3.36 -32.68
CA GLU E 200 35.07 -2.46 -31.79
C GLU E 200 34.13 -3.24 -30.88
N LEU E 201 33.79 -2.68 -29.70
CA LEU E 201 32.89 -3.25 -28.73
C LEU E 201 31.70 -2.32 -28.62
N SER E 202 30.49 -2.86 -28.81
CA SER E 202 29.30 -2.05 -28.88
C SER E 202 28.35 -2.43 -27.81
N ILE E 203 27.68 -1.43 -27.20
CA ILE E 203 26.61 -1.68 -26.26
C ILE E 203 25.29 -1.46 -26.97
N ILE E 204 24.46 -2.50 -26.96
CA ILE E 204 23.18 -2.50 -27.64
C ILE E 204 22.08 -2.60 -26.62
N ARG E 205 21.04 -1.75 -26.75
CA ARG E 205 19.87 -1.78 -25.91
C ARG E 205 18.71 -2.31 -26.70
N ARG E 206 18.06 -3.38 -26.20
CA ARG E 206 16.87 -3.92 -26.79
C ARG E 206 15.70 -3.66 -25.86
N GLU E 207 14.63 -3.03 -26.39
CA GLU E 207 13.36 -2.85 -25.71
C GLU E 207 12.40 -3.86 -26.32
N THR E 208 11.83 -4.78 -25.52
CA THR E 208 10.97 -5.85 -25.99
C THR E 208 9.59 -5.60 -25.43
N THR E 209 8.58 -5.42 -26.28
CA THR E 209 7.22 -5.05 -25.88
C THR E 209 6.22 -6.05 -26.38
N GLY E 210 5.29 -6.50 -25.50
CA GLY E 210 4.18 -7.35 -25.91
C GLY E 210 4.00 -8.57 -25.05
N VAL E 211 3.16 -9.53 -25.50
CA VAL E 211 2.91 -10.79 -24.80
C VAL E 211 2.86 -11.95 -25.78
N ALA E 212 3.69 -12.99 -25.58
CA ALA E 212 3.69 -14.22 -26.35
C ALA E 212 3.96 -14.01 -27.85
N PRO E 213 3.22 -14.45 -28.90
CA PRO E 213 3.62 -14.14 -30.28
C PRO E 213 3.54 -12.67 -30.63
N ASN E 214 2.82 -11.85 -29.84
CA ASN E 214 2.83 -10.41 -30.00
C ASN E 214 4.11 -9.89 -29.36
N GLN E 215 5.16 -9.73 -30.17
CA GLN E 215 6.45 -9.29 -29.69
C GLN E 215 7.04 -8.28 -30.65
N TYR E 216 7.35 -7.08 -30.15
CA TYR E 216 8.04 -6.07 -30.90
C TYR E 216 9.35 -5.79 -30.20
N ASN E 217 10.48 -5.94 -30.91
CA ASN E 217 11.80 -5.68 -30.34
C ASN E 217 12.40 -4.45 -31.02
N GLU E 218 12.58 -3.36 -30.28
CA GLU E 218 13.26 -2.16 -30.75
C GLU E 218 14.72 -2.27 -30.35
N SER E 219 15.68 -1.92 -31.23
CA SER E 219 17.11 -2.11 -30.95
C SER E 219 17.90 -0.85 -31.22
N GLU E 220 18.61 -0.31 -30.22
CA GLU E 220 19.37 0.91 -30.33
C GLU E 220 20.83 0.71 -29.97
N THR E 221 21.75 1.08 -30.87
CA THR E 221 23.19 0.89 -30.65
C THR E 221 23.77 2.11 -29.97
N LEU E 222 23.89 2.05 -28.63
CA LEU E 222 24.25 3.16 -27.75
C LEU E 222 25.69 3.64 -27.86
N VAL E 223 26.64 2.71 -28.06
CA VAL E 223 28.03 3.05 -28.21
C VAL E 223 28.65 2.16 -29.26
N ARG E 224 29.61 2.70 -30.04
CA ARG E 224 30.56 1.93 -30.81
C ARG E 224 31.93 2.32 -30.29
N PHE E 225 32.67 1.40 -29.65
CA PHE E 225 33.90 1.72 -28.96
C PHE E 225 35.01 0.90 -29.56
N GLU E 226 35.91 1.54 -30.34
CA GLU E 226 37.06 0.89 -30.92
C GLU E 226 38.04 0.37 -29.89
N ILE E 227 38.49 -0.89 -30.03
CA ILE E 227 39.44 -1.49 -29.11
C ILE E 227 40.67 -2.03 -29.81
N MET E 228 40.65 -2.14 -31.15
CA MET E 228 41.84 -2.52 -31.88
C MET E 228 41.84 -1.86 -33.23
N ASP E 229 42.99 -1.29 -33.62
CA ASP E 229 43.28 -0.76 -34.94
C ASP E 229 44.36 -1.69 -35.50
N GLY E 230 44.18 -2.22 -36.73
CA GLY E 230 45.12 -3.11 -37.38
C GLY E 230 45.00 -4.59 -37.11
N SER E 231 45.78 -5.37 -37.89
CA SER E 231 45.74 -6.83 -37.94
C SER E 231 46.52 -7.49 -36.80
N PRO E 232 45.92 -8.30 -35.93
CA PRO E 232 46.66 -9.04 -34.92
C PRO E 232 47.19 -10.35 -35.49
N SER E 233 48.10 -11.02 -34.75
CA SER E 233 48.49 -12.38 -35.04
C SER E 233 48.07 -13.26 -33.88
N ARG E 234 48.25 -14.59 -34.00
CA ARG E 234 47.95 -15.48 -32.88
C ARG E 234 48.84 -15.24 -31.67
N GLY E 235 48.26 -15.33 -30.46
CA GLY E 235 48.95 -15.04 -29.21
C GLY E 235 48.88 -13.61 -28.76
N GLU E 236 48.23 -12.74 -29.55
CA GLU E 236 48.05 -11.35 -29.22
C GLU E 236 46.89 -11.13 -28.24
N THR E 237 47.05 -10.19 -27.28
CA THR E 237 46.01 -9.87 -26.29
C THR E 237 45.68 -8.40 -26.37
N ILE E 238 44.40 -8.08 -26.66
CA ILE E 238 43.95 -6.70 -26.74
C ILE E 238 43.18 -6.33 -25.48
N PRO E 239 43.53 -5.29 -24.73
CA PRO E 239 42.81 -4.90 -23.53
C PRO E 239 41.53 -4.11 -23.83
N ILE E 240 40.50 -4.29 -22.98
CA ILE E 240 39.27 -3.51 -23.05
C ILE E 240 39.11 -2.77 -21.74
N ARG E 241 38.91 -1.43 -21.80
CA ARG E 241 38.43 -0.67 -20.67
C ARG E 241 37.36 0.31 -21.14
N LEU E 242 36.08 -0.01 -20.94
CA LEU E 242 34.96 0.79 -21.44
C LEU E 242 34.12 1.28 -20.26
N PHE E 243 34.13 2.61 -20.05
CA PHE E 243 33.43 3.24 -18.94
C PHE E 243 31.96 3.47 -19.28
N LEU E 244 31.03 2.86 -18.52
CA LEU E 244 29.61 2.93 -18.81
C LEU E 244 28.99 4.29 -18.51
N GLY E 245 29.65 5.06 -17.62
CA GLY E 245 29.18 6.38 -17.19
C GLY E 245 29.17 7.43 -18.28
N GLY E 246 29.84 7.17 -19.43
CA GLY E 246 29.81 8.11 -20.54
C GLY E 246 28.58 8.06 -21.41
N PHE E 247 27.67 7.07 -21.23
CA PHE E 247 26.59 6.85 -22.19
C PHE E 247 25.19 6.94 -21.59
N ASP E 248 25.06 7.16 -20.26
CA ASP E 248 23.79 7.38 -19.54
C ASP E 248 22.67 6.33 -19.82
N LEU E 249 22.89 5.09 -19.36
CA LEU E 249 22.04 3.94 -19.65
C LEU E 249 20.99 3.76 -18.57
N THR E 250 19.90 3.02 -18.88
CA THR E 250 18.87 2.63 -17.91
C THR E 250 19.27 1.29 -17.32
N PRO E 251 18.80 0.86 -16.14
CA PRO E 251 18.97 -0.51 -15.70
C PRO E 251 18.36 -1.56 -16.60
N THR E 252 18.79 -2.82 -16.46
CA THR E 252 18.14 -3.95 -17.11
C THR E 252 16.82 -4.23 -16.42
N PHE E 253 15.74 -4.16 -17.19
CA PHE E 253 14.40 -4.37 -16.69
C PHE E 253 13.87 -5.61 -17.34
N ARG E 254 13.42 -6.59 -16.55
CA ARG E 254 13.09 -7.89 -17.06
C ARG E 254 11.65 -8.18 -16.73
N ASP E 255 10.83 -8.32 -17.79
CA ASP E 255 9.45 -8.74 -17.77
C ASP E 255 8.56 -7.93 -16.84
N VAL E 256 8.71 -6.59 -16.90
CA VAL E 256 8.04 -5.63 -16.06
C VAL E 256 6.54 -5.72 -16.20
N ASN E 257 5.87 -6.20 -15.14
CA ASN E 257 4.43 -6.38 -15.06
C ASN E 257 3.90 -7.36 -16.13
N LYS E 258 4.80 -8.23 -16.64
CA LYS E 258 4.60 -9.09 -17.80
C LYS E 258 4.21 -8.32 -19.07
N LYS E 259 4.87 -7.17 -19.35
CA LYS E 259 4.50 -6.32 -20.47
C LYS E 259 5.68 -5.85 -21.29
N PHE E 260 6.87 -5.70 -20.68
CA PHE E 260 8.03 -5.29 -21.43
C PHE E 260 9.35 -5.69 -20.77
N SER E 261 10.41 -5.83 -21.56
CA SER E 261 11.77 -6.05 -21.07
C SER E 261 12.66 -5.00 -21.71
N THR E 262 13.66 -4.48 -20.97
CA THR E 262 14.68 -3.58 -21.49
C THR E 262 16.01 -4.22 -21.17
N ARG E 263 16.76 -4.69 -22.17
CA ARG E 263 17.93 -5.53 -21.98
C ARG E 263 19.14 -4.99 -22.69
N TYR E 264 20.34 -5.27 -22.14
CA TYR E 264 21.59 -4.72 -22.60
C TYR E 264 22.56 -5.79 -23.04
N TYR E 265 23.22 -5.57 -24.19
CA TYR E 265 24.08 -6.56 -24.78
C TYR E 265 25.41 -5.96 -25.14
N LEU E 266 26.51 -6.64 -24.80
CA LEU E 266 27.80 -6.36 -25.37
C LEU E 266 27.93 -7.12 -26.67
N SER E 267 28.12 -6.38 -27.77
CA SER E 267 28.29 -6.94 -29.10
C SER E 267 29.69 -6.63 -29.56
N LEU E 268 30.55 -7.66 -29.63
CA LEU E 268 31.92 -7.53 -30.07
C LEU E 268 31.96 -7.68 -31.56
N VAL E 269 32.59 -6.75 -32.30
CA VAL E 269 32.56 -6.77 -33.76
C VAL E 269 33.96 -6.62 -34.31
N LEU E 270 34.37 -7.54 -35.21
CA LEU E 270 35.62 -7.49 -35.94
C LEU E 270 35.31 -7.29 -37.41
N ILE E 271 36.07 -6.42 -38.11
CA ILE E 271 35.81 -6.06 -39.50
C ILE E 271 37.01 -6.42 -40.35
N ASP E 272 36.84 -7.16 -41.48
CA ASP E 272 37.92 -7.45 -42.40
C ASP E 272 38.19 -6.31 -43.38
N GLU E 273 39.25 -6.44 -44.20
CA GLU E 273 39.65 -5.49 -45.22
C GLU E 273 38.60 -5.23 -46.30
N ASP E 274 37.80 -6.25 -46.66
CA ASP E 274 36.76 -6.14 -47.66
C ASP E 274 35.43 -5.71 -47.02
N ALA E 275 35.45 -5.39 -45.70
CA ALA E 275 34.37 -4.83 -44.93
C ALA E 275 33.36 -5.86 -44.45
N ARG E 276 33.77 -7.15 -44.37
CA ARG E 276 32.96 -8.19 -43.79
C ARG E 276 33.05 -8.17 -42.28
N ARG E 277 31.94 -8.49 -41.59
CA ARG E 277 31.77 -8.10 -40.21
C ARG E 277 31.41 -9.32 -39.40
N TYR E 278 32.28 -9.66 -38.44
CA TYR E 278 32.17 -10.88 -37.65
C TYR E 278 31.87 -10.45 -36.24
N PHE E 279 30.89 -11.08 -35.56
CA PHE E 279 30.40 -10.53 -34.32
C PHE E 279 30.02 -11.59 -33.31
N LYS E 280 30.02 -11.22 -32.02
CA LYS E 280 29.41 -12.04 -31.00
C LYS E 280 28.70 -11.19 -29.95
N GLN E 281 27.40 -11.45 -29.76
CA GLN E 281 26.57 -10.76 -28.80
C GLN E 281 26.49 -11.54 -27.49
N SER E 282 26.55 -10.81 -26.36
CA SER E 282 26.51 -11.35 -25.02
C SER E 282 25.66 -10.46 -24.14
N GLU E 283 24.62 -10.95 -23.44
CA GLU E 283 23.85 -10.10 -22.54
C GLU E 283 24.65 -9.68 -21.32
N ILE E 284 24.49 -8.42 -20.87
CA ILE E 284 24.96 -7.97 -19.58
C ILE E 284 23.82 -7.33 -18.82
N ILE E 285 23.73 -7.59 -17.50
CA ILE E 285 22.69 -7.02 -16.67
C ILE E 285 23.20 -5.70 -16.12
N LEU E 286 22.47 -4.60 -16.40
CA LEU E 286 22.77 -3.32 -15.78
C LEU E 286 21.90 -3.11 -14.56
N TYR E 287 22.45 -2.48 -13.51
CA TYR E 287 21.67 -2.24 -12.31
C TYR E 287 22.01 -0.89 -11.71
N ARG E 288 21.00 -0.24 -11.10
CA ARG E 288 21.23 1.02 -10.41
C ARG E 288 21.80 0.72 -9.04
N GLN E 289 23.09 1.04 -8.83
CA GLN E 289 23.73 0.94 -7.53
C GLN E 289 23.09 1.88 -6.50
N PRO E 290 22.98 1.54 -5.22
CA PRO E 290 22.55 2.47 -4.21
C PRO E 290 23.81 3.13 -3.70
N PRO E 291 23.95 4.45 -3.69
CA PRO E 291 24.93 5.09 -2.84
C PRO E 291 24.68 4.80 -1.37
N GLU E 292 25.73 4.91 -0.53
CA GLU E 292 25.66 4.64 0.89
C GLU E 292 24.61 5.53 1.63
N PRO F 1 -57.18 16.78 49.41
CA PRO F 1 -57.33 16.16 48.06
C PRO F 1 -55.95 16.21 47.42
N PRO F 2 -55.11 15.18 47.50
CA PRO F 2 -53.80 15.20 46.83
C PRO F 2 -53.94 15.05 45.34
N GLU F 3 -54.90 14.22 44.92
CA GLU F 3 -55.17 13.93 43.53
C GLU F 3 -55.83 15.07 42.77
N ASN F 4 -55.57 15.21 41.45
CA ASN F 4 -56.25 16.16 40.62
C ASN F 4 -57.42 15.44 39.97
N PHE F 5 -58.62 16.06 39.98
CA PHE F 5 -59.80 15.40 39.46
C PHE F 5 -60.65 16.39 38.66
N LEU F 6 -61.49 15.86 37.76
CA LEU F 6 -62.53 16.63 37.13
C LEU F 6 -63.68 15.67 36.86
N GLU F 7 -64.90 16.09 37.24
CA GLU F 7 -66.12 15.37 36.98
C GLU F 7 -67.00 16.31 36.18
N ILE F 8 -67.67 15.82 35.12
CA ILE F 8 -68.54 16.67 34.35
C ILE F 8 -69.74 15.88 33.87
N GLU F 9 -70.88 16.55 33.64
CA GLU F 9 -72.05 15.93 33.08
C GLU F 9 -72.87 16.94 32.30
N VAL F 10 -73.63 16.47 31.27
CA VAL F 10 -74.55 17.30 30.53
C VAL F 10 -75.93 16.73 30.76
N ARG F 11 -76.81 17.49 31.43
CA ARG F 11 -78.10 16.99 31.85
C ARG F 11 -79.12 18.10 31.94
N ASN F 12 -80.33 17.78 32.46
CA ASN F 12 -81.42 18.73 32.65
C ASN F 12 -81.79 19.56 31.41
N PRO F 13 -82.21 18.99 30.28
CA PRO F 13 -82.59 19.75 29.11
C PRO F 13 -83.83 20.60 29.36
N GLN F 14 -83.89 21.80 28.79
CA GLN F 14 -85.04 22.67 28.96
C GLN F 14 -85.31 23.37 27.64
N THR F 15 -86.60 23.52 27.27
CA THR F 15 -87.00 24.15 26.02
C THR F 15 -87.75 25.42 26.34
N HIS F 16 -87.33 26.54 25.74
CA HIS F 16 -87.78 27.87 26.13
C HIS F 16 -88.50 28.59 25.01
N GLY F 17 -89.48 29.49 25.32
CA GLY F 17 -89.99 30.36 24.27
C GLY F 17 -91.35 30.95 24.45
N VAL F 18 -91.75 31.79 23.48
CA VAL F 18 -93.12 32.27 23.32
C VAL F 18 -93.63 31.96 21.92
N GLY F 19 -92.72 31.66 20.97
CA GLY F 19 -93.09 31.34 19.60
C GLY F 19 -91.85 31.28 18.75
N ARG F 20 -91.58 32.37 17.99
CA ARG F 20 -90.34 32.66 17.29
C ARG F 20 -89.12 32.64 18.20
N HIS F 21 -88.00 32.04 17.72
CA HIS F 21 -86.75 31.83 18.46
C HIS F 21 -86.83 30.75 19.52
N MET F 22 -87.70 29.75 19.38
CA MET F 22 -87.77 28.59 20.25
C MET F 22 -86.48 27.77 20.26
N TYR F 23 -85.99 27.37 21.44
CA TYR F 23 -84.74 26.65 21.54
C TYR F 23 -84.68 25.81 22.78
N THR F 24 -83.71 24.87 22.81
CA THR F 24 -83.46 24.07 24.00
C THR F 24 -82.02 24.27 24.43
N ASP F 25 -81.78 24.27 25.76
CA ASP F 25 -80.45 24.30 26.31
C ASP F 25 -80.29 23.19 27.35
N TYR F 26 -79.02 22.90 27.68
CA TYR F 26 -78.65 21.77 28.50
C TYR F 26 -77.81 22.34 29.62
N GLU F 27 -77.89 21.77 30.85
CA GLU F 27 -77.06 22.19 31.96
C GLU F 27 -75.77 21.40 31.93
N ILE F 28 -74.64 22.11 32.10
CA ILE F 28 -73.34 21.50 32.22
C ILE F 28 -72.97 21.70 33.67
N VAL F 29 -72.83 20.59 34.42
CA VAL F 29 -72.42 20.63 35.81
C VAL F 29 -71.04 20.05 35.87
N CYS F 30 -70.09 20.77 36.51
CA CYS F 30 -68.70 20.33 36.58
C CYS F 30 -68.19 20.53 37.98
N ARG F 31 -67.38 19.56 38.47
CA ARG F 31 -66.67 19.69 39.71
C ARG F 31 -65.22 19.41 39.47
N THR F 32 -64.32 20.25 40.02
CA THR F 32 -62.90 20.08 39.72
C THR F 32 -62.03 20.69 40.81
N ASN F 33 -60.73 20.33 40.82
CA ASN F 33 -59.73 21.03 41.60
C ASN F 33 -58.51 21.39 40.74
N ILE F 34 -58.64 21.26 39.40
CA ILE F 34 -57.57 21.52 38.44
C ILE F 34 -57.06 22.96 38.48
N PRO F 35 -55.75 23.24 38.41
CA PRO F 35 -55.19 24.58 38.60
C PRO F 35 -55.55 25.60 37.54
N ALA F 36 -56.17 25.20 36.43
CA ALA F 36 -56.58 26.12 35.39
C ALA F 36 -58.03 26.58 35.53
N PHE F 37 -58.77 26.02 36.51
CA PHE F 37 -60.14 26.42 36.78
C PHE F 37 -60.14 27.34 37.99
N LYS F 38 -61.16 28.22 38.13
CA LYS F 38 -61.11 29.23 39.18
C LYS F 38 -62.06 28.96 40.34
N LEU F 39 -62.92 27.95 40.23
CA LEU F 39 -63.86 27.59 41.26
C LEU F 39 -64.08 26.09 41.22
N ARG F 40 -64.46 25.51 42.38
CA ARG F 40 -64.68 24.09 42.54
C ARG F 40 -65.87 23.53 41.78
N GLN F 41 -67.01 24.23 41.81
CA GLN F 41 -68.22 23.78 41.16
C GLN F 41 -68.72 24.81 40.18
N SER F 42 -68.97 24.38 38.94
CA SER F 42 -69.51 25.24 37.91
C SER F 42 -70.82 24.66 37.45
N SER F 43 -71.84 25.51 37.23
CA SER F 43 -73.11 25.08 36.65
C SER F 43 -73.51 26.11 35.64
N VAL F 44 -73.61 25.72 34.35
CA VAL F 44 -73.90 26.67 33.29
C VAL F 44 -74.87 26.06 32.32
N ARG F 45 -75.52 26.90 31.47
CA ARG F 45 -76.42 26.42 30.44
C ARG F 45 -75.82 26.68 29.08
N ARG F 46 -75.98 25.70 28.16
CA ARG F 46 -75.49 25.79 26.80
C ARG F 46 -76.45 25.08 25.87
N ARG F 47 -76.75 25.67 24.70
CA ARG F 47 -77.53 25.07 23.64
C ARG F 47 -76.60 24.41 22.64
N TYR F 48 -77.15 23.63 21.68
CA TYR F 48 -76.35 22.89 20.71
C TYR F 48 -75.42 23.77 19.88
N SER F 49 -75.86 24.94 19.42
CA SER F 49 -75.01 25.82 18.65
C SER F 49 -73.90 26.49 19.46
N ASP F 50 -74.03 26.57 20.80
CA ASP F 50 -72.93 26.90 21.68
C ASP F 50 -71.84 25.83 21.66
N PHE F 51 -72.22 24.53 21.70
CA PHE F 51 -71.30 23.42 21.53
C PHE F 51 -70.61 23.44 20.16
N GLU F 52 -71.35 23.74 19.07
CA GLU F 52 -70.75 23.88 17.74
C GLU F 52 -69.71 24.98 17.67
N TYR F 53 -70.04 26.18 18.19
CA TYR F 53 -69.12 27.30 18.25
C TYR F 53 -67.90 27.01 19.11
N PHE F 54 -68.09 26.40 20.28
CA PHE F 54 -67.03 25.95 21.17
C PHE F 54 -66.05 25.01 20.49
N ARG F 55 -66.54 24.08 19.67
CA ARG F 55 -65.70 23.16 18.94
C ARG F 55 -64.76 23.82 17.95
N ASP F 56 -65.25 24.78 17.14
CA ASP F 56 -64.44 25.57 16.23
C ASP F 56 -63.37 26.34 16.98
N ILE F 57 -63.74 27.01 18.09
CA ILE F 57 -62.82 27.73 18.93
C ILE F 57 -61.76 26.80 19.54
N LEU F 58 -62.16 25.63 20.06
CA LEU F 58 -61.28 24.63 20.62
C LEU F 58 -60.30 24.04 19.61
N GLU F 59 -60.77 23.70 18.40
CA GLU F 59 -59.93 23.21 17.33
C GLU F 59 -58.91 24.26 16.87
N ARG F 60 -59.33 25.53 16.72
CA ARG F 60 -58.42 26.63 16.45
C ARG F 60 -57.43 26.95 17.58
N GLU F 61 -57.86 26.97 18.86
CA GLU F 61 -56.96 27.14 19.99
C GLU F 61 -55.91 26.04 20.09
N SER F 62 -56.33 24.77 19.88
CA SER F 62 -55.45 23.62 19.88
C SER F 62 -54.32 23.74 18.90
N ALA F 63 -54.65 24.16 17.65
CA ALA F 63 -53.68 24.27 16.58
C ALA F 63 -52.92 22.96 16.37
N ARG F 64 -53.57 21.76 16.52
CA ARG F 64 -52.90 20.54 16.99
C ARG F 64 -53.73 19.24 17.07
N VAL F 65 -54.44 18.99 18.20
CA VAL F 65 -54.91 17.64 18.50
C VAL F 65 -56.26 17.23 17.93
N THR F 66 -56.61 15.93 18.05
CA THR F 66 -57.89 15.40 17.54
C THR F 66 -59.04 15.67 18.49
N ILE F 67 -60.05 16.44 18.02
CA ILE F 67 -61.26 16.70 18.78
C ILE F 67 -62.37 15.88 18.15
N PRO F 68 -63.05 14.93 18.81
CA PRO F 68 -64.19 14.22 18.24
C PRO F 68 -65.28 15.12 17.65
N PRO F 69 -66.03 14.74 16.62
CA PRO F 69 -67.13 15.55 16.18
C PRO F 69 -68.32 15.42 17.12
N LEU F 70 -69.20 16.43 17.11
CA LEU F 70 -70.43 16.45 17.86
C LEU F 70 -71.50 15.53 17.28
N PRO F 71 -72.55 15.12 18.02
CA PRO F 71 -73.53 14.13 17.58
C PRO F 71 -74.27 14.46 16.29
N GLY F 72 -74.41 15.76 15.94
CA GLY F 72 -74.95 16.16 14.65
C GLY F 72 -76.13 17.08 14.72
N LYS F 73 -76.30 17.84 13.62
CA LYS F 73 -77.48 18.64 13.33
C LYS F 73 -78.71 17.78 13.08
N VAL F 74 -79.90 18.31 13.40
CA VAL F 74 -81.13 17.56 13.29
C VAL F 74 -82.12 18.43 12.56
N PHE F 75 -82.69 17.91 11.47
CA PHE F 75 -83.66 18.65 10.68
C PHE F 75 -85.07 18.12 10.88
N THR F 76 -85.24 16.92 11.48
CA THR F 76 -86.54 16.26 11.51
C THR F 76 -87.43 16.68 12.66
N ASN F 77 -87.01 16.51 13.95
CA ASN F 77 -87.88 16.84 15.08
C ASN F 77 -87.03 17.27 16.26
N ARG F 78 -86.39 18.45 16.22
CA ARG F 78 -85.47 18.89 17.27
C ARG F 78 -86.07 19.06 18.65
N PHE F 79 -87.40 19.17 18.77
CA PHE F 79 -88.05 19.40 20.05
C PHE F 79 -88.80 18.17 20.56
N SER F 80 -88.62 17.01 19.91
CA SER F 80 -89.13 15.73 20.39
C SER F 80 -88.32 15.18 21.56
N ASP F 81 -89.01 14.56 22.55
CA ASP F 81 -88.41 14.02 23.76
C ASP F 81 -87.26 13.05 23.53
N GLU F 82 -87.45 12.07 22.62
CA GLU F 82 -86.41 11.12 22.24
C GLU F 82 -85.21 11.80 21.59
N VAL F 83 -85.45 12.79 20.70
CA VAL F 83 -84.41 13.55 20.03
C VAL F 83 -83.58 14.37 21.00
N ILE F 84 -84.22 15.04 21.98
CA ILE F 84 -83.55 15.77 23.04
C ILE F 84 -82.67 14.86 23.88
N GLU F 85 -83.18 13.68 24.28
CA GLU F 85 -82.39 12.69 25.01
C GLU F 85 -81.22 12.10 24.24
N ASN F 86 -81.43 11.76 22.95
CA ASN F 86 -80.38 11.27 22.05
C ASN F 86 -79.22 12.25 21.97
N ARG F 87 -79.55 13.54 21.77
CA ARG F 87 -78.59 14.61 21.77
C ARG F 87 -77.93 14.83 23.10
N ARG F 88 -78.69 14.82 24.22
CA ARG F 88 -78.15 15.01 25.56
C ARG F 88 -77.12 13.97 25.92
N ALA F 89 -77.40 12.69 25.65
CA ALA F 89 -76.48 11.59 25.84
C ALA F 89 -75.21 11.72 25.00
N GLY F 90 -75.35 12.16 23.73
CA GLY F 90 -74.21 12.42 22.86
C GLY F 90 -73.37 13.61 23.27
N LEU F 91 -73.99 14.70 23.74
CA LEU F 91 -73.30 15.83 24.31
C LEU F 91 -72.60 15.48 25.62
N GLU F 92 -73.27 14.67 26.48
CA GLU F 92 -72.70 14.18 27.72
C GLU F 92 -71.44 13.36 27.51
N LYS F 93 -71.46 12.41 26.56
CA LYS F 93 -70.29 11.64 26.18
C LYS F 93 -69.19 12.48 25.55
N PHE F 94 -69.53 13.39 24.60
CA PHE F 94 -68.58 14.27 23.96
C PHE F 94 -67.85 15.15 24.95
N LEU F 95 -68.60 15.79 25.87
CA LEU F 95 -68.05 16.69 26.85
C LEU F 95 -67.13 15.98 27.82
N LYS F 96 -67.48 14.78 28.31
CA LYS F 96 -66.62 13.99 29.16
C LYS F 96 -65.27 13.61 28.51
N ILE F 97 -65.25 13.27 27.21
CA ILE F 97 -64.00 13.04 26.49
C ILE F 97 -63.14 14.30 26.37
N VAL F 98 -63.74 15.45 25.96
CA VAL F 98 -63.02 16.70 25.77
C VAL F 98 -62.39 17.22 27.05
N VAL F 99 -63.16 17.22 28.15
CA VAL F 99 -62.68 17.74 29.41
C VAL F 99 -61.78 16.75 30.13
N GLY F 100 -61.82 15.47 29.72
CA GLY F 100 -61.00 14.42 30.30
C GLY F 100 -59.63 14.31 29.72
N HIS F 101 -59.36 14.98 28.58
CA HIS F 101 -58.09 14.92 27.90
C HIS F 101 -57.00 15.69 28.63
N PRO F 102 -55.92 15.08 29.13
CA PRO F 102 -54.94 15.74 30.02
C PRO F 102 -54.37 17.06 29.52
N LEU F 103 -54.02 17.14 28.23
CA LEU F 103 -53.50 18.36 27.65
C LEU F 103 -54.52 19.49 27.53
N LEU F 104 -55.80 19.17 27.31
CA LEU F 104 -56.85 20.17 27.29
C LEU F 104 -57.08 20.72 28.70
N GLN F 105 -57.04 19.85 29.73
CA GLN F 105 -57.17 20.23 31.12
C GLN F 105 -56.13 21.23 31.60
N THR F 106 -54.87 21.07 31.20
CA THR F 106 -53.79 21.94 31.64
C THR F 106 -53.52 23.11 30.71
N GLY F 107 -53.89 23.00 29.42
CA GLY F 107 -53.53 24.01 28.42
C GLY F 107 -54.66 24.79 27.80
N SER F 108 -55.91 24.30 27.84
CA SER F 108 -57.01 24.93 27.11
C SER F 108 -57.71 26.00 27.94
N LYS F 109 -57.63 27.26 27.48
CA LYS F 109 -58.28 28.39 28.10
C LYS F 109 -59.74 28.45 27.69
N VAL F 110 -60.00 28.08 26.42
CA VAL F 110 -61.32 28.00 25.82
C VAL F 110 -62.21 27.01 26.54
N LEU F 111 -61.65 25.84 26.90
CA LEU F 111 -62.33 24.84 27.70
C LEU F 111 -62.80 25.34 29.05
N ALA F 112 -61.93 26.05 29.77
CA ALA F 112 -62.25 26.61 31.06
C ALA F 112 -63.38 27.63 31.00
N ALA F 113 -63.36 28.51 29.99
CA ALA F 113 -64.42 29.46 29.71
C ALA F 113 -65.75 28.84 29.30
N PHE F 114 -65.75 27.73 28.55
CA PHE F 114 -66.98 27.03 28.21
C PHE F 114 -67.66 26.42 29.43
N VAL F 115 -66.89 25.84 30.36
CA VAL F 115 -67.37 25.26 31.61
C VAL F 115 -67.84 26.27 32.65
N GLN F 116 -67.11 27.39 32.81
CA GLN F 116 -67.36 28.37 33.85
C GLN F 116 -68.30 29.54 33.40
N GLN G 1 -49.71 8.07 16.89
CA GLN G 1 -50.65 7.40 17.85
C GLN G 1 -50.31 7.68 19.33
N PRO G 2 -49.06 7.36 19.80
CA PRO G 2 -48.66 7.67 21.19
C PRO G 2 -47.76 8.91 21.25
N GLU G 3 -48.18 9.93 22.01
CA GLU G 3 -47.52 11.24 21.99
C GLU G 3 -46.08 11.15 22.46
N LEU G 4 -45.19 11.90 21.82
CA LEU G 4 -43.76 11.84 22.09
C LEU G 4 -43.24 13.27 22.29
N TYR G 5 -42.88 13.62 23.53
CA TYR G 5 -42.42 14.97 23.87
C TYR G 5 -40.97 15.05 24.29
N LEU G 6 -40.18 15.80 23.52
CA LEU G 6 -38.75 15.98 23.78
C LEU G 6 -38.56 16.78 25.07
N LEU G 7 -37.64 16.32 25.92
CA LEU G 7 -37.32 17.00 27.16
C LEU G 7 -36.26 18.07 26.90
N ASN G 8 -36.56 19.31 27.27
CA ASN G 8 -35.71 20.47 26.99
C ASN G 8 -34.71 20.72 28.10
N THR G 9 -33.53 21.23 27.75
CA THR G 9 -32.51 21.60 28.73
C THR G 9 -32.94 22.87 29.47
N MET G 10 -32.49 23.02 30.72
CA MET G 10 -32.85 24.14 31.60
C MET G 10 -31.65 25.06 31.83
N GLN H 1 23.53 -5.18 -47.07
CA GLN H 1 24.67 -4.52 -47.78
C GLN H 1 26.06 -4.99 -47.26
N PRO H 2 26.36 -4.84 -45.93
CA PRO H 2 27.63 -5.33 -45.37
C PRO H 2 27.43 -6.65 -44.62
N GLU H 3 28.16 -7.69 -45.02
CA GLU H 3 27.91 -9.05 -44.51
C GLU H 3 28.16 -9.14 -43.02
N LEU H 4 27.32 -9.91 -42.32
CA LEU H 4 27.37 -10.01 -40.87
C LEU H 4 27.35 -11.49 -40.47
N TYR H 5 28.48 -12.00 -39.98
CA TYR H 5 28.62 -13.43 -39.63
C TYR H 5 28.80 -13.68 -38.14
N LEU H 6 27.86 -14.41 -37.56
CA LEU H 6 27.88 -14.74 -36.15
C LEU H 6 29.05 -15.69 -35.85
N LEU H 7 29.77 -15.42 -34.77
CA LEU H 7 30.89 -16.25 -34.35
C LEU H 7 30.36 -17.38 -33.46
N ASN H 8 30.66 -18.62 -33.84
CA ASN H 8 30.15 -19.83 -33.16
C ASN H 8 31.06 -20.27 -32.04
N THR H 9 30.48 -20.86 -30.99
CA THR H 9 31.26 -21.42 -29.88
C THR H 9 31.94 -22.72 -30.34
N MET H 10 33.08 -23.03 -29.72
CA MET H 10 33.91 -24.20 -30.07
C MET H 10 33.86 -25.26 -28.96
C1 PIB I . 23.83 -13.88 -78.83
C2 PIB I . 24.96 -14.71 -78.19
C3 PIB I . 26.28 -14.41 -78.95
C4 PIB I . 26.62 -12.86 -78.89
C5 PIB I . 25.46 -12.06 -79.57
C6 PIB I . 24.13 -12.35 -78.78
O1 PIB I . 22.63 -14.17 -78.11
O2 PIB I . 25.07 -14.37 -76.82
O3 PIB I . 27.28 -15.21 -78.32
O4 PIB I . 27.84 -12.60 -79.60
O5 PIB I . 25.74 -10.67 -79.52
O6 PIB I . 23.06 -11.64 -79.39
P1 PIB I . 21.43 -15.04 -78.66
O11 PIB I . 20.38 -15.17 -77.46
O12 PIB I . 21.92 -16.46 -79.12
O13 PIB I . 20.79 -14.26 -79.92
P3 PIB I . 28.52 -15.86 -79.10
O31 PIB I . 29.42 -14.69 -79.68
O32 PIB I . 27.96 -16.76 -80.28
O33 PIB I . 29.35 -16.67 -78.03
C7 PIB I . 20.06 -13.04 -79.76
C8 PIB I . 19.28 -12.86 -81.05
C1 PIB J . -79.06 23.96 13.65
C2 PIB J . -78.48 24.55 14.96
C3 PIB J . -79.47 24.27 16.11
C4 PIB J . -79.73 22.71 16.28
C5 PIB J . -80.34 22.16 14.94
C6 PIB J . -79.32 22.42 13.79
O1 PIB J . -78.11 24.22 12.62
O2 PIB J . -77.21 23.94 15.22
O3 PIB J . -78.88 24.86 17.28
O4 PIB J . -80.66 22.48 17.35
O5 PIB J . -80.57 20.76 15.07
O6 PIB J . -79.85 21.92 12.56
P1 PIB J . -78.30 25.27 11.46
O11 PIB J . -76.96 25.28 10.61
O12 PIB J . -78.60 26.71 12.05
O13 PIB J . -79.56 24.79 10.56
P3 PIB J . -79.73 25.52 18.47
O31 PIB J . -80.64 24.40 19.13
O32 PIB J . -80.64 26.66 17.86
O33 PIB J . -78.69 26.04 19.52
C7 PIB J . -79.49 23.64 9.73
C8 PIB J . -80.66 23.77 8.76
#